data_8JYY
#
_entry.id   8JYY
#
_cell.length_a   65.550
_cell.length_b   146.706
_cell.length_c   126.076
_cell.angle_alpha   90.000
_cell.angle_beta   104.570
_cell.angle_gamma   90.000
#
_symmetry.space_group_name_H-M   'P 1 21 1'
#
_entity_poly.entity_id   1
_entity_poly.type   'polypeptide(L)'
_entity_poly.pdbx_seq_one_letter_code
;SGRPMDNEEWFPLKQTHYPPPTIPSMKTGHPTGPISIGHIIPDLRHLDNVINCKGFEPFPPNMDVFTAHYEQCHFGDHLN
SEFVVQAGLHHTNITSDRWEYDSVVEYAVYPTRQYIDRLLESKEVRQYIQASAALLGGWCVYMVTGIMVARGGGRNVTSE
EKGAGVSGPEVGWDTKTKTKVNAHHTTDFVCAIRLVKIAKSGLRSSWTMKKVTREF
;
_entity_poly.pdbx_strand_id   A,B,C,D,E,F,G,H,I,J
#
# COMPACT_ATOMS: atom_id res chain seq x y z
N GLY A 2 -23.35 3.18 34.21
CA GLY A 2 -22.30 2.93 33.24
C GLY A 2 -22.58 1.74 32.34
N ARG A 3 -21.76 1.57 31.31
CA ARG A 3 -21.88 0.48 30.36
C ARG A 3 -20.49 0.01 29.95
N PRO A 4 -20.35 -1.26 29.55
CA PRO A 4 -19.02 -1.76 29.17
C PRO A 4 -18.45 -1.01 27.99
N MET A 5 -17.13 -0.82 28.00
CA MET A 5 -16.49 -0.07 26.93
C MET A 5 -16.56 -0.80 25.59
N ASP A 6 -16.66 -2.13 25.62
CA ASP A 6 -16.81 -2.90 24.39
C ASP A 6 -18.23 -3.44 24.28
N ASN A 7 -19.22 -2.58 24.49
CA ASN A 7 -20.61 -3.03 24.52
C ASN A 7 -21.08 -3.54 23.16
N GLU A 8 -20.51 -3.02 22.08
CA GLU A 8 -20.88 -3.46 20.74
C GLU A 8 -20.44 -4.89 20.45
N GLU A 9 -19.57 -5.47 21.27
CA GLU A 9 -19.03 -6.80 21.05
C GLU A 9 -19.77 -7.88 21.84
N TRP A 10 -20.90 -7.55 22.45
CA TRP A 10 -21.65 -8.48 23.27
C TRP A 10 -22.92 -8.91 22.53
N PHE A 11 -23.01 -10.21 22.24
CA PHE A 11 -24.17 -10.78 21.58
C PHE A 11 -25.16 -11.25 22.63
N PRO A 12 -26.39 -10.75 22.64
CA PRO A 12 -27.38 -11.24 23.62
C PRO A 12 -27.91 -12.60 23.23
N LEU A 13 -28.10 -13.45 24.24
CA LEU A 13 -28.72 -14.75 24.08
C LEU A 13 -30.20 -14.61 24.40
N LYS A 14 -31.05 -14.86 23.40
CA LYS A 14 -32.48 -14.62 23.55
C LYS A 14 -33.10 -15.47 24.65
N GLN A 15 -32.54 -16.64 24.91
CA GLN A 15 -33.13 -17.59 25.86
C GLN A 15 -32.52 -17.37 27.24
N THR A 16 -33.38 -17.06 28.22
CA THR A 16 -32.97 -16.90 29.60
C THR A 16 -32.90 -18.22 30.36
N HIS A 17 -32.84 -19.34 29.64
CA HIS A 17 -32.80 -20.65 30.27
C HIS A 17 -31.39 -21.19 30.44
N TYR A 18 -30.37 -20.41 30.08
CA TYR A 18 -28.99 -20.86 30.21
C TYR A 18 -28.45 -20.49 31.58
N PRO A 19 -28.33 -21.46 32.50
CA PRO A 19 -27.83 -21.14 33.83
C PRO A 19 -26.35 -20.78 33.78
N PRO A 20 -25.88 -19.92 34.67
CA PRO A 20 -24.47 -19.56 34.67
C PRO A 20 -23.63 -20.68 35.26
N PRO A 21 -22.33 -20.70 34.96
CA PRO A 21 -21.45 -21.62 35.66
C PRO A 21 -21.02 -21.04 37.00
N THR A 22 -20.66 -21.93 37.92
CA THR A 22 -20.11 -21.46 39.19
C THR A 22 -18.78 -20.77 38.94
N ILE A 23 -18.49 -19.76 39.75
CA ILE A 23 -17.24 -19.02 39.61
C ILE A 23 -16.02 -19.94 39.65
N PRO A 24 -15.91 -20.91 40.57
CA PRO A 24 -14.72 -21.77 40.54
C PRO A 24 -14.63 -22.64 39.30
N SER A 25 -15.75 -23.13 38.78
CA SER A 25 -15.70 -24.05 37.64
C SER A 25 -15.40 -23.35 36.33
N MET A 26 -15.43 -22.01 36.29
CA MET A 26 -15.18 -21.31 35.04
C MET A 26 -13.73 -21.42 34.59
N LYS A 27 -12.81 -21.64 35.54
CA LYS A 27 -11.39 -21.72 35.22
C LYS A 27 -10.82 -23.13 35.29
N THR A 28 -11.57 -24.10 35.85
CA THR A 28 -11.09 -25.46 35.94
C THR A 28 -11.13 -26.21 34.62
N GLY A 29 -11.73 -25.63 33.58
CA GLY A 29 -11.89 -26.30 32.31
C GLY A 29 -13.17 -27.11 32.18
N HIS A 30 -13.91 -27.29 33.28
CA HIS A 30 -15.17 -28.04 33.28
C HIS A 30 -16.25 -27.17 33.90
N PRO A 31 -16.76 -26.18 33.17
CA PRO A 31 -17.81 -25.32 33.72
C PRO A 31 -19.11 -26.08 33.92
N THR A 32 -19.81 -25.74 34.99
CA THR A 32 -21.05 -26.42 35.34
C THR A 32 -22.24 -25.92 34.54
N GLY A 33 -22.05 -24.98 33.61
CA GLY A 33 -23.12 -24.46 32.81
C GLY A 33 -22.93 -24.72 31.33
N PRO A 34 -24.00 -24.50 30.55
CA PRO A 34 -23.90 -24.79 29.10
C PRO A 34 -23.10 -23.77 28.32
N ILE A 35 -23.05 -22.53 28.79
CA ILE A 35 -22.29 -21.46 28.12
C ILE A 35 -21.33 -20.87 29.13
N SER A 36 -20.06 -20.77 28.76
CA SER A 36 -19.03 -20.28 29.66
C SER A 36 -17.83 -19.83 28.85
N ILE A 37 -16.93 -19.10 29.50
CA ILE A 37 -15.70 -18.65 28.87
C ILE A 37 -14.82 -19.86 28.58
N GLY A 38 -14.35 -19.96 27.34
CA GLY A 38 -13.55 -21.09 26.90
C GLY A 38 -14.28 -22.04 25.98
N HIS A 39 -15.60 -21.94 25.87
CA HIS A 39 -16.35 -22.76 24.93
C HIS A 39 -16.10 -22.31 23.51
N ILE A 40 -16.07 -23.26 22.59
CA ILE A 40 -15.85 -23.01 21.17
C ILE A 40 -17.14 -23.33 20.42
N ILE A 41 -17.58 -22.39 19.59
CA ILE A 41 -18.81 -22.54 18.81
C ILE A 41 -18.45 -22.55 17.34
N PRO A 42 -19.21 -23.25 16.48
CA PRO A 42 -18.85 -23.32 15.06
C PRO A 42 -19.00 -22.00 14.33
N ASP A 43 -20.11 -21.31 14.53
CA ASP A 43 -20.35 -20.04 13.86
C ASP A 43 -21.34 -19.21 14.67
N LEU A 44 -21.54 -17.96 14.23
CA LEU A 44 -22.44 -17.04 14.92
C LEU A 44 -23.90 -17.45 14.81
N ARG A 45 -24.24 -18.38 13.93
CA ARG A 45 -25.62 -18.86 13.84
C ARG A 45 -25.91 -19.95 14.85
N HIS A 46 -24.91 -20.75 15.20
CA HIS A 46 -25.10 -21.84 16.15
C HIS A 46 -24.42 -21.54 17.49
N LEU A 47 -24.86 -20.46 18.14
CA LEU A 47 -24.29 -20.08 19.43
C LEU A 47 -24.64 -21.06 20.54
N ASP A 48 -25.59 -21.96 20.32
CA ASP A 48 -25.97 -22.95 21.31
C ASP A 48 -25.16 -24.24 21.19
N ASN A 49 -24.49 -24.46 20.06
CA ASN A 49 -23.71 -25.68 19.84
C ASN A 49 -22.28 -25.44 20.35
N VAL A 50 -21.95 -26.08 21.46
CA VAL A 50 -20.59 -26.04 22.00
C VAL A 50 -19.84 -27.24 21.49
N ILE A 51 -18.68 -27.00 20.87
CA ILE A 51 -17.88 -28.10 20.33
C ILE A 51 -17.13 -28.82 21.44
N ASN A 52 -16.46 -28.05 22.32
CA ASN A 52 -15.77 -28.65 23.47
C ASN A 52 -16.70 -28.73 24.68
N CYS A 53 -17.83 -29.41 24.46
CA CYS A 53 -18.85 -29.52 25.49
C CYS A 53 -18.46 -30.48 26.61
N LYS A 54 -17.45 -31.33 26.39
CA LYS A 54 -17.02 -32.28 27.40
C LYS A 54 -15.95 -31.73 28.33
N GLY A 55 -15.37 -30.58 28.02
CA GLY A 55 -14.31 -29.99 28.82
C GLY A 55 -13.20 -29.46 27.94
N PHE A 56 -12.43 -28.52 28.48
CA PHE A 56 -11.37 -27.89 27.73
C PHE A 56 -10.20 -27.57 28.68
N GLU A 57 -9.21 -26.87 28.16
CA GLU A 57 -7.99 -26.61 28.91
C GLU A 57 -8.27 -25.63 30.04
N PRO A 58 -7.82 -25.91 31.27
CA PRO A 58 -7.97 -24.95 32.36
C PRO A 58 -7.19 -23.67 32.08
N PHE A 59 -7.65 -22.59 32.69
CA PHE A 59 -7.04 -21.29 32.42
C PHE A 59 -5.65 -21.21 33.04
N PRO A 60 -4.65 -20.74 32.31
CA PRO A 60 -3.31 -20.56 32.89
C PRO A 60 -3.29 -19.39 33.85
N PRO A 61 -2.22 -19.22 34.63
CA PRO A 61 -2.21 -18.12 35.62
C PRO A 61 -2.22 -16.74 35.00
N ASN A 62 -1.63 -16.57 33.81
CA ASN A 62 -1.66 -15.28 33.13
C ASN A 62 -3.01 -14.97 32.50
N MET A 63 -4.02 -15.83 32.72
CA MET A 63 -5.35 -15.67 32.14
C MET A 63 -6.37 -15.84 33.27
N ASP A 64 -6.62 -14.74 33.98
CA ASP A 64 -7.57 -14.75 35.09
C ASP A 64 -8.90 -14.16 34.64
N VAL A 65 -9.93 -14.42 35.42
CA VAL A 65 -11.27 -13.92 35.15
C VAL A 65 -11.46 -12.60 35.88
N PHE A 66 -11.92 -11.59 35.16
CA PHE A 66 -12.13 -10.25 35.70
C PHE A 66 -13.61 -9.90 35.68
N THR A 67 -14.07 -9.23 36.72
CA THR A 67 -15.49 -8.97 36.90
C THR A 67 -15.80 -7.49 36.75
N ALA A 68 -17.04 -7.22 36.32
CA ALA A 68 -17.61 -5.88 36.33
C ALA A 68 -19.09 -6.02 36.71
N HIS A 69 -19.61 -5.00 37.37
CA HIS A 69 -21.00 -4.99 37.79
C HIS A 69 -21.73 -3.81 37.16
N TYR A 70 -22.97 -4.05 36.71
CA TYR A 70 -23.78 -3.00 36.13
C TYR A 70 -25.20 -3.13 36.66
N GLU A 71 -25.76 -2.01 37.14
CA GLU A 71 -27.14 -2.03 37.62
C GLU A 71 -28.11 -2.35 36.50
N GLN A 72 -27.91 -1.74 35.33
CA GLN A 72 -28.66 -2.06 34.13
C GLN A 72 -27.69 -2.31 32.99
N CYS A 73 -28.14 -3.12 32.02
CA CYS A 73 -27.31 -3.46 30.88
C CYS A 73 -28.21 -3.74 29.69
N HIS A 74 -27.96 -3.05 28.58
CA HIS A 74 -28.68 -3.30 27.34
C HIS A 74 -27.69 -3.41 26.19
N PHE A 75 -28.07 -4.16 25.16
CA PHE A 75 -27.20 -4.46 24.03
C PHE A 75 -27.88 -3.96 22.76
N GLY A 76 -27.62 -2.70 22.41
CA GLY A 76 -28.16 -2.13 21.19
C GLY A 76 -29.07 -0.94 21.42
N ASP A 77 -28.62 0.24 21.01
CA ASP A 77 -29.43 1.45 20.97
C ASP A 77 -29.61 1.83 19.51
N HIS A 78 -30.85 1.73 19.02
CA HIS A 78 -31.13 1.99 17.62
C HIS A 78 -32.03 3.22 17.48
N LEU A 79 -31.85 3.94 16.37
CA LEU A 79 -32.61 5.15 16.09
C LEU A 79 -33.92 4.79 15.42
N ASN A 80 -35.01 5.33 15.96
CA ASN A 80 -36.33 5.08 15.38
C ASN A 80 -36.55 5.94 14.13
N SER A 81 -37.46 5.48 13.28
CA SER A 81 -37.81 6.22 12.08
C SER A 81 -38.80 7.34 12.36
N GLU A 82 -39.39 7.39 13.55
CA GLU A 82 -40.37 8.41 13.88
C GLU A 82 -39.66 9.68 14.34
N PHE A 83 -39.99 10.79 13.69
CA PHE A 83 -39.41 12.09 14.01
C PHE A 83 -40.53 13.13 14.13
N VAL A 84 -40.44 13.95 15.16
CA VAL A 84 -41.38 15.04 15.40
C VAL A 84 -40.63 16.35 15.31
N VAL A 85 -41.15 17.28 14.52
CA VAL A 85 -40.58 18.61 14.37
C VAL A 85 -41.39 19.59 15.20
N GLN A 86 -40.72 20.31 16.08
CA GLN A 86 -41.38 21.28 16.95
C GLN A 86 -40.35 22.27 17.47
N ALA A 87 -40.82 23.50 17.75
CA ALA A 87 -39.96 24.56 18.26
C ALA A 87 -38.67 24.66 17.47
N GLY A 88 -38.78 24.44 16.16
CA GLY A 88 -37.62 24.49 15.30
C GLY A 88 -36.61 23.39 15.53
N LEU A 89 -37.03 22.31 16.20
CA LEU A 89 -36.16 21.19 16.52
C LEU A 89 -36.71 19.90 15.93
N HIS A 90 -35.81 19.06 15.43
CA HIS A 90 -36.16 17.74 14.92
C HIS A 90 -35.88 16.73 16.03
N HIS A 91 -36.94 16.20 16.63
CA HIS A 91 -36.83 15.35 17.81
C HIS A 91 -36.70 13.89 17.37
N THR A 92 -35.59 13.26 17.74
CA THR A 92 -35.37 11.85 17.51
C THR A 92 -35.72 11.06 18.77
N ASN A 93 -35.78 9.74 18.63
CA ASN A 93 -36.09 8.84 19.73
C ASN A 93 -35.10 7.69 19.69
N ILE A 94 -34.15 7.69 20.61
CA ILE A 94 -33.15 6.63 20.73
C ILE A 94 -33.63 5.66 21.80
N THR A 95 -34.00 4.45 21.39
CA THR A 95 -34.60 3.47 22.27
C THR A 95 -33.67 2.28 22.47
N SER A 96 -33.94 1.53 23.53
CA SER A 96 -33.23 0.29 23.83
C SER A 96 -34.03 -0.90 23.32
N ASP A 97 -33.31 -1.95 22.95
CA ASP A 97 -33.95 -3.15 22.42
C ASP A 97 -34.58 -3.96 23.55
N ARG A 98 -35.14 -5.12 23.20
CA ARG A 98 -35.73 -6.01 24.20
C ARG A 98 -34.68 -6.61 25.12
N TRP A 99 -33.40 -6.55 24.73
CA TRP A 99 -32.32 -7.18 25.48
C TRP A 99 -31.77 -6.20 26.52
N GLU A 100 -32.57 -6.00 27.56
CA GLU A 100 -32.22 -5.12 28.67
C GLU A 100 -32.48 -5.85 29.98
N TYR A 101 -31.46 -5.91 30.83
CA TYR A 101 -31.52 -6.68 32.06
C TYR A 101 -30.96 -5.86 33.22
N ASP A 102 -31.33 -6.24 34.43
CA ASP A 102 -30.88 -5.58 35.64
C ASP A 102 -29.89 -6.46 36.40
N SER A 103 -28.99 -5.80 37.13
CA SER A 103 -27.97 -6.47 37.94
C SER A 103 -27.22 -7.52 37.13
N VAL A 104 -26.46 -7.02 36.16
CA VAL A 104 -25.70 -7.86 35.24
C VAL A 104 -24.24 -7.84 35.65
N VAL A 105 -23.65 -9.03 35.79
CA VAL A 105 -22.25 -9.19 36.14
C VAL A 105 -21.52 -9.70 34.90
N GLU A 106 -20.49 -8.97 34.47
CA GLU A 106 -19.65 -9.34 33.35
C GLU A 106 -18.42 -10.09 33.85
N TYR A 107 -18.20 -11.30 33.34
CA TYR A 107 -16.99 -12.06 33.55
C TYR A 107 -16.21 -12.07 32.24
N ALA A 108 -14.96 -11.62 32.28
CA ALA A 108 -14.17 -11.38 31.07
C ALA A 108 -12.79 -11.99 31.20
N VAL A 109 -12.19 -12.28 30.05
CA VAL A 109 -10.89 -12.93 29.95
C VAL A 109 -10.22 -12.44 28.66
N TYR A 110 -8.89 -12.35 28.69
CA TYR A 110 -8.11 -12.05 27.49
C TYR A 110 -7.29 -13.28 27.10
N PRO A 111 -7.57 -13.91 25.97
CA PRO A 111 -6.88 -15.17 25.65
C PRO A 111 -5.49 -14.95 25.08
N THR A 112 -4.60 -15.88 25.41
CA THR A 112 -3.25 -15.92 24.87
C THR A 112 -3.18 -16.92 23.73
N ARG A 113 -2.13 -16.77 22.90
CA ARG A 113 -1.94 -17.71 21.80
C ARG A 113 -1.62 -19.11 22.32
N GLN A 114 -0.90 -19.21 23.44
CA GLN A 114 -0.60 -20.52 24.01
C GLN A 114 -1.88 -21.25 24.40
N TYR A 115 -2.81 -20.54 25.05
CA TYR A 115 -4.04 -21.17 25.49
C TYR A 115 -4.90 -21.59 24.31
N ILE A 116 -5.04 -20.71 23.30
CA ILE A 116 -5.85 -21.05 22.14
C ILE A 116 -5.22 -22.23 21.38
N ASP A 117 -3.89 -22.27 21.30
CA ASP A 117 -3.23 -23.42 20.72
C ASP A 117 -3.53 -24.69 21.50
N ARG A 118 -3.59 -24.59 22.83
CA ARG A 118 -4.02 -25.74 23.63
C ARG A 118 -5.46 -26.13 23.29
N LEU A 119 -6.32 -25.15 23.01
CA LEU A 119 -7.71 -25.44 22.67
C LEU A 119 -7.82 -26.13 21.32
N LEU A 120 -7.05 -25.66 20.32
CA LEU A 120 -7.15 -26.21 18.97
C LEU A 120 -6.62 -27.63 18.87
N GLU A 121 -6.01 -28.16 19.92
CA GLU A 121 -5.53 -29.54 19.94
C GLU A 121 -6.44 -30.47 20.74
N SER A 122 -7.43 -29.93 21.46
CA SER A 122 -8.42 -30.77 22.12
C SER A 122 -9.12 -31.65 21.09
N LYS A 123 -9.59 -32.82 21.56
CA LYS A 123 -10.12 -33.83 20.65
C LYS A 123 -11.27 -33.29 19.79
N GLU A 124 -12.29 -32.71 20.45
CA GLU A 124 -13.47 -32.25 19.71
C GLU A 124 -13.13 -31.11 18.76
N VAL A 125 -12.39 -30.11 19.26
CA VAL A 125 -12.05 -28.97 18.44
C VAL A 125 -11.13 -29.38 17.30
N ARG A 126 -10.19 -30.30 17.56
CA ARG A 126 -9.31 -30.77 16.51
C ARG A 126 -10.09 -31.53 15.44
N GLN A 127 -11.05 -32.36 15.85
CA GLN A 127 -11.90 -33.05 14.89
C GLN A 127 -12.64 -32.07 14.00
N TYR A 128 -13.28 -31.07 14.63
CA TYR A 128 -14.03 -30.10 13.83
C TYR A 128 -13.11 -29.32 12.90
N ILE A 129 -11.91 -28.96 13.37
CA ILE A 129 -10.99 -28.18 12.55
C ILE A 129 -10.54 -29.00 11.34
N GLN A 130 -10.17 -30.27 11.56
CA GLN A 130 -9.72 -31.11 10.46
C GLN A 130 -10.85 -31.32 9.44
N ALA A 131 -12.05 -31.61 9.93
CA ALA A 131 -13.17 -31.83 9.02
C ALA A 131 -13.48 -30.59 8.20
N SER A 132 -13.47 -29.41 8.84
CA SER A 132 -13.74 -28.17 8.14
C SER A 132 -12.66 -27.86 7.12
N ALA A 133 -11.39 -28.09 7.49
CA ALA A 133 -10.30 -27.85 6.54
C ALA A 133 -10.37 -28.78 5.35
N ALA A 134 -10.84 -30.01 5.55
CA ALA A 134 -10.99 -30.92 4.41
C ALA A 134 -12.16 -30.52 3.53
N LEU A 135 -13.31 -30.20 4.14
CA LEU A 135 -14.50 -29.90 3.37
C LEU A 135 -14.49 -28.49 2.79
N LEU A 136 -13.86 -27.54 3.47
CA LEU A 136 -13.82 -26.15 3.04
C LEU A 136 -12.38 -25.74 2.76
N GLY A 137 -12.19 -24.45 2.46
CA GLY A 137 -10.84 -23.95 2.27
C GLY A 137 -10.00 -24.08 3.52
N GLY A 138 -10.53 -23.61 4.65
CA GLY A 138 -9.86 -23.72 5.93
C GLY A 138 -10.84 -23.99 7.04
N TRP A 139 -10.71 -23.27 8.16
CA TRP A 139 -11.63 -23.44 9.28
C TRP A 139 -11.79 -22.12 10.02
N CYS A 140 -12.90 -21.99 10.73
CA CYS A 140 -13.22 -20.78 11.47
C CYS A 140 -14.12 -21.14 12.65
N VAL A 141 -13.67 -20.81 13.85
CA VAL A 141 -14.43 -21.04 15.07
C VAL A 141 -14.41 -19.77 15.91
N TYR A 142 -15.27 -19.74 16.93
CA TYR A 142 -15.37 -18.60 17.83
C TYR A 142 -15.26 -19.08 19.27
N MET A 143 -14.33 -18.48 20.02
CA MET A 143 -14.12 -18.78 21.43
C MET A 143 -14.80 -17.74 22.30
N VAL A 144 -15.61 -18.21 23.25
CA VAL A 144 -16.27 -17.32 24.21
C VAL A 144 -15.20 -16.69 25.10
N THR A 145 -15.03 -15.38 25.00
CA THR A 145 -14.08 -14.66 25.85
C THR A 145 -14.77 -13.94 27.01
N GLY A 146 -16.09 -13.87 27.02
CA GLY A 146 -16.78 -13.25 28.13
C GLY A 146 -18.22 -13.69 28.22
N ILE A 147 -18.76 -13.64 29.44
CA ILE A 147 -20.18 -13.92 29.66
C ILE A 147 -20.77 -12.81 30.54
N MET A 148 -22.09 -12.69 30.48
CA MET A 148 -22.83 -11.76 31.33
C MET A 148 -23.97 -12.50 32.00
N VAL A 149 -24.02 -12.42 33.33
CA VAL A 149 -25.01 -13.13 34.14
C VAL A 149 -25.95 -12.10 34.74
N ALA A 150 -27.23 -12.22 34.42
CA ALA A 150 -28.26 -11.36 34.97
C ALA A 150 -29.00 -12.08 36.09
N ARG A 151 -29.38 -11.33 37.12
CA ARG A 151 -30.11 -11.93 38.23
C ARG A 151 -31.49 -12.38 37.77
N GLY A 152 -31.94 -13.52 38.31
CA GLY A 152 -33.24 -14.05 37.98
C GLY A 152 -34.33 -13.43 38.85
N GLY A 153 -35.49 -13.18 38.23
CA GLY A 153 -36.60 -12.55 38.91
C GLY A 153 -36.64 -11.05 38.69
N GLY A 154 -37.76 -10.47 39.09
CA GLY A 154 -37.94 -9.03 38.91
C GLY A 154 -38.21 -8.69 37.47
N ARG A 155 -37.48 -7.70 36.95
CA ARG A 155 -37.63 -7.28 35.57
C ARG A 155 -36.89 -8.19 34.59
N ASN A 156 -36.13 -9.15 35.08
CA ASN A 156 -35.42 -10.12 34.23
C ASN A 156 -36.19 -11.43 34.13
N VAL A 157 -37.46 -11.34 33.76
CA VAL A 157 -38.36 -12.49 33.65
C VAL A 157 -38.96 -12.50 32.26
N THR A 158 -38.95 -13.66 31.61
CA THR A 158 -39.53 -13.83 30.28
C THR A 158 -40.55 -14.95 30.30
N SER A 159 -41.65 -14.75 29.61
CA SER A 159 -42.71 -15.76 29.54
C SER A 159 -42.66 -16.51 28.20
N THR A 187 -32.06 -18.54 39.83
CA THR A 187 -32.73 -18.27 38.57
C THR A 187 -31.91 -17.34 37.68
N ASP A 188 -30.67 -17.08 38.10
CA ASP A 188 -29.76 -16.29 37.28
C ASP A 188 -29.50 -17.00 35.96
N PHE A 189 -29.12 -16.21 34.95
CA PHE A 189 -28.97 -16.75 33.61
C PHE A 189 -27.97 -15.92 32.82
N VAL A 190 -27.32 -16.57 31.85
CA VAL A 190 -26.41 -15.90 30.95
C VAL A 190 -27.22 -15.11 29.92
N CYS A 191 -27.08 -13.79 29.93
CA CYS A 191 -27.85 -12.94 29.03
C CYS A 191 -27.08 -12.53 27.78
N ALA A 192 -25.75 -12.52 27.82
CA ALA A 192 -24.97 -12.15 26.65
C ALA A 192 -23.59 -12.80 26.73
N ILE A 193 -22.95 -12.90 25.57
CA ILE A 193 -21.61 -13.49 25.47
C ILE A 193 -20.74 -12.59 24.61
N ARG A 194 -19.43 -12.74 24.77
CA ARG A 194 -18.44 -12.00 23.98
C ARG A 194 -17.46 -13.00 23.42
N LEU A 195 -17.21 -12.91 22.11
CA LEU A 195 -16.49 -13.92 21.34
C LEU A 195 -15.26 -13.33 20.66
N VAL A 196 -14.27 -14.19 20.45
CA VAL A 196 -13.16 -13.93 19.55
C VAL A 196 -13.28 -14.89 18.38
N LYS A 197 -12.81 -14.45 17.22
CA LYS A 197 -12.88 -15.23 15.99
C LYS A 197 -11.50 -15.81 15.70
N ILE A 198 -11.43 -17.14 15.67
CA ILE A 198 -10.19 -17.88 15.38
C ILE A 198 -10.36 -18.53 14.02
N ALA A 199 -9.45 -18.25 13.10
CA ALA A 199 -9.63 -18.71 11.72
C ALA A 199 -8.28 -18.93 11.05
N LYS A 200 -8.19 -20.00 10.28
CA LYS A 200 -7.02 -20.28 9.44
C LYS A 200 -7.53 -20.60 8.04
N SER A 201 -7.10 -19.80 7.06
CA SER A 201 -7.58 -19.92 5.70
C SER A 201 -6.44 -19.73 4.73
N GLY A 202 -6.66 -20.15 3.49
CA GLY A 202 -5.66 -19.99 2.45
C GLY A 202 -4.39 -20.79 2.64
N LEU A 203 -4.46 -21.90 3.38
CA LEU A 203 -3.30 -22.77 3.64
C LEU A 203 -2.16 -21.97 4.26
N ARG A 204 -2.49 -21.02 5.14
CA ARG A 204 -1.48 -20.20 5.78
C ARG A 204 -0.72 -20.96 6.87
N SER A 205 -1.29 -22.04 7.39
CA SER A 205 -0.70 -22.81 8.50
C SER A 205 -0.43 -21.93 9.72
N SER A 206 -1.20 -20.84 9.86
CA SER A 206 -1.06 -19.93 10.98
C SER A 206 -2.40 -19.25 11.21
N TRP A 207 -3.06 -19.58 12.32
CA TRP A 207 -4.38 -19.05 12.58
C TRP A 207 -4.31 -17.62 13.11
N THR A 208 -5.37 -16.86 12.85
CA THR A 208 -5.50 -15.49 13.31
C THR A 208 -6.72 -15.37 14.22
N MET A 209 -6.65 -14.41 15.15
CA MET A 209 -7.74 -14.10 16.04
C MET A 209 -8.15 -12.65 15.86
N LYS A 210 -9.46 -12.40 15.91
CA LYS A 210 -10.00 -11.07 15.67
C LYS A 210 -11.21 -10.83 16.56
N LYS A 211 -11.37 -9.61 17.04
CA LYS A 211 -12.55 -9.25 17.80
C LYS A 211 -13.79 -9.29 16.90
N VAL A 212 -14.92 -9.64 17.49
CA VAL A 212 -16.20 -9.75 16.78
C VAL A 212 -17.15 -8.74 17.38
N THR A 213 -17.64 -7.82 16.55
CA THR A 213 -18.61 -6.81 16.96
C THR A 213 -19.99 -7.20 16.45
N ARG A 214 -21.01 -6.91 17.26
CA ARG A 214 -22.38 -7.18 16.87
C ARG A 214 -22.83 -6.17 15.81
N GLU A 215 -23.10 -6.66 14.60
CA GLU A 215 -23.51 -5.80 13.50
C GLU A 215 -24.82 -6.29 12.89
N GLY B 2 -30.43 -26.27 -8.64
CA GLY B 2 -29.24 -25.52 -8.25
C GLY B 2 -29.51 -24.49 -7.16
N ARG B 3 -28.57 -23.59 -6.97
CA ARG B 3 -28.66 -22.52 -6.00
C ARG B 3 -28.15 -21.23 -6.62
N PRO B 4 -28.58 -20.08 -6.12
CA PRO B 4 -28.03 -18.81 -6.63
C PRO B 4 -26.55 -18.70 -6.32
N MET B 5 -25.84 -17.99 -7.21
CA MET B 5 -24.41 -17.77 -6.99
C MET B 5 -24.16 -16.92 -5.75
N ASP B 6 -25.06 -15.98 -5.46
CA ASP B 6 -24.95 -15.12 -4.29
C ASP B 6 -25.81 -15.63 -3.13
N ASN B 7 -25.91 -16.95 -2.99
CA ASN B 7 -26.79 -17.53 -1.98
C ASN B 7 -26.42 -17.10 -0.57
N GLU B 8 -25.15 -16.76 -0.35
CA GLU B 8 -24.72 -16.31 0.97
C GLU B 8 -25.28 -14.94 1.35
N GLU B 9 -25.66 -14.13 0.35
CA GLU B 9 -26.13 -12.78 0.59
C GLU B 9 -27.61 -12.69 0.90
N TRP B 10 -28.30 -13.82 1.04
CA TRP B 10 -29.75 -13.85 1.20
C TRP B 10 -30.10 -14.07 2.66
N PHE B 11 -30.66 -13.04 3.28
CA PHE B 11 -31.13 -13.13 4.66
C PHE B 11 -32.53 -13.72 4.67
N PRO B 12 -32.75 -14.89 5.28
CA PRO B 12 -34.10 -15.45 5.33
C PRO B 12 -34.97 -14.72 6.33
N LEU B 13 -36.21 -14.46 5.93
CA LEU B 13 -37.22 -13.90 6.82
C LEU B 13 -37.83 -15.05 7.61
N LYS B 14 -37.59 -15.07 8.93
CA LYS B 14 -38.13 -16.14 9.77
C LYS B 14 -39.64 -16.16 9.74
N GLN B 15 -40.27 -14.99 9.61
CA GLN B 15 -41.72 -14.89 9.57
C GLN B 15 -42.23 -15.25 8.18
N THR B 16 -43.18 -16.19 8.12
CA THR B 16 -43.72 -16.69 6.87
C THR B 16 -45.09 -16.11 6.56
N HIS B 17 -45.35 -14.87 6.96
CA HIS B 17 -46.66 -14.26 6.76
C HIS B 17 -46.62 -13.01 5.90
N TYR B 18 -45.45 -12.60 5.41
CA TYR B 18 -45.35 -11.43 4.56
C TYR B 18 -45.71 -11.78 3.13
N PRO B 19 -46.85 -11.31 2.61
CA PRO B 19 -47.22 -11.64 1.24
C PRO B 19 -46.34 -10.88 0.26
N PRO B 20 -46.04 -11.46 -0.89
CA PRO B 20 -45.20 -10.78 -1.87
C PRO B 20 -45.97 -9.68 -2.57
N PRO B 21 -45.28 -8.68 -3.12
CA PRO B 21 -45.95 -7.70 -3.96
C PRO B 21 -46.29 -8.29 -5.31
N THR B 22 -47.34 -7.75 -5.93
CA THR B 22 -47.67 -8.15 -7.28
C THR B 22 -46.53 -7.78 -8.22
N ILE B 23 -46.35 -8.59 -9.26
CA ILE B 23 -45.25 -8.37 -10.20
C ILE B 23 -45.29 -6.97 -10.81
N PRO B 24 -46.44 -6.45 -11.27
CA PRO B 24 -46.45 -5.08 -11.80
C PRO B 24 -46.19 -4.01 -10.76
N SER B 25 -46.49 -4.25 -9.48
CA SER B 25 -46.31 -3.23 -8.45
C SER B 25 -44.87 -3.07 -7.99
N MET B 26 -43.98 -4.02 -8.32
CA MET B 26 -42.60 -3.92 -7.87
C MET B 26 -41.88 -2.73 -8.50
N LYS B 27 -42.18 -2.44 -9.77
CA LYS B 27 -41.47 -1.42 -10.53
C LYS B 27 -42.16 -0.07 -10.52
N THR B 28 -43.31 0.06 -9.86
CA THR B 28 -44.03 1.32 -9.80
C THR B 28 -43.65 2.18 -8.60
N GLY B 29 -42.85 1.67 -7.68
CA GLY B 29 -42.57 2.37 -6.45
C GLY B 29 -43.64 2.26 -5.40
N HIS B 30 -44.72 1.53 -5.67
CA HIS B 30 -45.80 1.29 -4.71
C HIS B 30 -46.12 -0.20 -4.69
N PRO B 31 -45.24 -1.02 -4.11
CA PRO B 31 -45.50 -2.46 -4.06
C PRO B 31 -46.63 -2.77 -3.09
N THR B 32 -47.44 -3.75 -3.46
CA THR B 32 -48.58 -4.17 -2.63
C THR B 32 -48.16 -4.98 -1.41
N GLY B 33 -46.86 -5.22 -1.21
CA GLY B 33 -46.40 -6.01 -0.09
C GLY B 33 -45.53 -5.21 0.86
N PRO B 34 -45.50 -5.62 2.13
CA PRO B 34 -44.73 -4.87 3.13
C PRO B 34 -43.23 -4.90 2.90
N ILE B 35 -42.70 -5.91 2.20
CA ILE B 35 -41.28 -6.00 1.90
C ILE B 35 -41.13 -6.29 0.41
N SER B 36 -40.30 -5.50 -0.26
CA SER B 36 -40.15 -5.60 -1.72
C SER B 36 -38.89 -4.86 -2.13
N ILE B 37 -38.47 -5.10 -3.38
CA ILE B 37 -37.28 -4.47 -3.91
C ILE B 37 -37.47 -2.96 -3.92
N GLY B 38 -36.47 -2.24 -3.43
CA GLY B 38 -36.51 -0.78 -3.33
C GLY B 38 -36.72 -0.27 -1.92
N HIS B 39 -37.13 -1.13 -1.00
CA HIS B 39 -37.34 -0.70 0.38
C HIS B 39 -36.01 -0.43 1.07
N ILE B 40 -36.04 0.51 2.01
CA ILE B 40 -34.85 0.91 2.76
C ILE B 40 -35.08 0.55 4.22
N ILE B 41 -34.18 -0.25 4.78
CA ILE B 41 -34.26 -0.62 6.19
C ILE B 41 -33.12 0.06 6.94
N PRO B 42 -33.31 0.40 8.22
CA PRO B 42 -32.23 1.10 8.94
C PRO B 42 -31.02 0.23 9.22
N ASP B 43 -31.22 -1.02 9.63
CA ASP B 43 -30.11 -1.90 9.95
C ASP B 43 -30.56 -3.35 9.81
N LEU B 44 -29.59 -4.26 9.93
CA LEU B 44 -29.83 -5.69 9.72
C LEU B 44 -30.67 -6.32 10.82
N ARG B 45 -30.90 -5.63 11.93
CA ARG B 45 -31.69 -6.18 13.02
C ARG B 45 -33.19 -5.95 12.87
N HIS B 46 -33.59 -4.99 12.04
CA HIS B 46 -34.99 -4.62 11.89
C HIS B 46 -35.36 -4.74 10.40
N LEU B 47 -35.75 -5.95 10.00
CA LEU B 47 -36.18 -6.17 8.62
C LEU B 47 -37.64 -5.76 8.42
N ASP B 48 -38.47 -5.86 9.47
CA ASP B 48 -39.83 -5.36 9.40
C ASP B 48 -39.89 -3.85 9.28
N ASN B 49 -38.84 -3.16 9.72
CA ASN B 49 -38.83 -1.70 9.78
C ASN B 49 -38.42 -1.16 8.41
N VAL B 50 -39.40 -0.72 7.63
CA VAL B 50 -39.16 -0.12 6.33
C VAL B 50 -39.27 1.39 6.47
N ILE B 51 -38.23 2.10 6.02
CA ILE B 51 -38.24 3.56 6.11
C ILE B 51 -39.14 4.16 5.05
N ASN B 52 -38.86 3.87 3.78
CA ASN B 52 -39.67 4.37 2.66
C ASN B 52 -40.93 3.50 2.51
N CYS B 53 -41.73 3.47 3.58
CA CYS B 53 -42.92 2.62 3.60
C CYS B 53 -44.01 3.17 2.69
N LYS B 54 -44.15 4.50 2.64
CA LYS B 54 -45.24 5.12 1.90
C LYS B 54 -44.99 5.19 0.40
N GLY B 55 -43.89 4.63 -0.09
CA GLY B 55 -43.60 4.68 -1.51
C GLY B 55 -42.19 5.15 -1.82
N PHE B 56 -41.67 4.78 -2.99
CA PHE B 56 -40.33 5.17 -3.37
C PHE B 56 -40.30 5.41 -4.88
N GLU B 57 -39.11 5.69 -5.39
CA GLU B 57 -38.96 6.02 -6.80
C GLU B 57 -39.24 4.81 -7.67
N PRO B 58 -40.05 4.94 -8.72
CA PRO B 58 -40.25 3.81 -9.64
C PRO B 58 -38.96 3.51 -10.40
N PHE B 59 -38.80 2.23 -10.74
CA PHE B 59 -37.56 1.79 -11.36
C PHE B 59 -37.39 2.43 -12.74
N PRO B 60 -36.20 2.90 -13.08
CA PRO B 60 -35.95 3.39 -14.43
C PRO B 60 -35.93 2.23 -15.42
N PRO B 61 -36.04 2.52 -16.73
CA PRO B 61 -36.10 1.42 -17.71
C PRO B 61 -34.86 0.54 -17.72
N ASN B 62 -33.72 1.03 -17.25
CA ASN B 62 -32.50 0.23 -17.19
C ASN B 62 -32.42 -0.64 -15.94
N MET B 63 -33.40 -0.55 -15.04
CA MET B 63 -33.44 -1.36 -13.83
C MET B 63 -34.62 -2.32 -13.90
N ASP B 64 -34.54 -3.26 -14.84
CA ASP B 64 -35.58 -4.27 -14.96
C ASP B 64 -35.40 -5.34 -13.89
N VAL B 65 -36.49 -6.03 -13.56
CA VAL B 65 -36.48 -7.11 -12.60
C VAL B 65 -36.18 -8.41 -13.33
N PHE B 66 -35.25 -9.20 -12.79
CA PHE B 66 -34.89 -10.48 -13.38
C PHE B 66 -35.29 -11.61 -12.45
N THR B 67 -35.65 -12.74 -13.03
CA THR B 67 -36.22 -13.84 -12.27
C THR B 67 -35.33 -15.08 -12.35
N ALA B 68 -35.41 -15.89 -11.31
CA ALA B 68 -34.82 -17.22 -11.29
C ALA B 68 -35.75 -18.15 -10.51
N HIS B 69 -35.73 -19.43 -10.86
CA HIS B 69 -36.59 -20.41 -10.21
C HIS B 69 -35.76 -21.53 -9.62
N TYR B 70 -36.09 -21.91 -8.39
CA TYR B 70 -35.40 -22.99 -7.70
C TYR B 70 -36.43 -23.91 -7.06
N GLU B 71 -36.28 -25.21 -7.30
CA GLU B 71 -37.19 -26.19 -6.71
C GLU B 71 -37.05 -26.22 -5.19
N GLN B 72 -35.88 -25.89 -4.67
CA GLN B 72 -35.64 -25.89 -3.24
C GLN B 72 -34.55 -24.88 -2.92
N CYS B 73 -34.80 -24.03 -1.94
CA CYS B 73 -33.86 -22.99 -1.54
C CYS B 73 -33.71 -23.02 -0.02
N HIS B 74 -32.48 -23.24 0.45
CA HIS B 74 -32.17 -23.09 1.86
C HIS B 74 -30.97 -22.17 2.02
N PHE B 75 -30.92 -21.48 3.16
CA PHE B 75 -29.93 -20.45 3.43
C PHE B 75 -29.14 -20.85 4.67
N GLY B 76 -28.13 -21.69 4.47
CA GLY B 76 -27.30 -22.16 5.55
C GLY B 76 -27.11 -23.66 5.57
N ASP B 77 -25.94 -24.12 5.13
CA ASP B 77 -25.54 -25.52 5.24
C ASP B 77 -24.43 -25.60 6.28
N HIS B 78 -24.73 -26.23 7.41
CA HIS B 78 -23.83 -26.25 8.56
C HIS B 78 -23.18 -27.61 8.71
N LEU B 79 -21.91 -27.59 9.13
CA LEU B 79 -21.18 -28.81 9.44
C LEU B 79 -21.44 -29.19 10.90
N ASN B 80 -21.96 -30.39 11.11
CA ASN B 80 -22.26 -30.85 12.46
C ASN B 80 -20.99 -31.23 13.20
N SER B 81 -21.06 -31.16 14.54
CA SER B 81 -19.96 -31.59 15.39
C SER B 81 -19.88 -33.11 15.52
N GLU B 82 -20.92 -33.83 15.10
CA GLU B 82 -20.94 -35.28 15.22
C GLU B 82 -20.20 -35.92 14.06
N PHE B 83 -19.24 -36.79 14.37
CA PHE B 83 -18.45 -37.48 13.37
C PHE B 83 -18.40 -38.97 13.70
N VAL B 84 -18.22 -39.78 12.66
CA VAL B 84 -18.14 -41.23 12.81
C VAL B 84 -16.98 -41.73 11.97
N VAL B 85 -16.02 -42.40 12.62
CA VAL B 85 -14.88 -42.99 11.94
C VAL B 85 -15.24 -44.42 11.57
N GLN B 86 -15.12 -44.75 10.28
CA GLN B 86 -15.48 -46.08 9.80
C GLN B 86 -14.77 -46.34 8.47
N ALA B 87 -14.35 -47.59 8.28
CA ALA B 87 -13.72 -48.03 7.03
C ALA B 87 -12.61 -47.07 6.61
N GLY B 88 -11.91 -46.52 7.60
CA GLY B 88 -10.84 -45.58 7.33
C GLY B 88 -11.29 -44.20 6.94
N LEU B 89 -12.59 -43.96 6.88
CA LEU B 89 -13.13 -42.66 6.51
C LEU B 89 -13.68 -41.95 7.75
N HIS B 90 -13.66 -40.62 7.71
CA HIS B 90 -14.26 -39.79 8.73
C HIS B 90 -15.54 -39.20 8.15
N HIS B 91 -16.68 -39.74 8.56
CA HIS B 91 -17.96 -39.34 7.99
C HIS B 91 -18.48 -38.08 8.69
N THR B 92 -18.79 -37.07 7.89
CA THR B 92 -19.38 -35.83 8.37
C THR B 92 -20.84 -35.76 7.95
N ASN B 93 -21.59 -34.90 8.64
CA ASN B 93 -23.02 -34.72 8.38
C ASN B 93 -23.27 -33.22 8.13
N ILE B 94 -23.47 -32.87 6.87
CA ILE B 94 -23.78 -31.50 6.48
C ILE B 94 -25.29 -31.37 6.42
N THR B 95 -25.87 -30.60 7.33
CA THR B 95 -27.31 -30.45 7.44
C THR B 95 -27.73 -29.05 7.01
N SER B 96 -28.93 -28.97 6.44
CA SER B 96 -29.48 -27.69 6.01
C SER B 96 -30.08 -26.94 7.20
N ASP B 97 -30.03 -25.61 7.13
CA ASP B 97 -30.67 -24.78 8.13
C ASP B 97 -32.18 -24.91 8.02
N ARG B 98 -32.87 -24.50 9.08
CA ARG B 98 -34.33 -24.59 9.09
C ARG B 98 -34.96 -23.76 7.98
N TRP B 99 -34.30 -22.67 7.58
CA TRP B 99 -34.79 -21.80 6.51
C TRP B 99 -34.67 -22.55 5.19
N GLU B 100 -35.65 -23.40 4.92
CA GLU B 100 -35.68 -24.22 3.71
C GLU B 100 -37.08 -24.15 3.12
N TYR B 101 -37.17 -23.73 1.87
CA TYR B 101 -38.44 -23.47 1.22
C TYR B 101 -38.45 -24.13 -0.16
N ASP B 102 -39.66 -24.32 -0.69
CA ASP B 102 -39.85 -25.05 -1.94
C ASP B 102 -40.58 -24.18 -2.95
N SER B 103 -40.30 -24.42 -4.23
CA SER B 103 -40.88 -23.67 -5.34
C SER B 103 -40.66 -22.17 -5.17
N VAL B 104 -39.39 -21.79 -5.14
CA VAL B 104 -38.97 -20.42 -4.82
C VAL B 104 -38.70 -19.68 -6.12
N VAL B 105 -39.22 -18.46 -6.20
CA VAL B 105 -38.95 -17.54 -7.30
C VAL B 105 -38.15 -16.37 -6.74
N GLU B 106 -36.96 -16.15 -7.30
CA GLU B 106 -36.09 -15.05 -6.93
C GLU B 106 -36.31 -13.90 -7.91
N TYR B 107 -36.62 -12.72 -7.37
CA TYR B 107 -36.68 -11.48 -8.13
C TYR B 107 -35.48 -10.63 -7.73
N ALA B 108 -34.70 -10.22 -8.72
CA ALA B 108 -33.42 -9.58 -8.49
C ALA B 108 -33.30 -8.32 -9.33
N VAL B 109 -32.59 -7.33 -8.78
CA VAL B 109 -32.38 -6.04 -9.42
C VAL B 109 -30.94 -5.61 -9.16
N TYR B 110 -30.36 -4.90 -10.12
CA TYR B 110 -29.08 -4.23 -9.91
C TYR B 110 -29.28 -2.71 -9.96
N PRO B 111 -29.07 -1.99 -8.86
CA PRO B 111 -29.38 -0.56 -8.84
C PRO B 111 -28.23 0.31 -9.33
N THR B 112 -28.61 1.43 -9.94
CA THR B 112 -27.68 2.44 -10.41
C THR B 112 -27.53 3.54 -9.36
N ARG B 113 -26.44 4.30 -9.49
CA ARG B 113 -26.21 5.42 -8.59
C ARG B 113 -27.26 6.52 -8.78
N GLN B 114 -27.77 6.67 -9.99
CA GLN B 114 -28.83 7.65 -10.23
C GLN B 114 -30.08 7.29 -9.45
N TYR B 115 -30.49 6.02 -9.52
CA TYR B 115 -31.69 5.59 -8.82
C TYR B 115 -31.53 5.68 -7.31
N ILE B 116 -30.33 5.35 -6.81
CA ILE B 116 -30.10 5.41 -5.37
C ILE B 116 -30.08 6.85 -4.89
N ASP B 117 -29.38 7.73 -5.61
CA ASP B 117 -29.43 9.15 -5.30
C ASP B 117 -30.85 9.67 -5.30
N ARG B 118 -31.69 9.14 -6.19
CA ARG B 118 -33.11 9.51 -6.15
C ARG B 118 -33.80 8.92 -4.93
N LEU B 119 -33.35 7.75 -4.45
CA LEU B 119 -33.94 7.16 -3.26
C LEU B 119 -33.54 7.91 -2.00
N LEU B 120 -32.28 8.36 -1.92
CA LEU B 120 -31.81 9.05 -0.73
C LEU B 120 -32.46 10.42 -0.56
N GLU B 121 -33.05 10.98 -1.62
CA GLU B 121 -33.74 12.26 -1.53
C GLU B 121 -35.22 12.11 -1.19
N SER B 122 -35.71 10.88 -1.04
CA SER B 122 -37.06 10.66 -0.57
C SER B 122 -37.24 11.29 0.82
N LYS B 123 -38.47 11.73 1.10
CA LYS B 123 -38.76 12.42 2.35
C LYS B 123 -38.31 11.61 3.57
N GLU B 124 -38.81 10.37 3.67
CA GLU B 124 -38.52 9.55 4.85
C GLU B 124 -37.04 9.21 4.93
N VAL B 125 -36.45 8.80 3.82
CA VAL B 125 -35.05 8.39 3.83
C VAL B 125 -34.14 9.58 4.08
N ARG B 126 -34.44 10.73 3.46
CA ARG B 126 -33.64 11.92 3.71
C ARG B 126 -33.72 12.35 5.17
N GLN B 127 -34.92 12.31 5.75
CA GLN B 127 -35.07 12.65 7.16
C GLN B 127 -34.25 11.71 8.04
N TYR B 128 -34.34 10.41 7.78
CA TYR B 128 -33.61 9.44 8.58
C TYR B 128 -32.10 9.65 8.47
N ILE B 129 -31.60 9.87 7.25
CA ILE B 129 -30.15 9.99 7.10
C ILE B 129 -29.65 11.31 7.66
N GLN B 130 -30.46 12.38 7.59
CA GLN B 130 -30.06 13.63 8.24
C GLN B 130 -29.95 13.45 9.74
N ALA B 131 -30.95 12.81 10.35
CA ALA B 131 -30.90 12.54 11.79
C ALA B 131 -29.69 11.68 12.14
N SER B 132 -29.43 10.64 11.35
CA SER B 132 -28.31 9.76 11.64
C SER B 132 -26.98 10.50 11.51
N ALA B 133 -26.86 11.37 10.50
CA ALA B 133 -25.64 12.13 10.32
C ALA B 133 -25.40 13.08 11.48
N ALA B 134 -26.46 13.73 11.96
CA ALA B 134 -26.30 14.64 13.10
C ALA B 134 -25.95 13.88 14.36
N LEU B 135 -26.59 12.74 14.59
CA LEU B 135 -26.36 11.99 15.83
C LEU B 135 -25.14 11.08 15.77
N LEU B 136 -24.59 10.80 14.59
CA LEU B 136 -23.52 9.82 14.48
C LEU B 136 -22.36 10.25 13.58
N GLY B 137 -22.43 11.42 12.94
CA GLY B 137 -21.39 11.79 12.00
C GLY B 137 -21.38 10.95 10.75
N GLY B 138 -22.54 10.42 10.36
CA GLY B 138 -22.64 9.54 9.21
C GLY B 138 -23.91 8.73 9.29
N TRP B 139 -24.23 8.06 8.19
CA TRP B 139 -25.44 7.28 8.11
C TRP B 139 -25.16 5.96 7.38
N CYS B 140 -26.07 5.01 7.57
CA CYS B 140 -25.92 3.67 7.02
C CYS B 140 -27.30 3.08 6.82
N VAL B 141 -27.67 2.80 5.57
CA VAL B 141 -28.96 2.21 5.24
C VAL B 141 -28.73 1.00 4.34
N TYR B 142 -29.74 0.13 4.29
CA TYR B 142 -29.69 -1.08 3.49
C TYR B 142 -30.88 -1.09 2.54
N MET B 143 -30.60 -1.21 1.25
CA MET B 143 -31.65 -1.29 0.21
C MET B 143 -31.79 -2.75 -0.22
N VAL B 144 -33.00 -3.28 -0.11
CA VAL B 144 -33.27 -4.65 -0.55
C VAL B 144 -33.25 -4.66 -2.07
N THR B 145 -32.26 -5.35 -2.64
CA THR B 145 -32.13 -5.47 -4.08
C THR B 145 -32.67 -6.79 -4.62
N GLY B 146 -33.15 -7.67 -3.75
CA GLY B 146 -33.75 -8.90 -4.20
C GLY B 146 -34.70 -9.48 -3.19
N ILE B 147 -35.71 -10.20 -3.66
CA ILE B 147 -36.63 -10.92 -2.81
C ILE B 147 -36.78 -12.35 -3.32
N MET B 148 -37.20 -13.23 -2.43
CA MET B 148 -37.49 -14.62 -2.78
C MET B 148 -38.86 -15.00 -2.25
N VAL B 149 -39.70 -15.51 -3.13
CA VAL B 149 -41.10 -15.83 -2.83
C VAL B 149 -41.26 -17.34 -2.89
N ALA B 150 -41.78 -17.92 -1.81
CA ALA B 150 -41.98 -19.36 -1.70
C ALA B 150 -43.41 -19.70 -2.10
N ARG B 151 -43.59 -20.32 -3.26
CA ARG B 151 -44.91 -20.71 -3.74
C ARG B 151 -45.37 -22.04 -3.17
N GLY B 152 -44.66 -22.56 -2.19
CA GLY B 152 -45.08 -23.80 -1.53
C GLY B 152 -44.75 -23.75 -0.05
N GLY B 153 -45.61 -24.38 0.74
CA GLY B 153 -45.41 -24.45 2.18
C GLY B 153 -46.09 -23.33 2.93
N HIS B 185 -54.61 -11.38 -4.06
CA HIS B 185 -53.98 -12.08 -2.95
C HIS B 185 -53.52 -13.47 -3.38
N THR B 186 -52.46 -13.97 -2.74
CA THR B 186 -51.93 -15.29 -3.02
C THR B 186 -51.58 -15.99 -1.72
N THR B 187 -51.28 -17.28 -1.81
CA THR B 187 -50.79 -18.05 -0.69
C THR B 187 -49.28 -17.97 -0.55
N ASP B 188 -48.60 -17.32 -1.49
CA ASP B 188 -47.15 -17.21 -1.45
C ASP B 188 -46.71 -16.25 -0.35
N PHE B 189 -45.42 -16.30 -0.02
CA PHE B 189 -44.87 -15.43 1.01
C PHE B 189 -43.39 -15.21 0.73
N VAL B 190 -42.90 -14.04 1.16
CA VAL B 190 -41.50 -13.69 1.03
C VAL B 190 -40.71 -14.45 2.08
N CYS B 191 -39.74 -15.24 1.64
CA CYS B 191 -38.95 -16.06 2.56
C CYS B 191 -37.55 -15.53 2.80
N ALA B 192 -37.01 -14.71 1.91
CA ALA B 192 -35.66 -14.17 2.08
C ALA B 192 -35.52 -12.90 1.24
N ILE B 193 -34.56 -12.07 1.63
CA ILE B 193 -34.27 -10.82 0.94
C ILE B 193 -32.77 -10.71 0.72
N ARG B 194 -32.39 -9.79 -0.17
CA ARG B 194 -30.99 -9.53 -0.49
C ARG B 194 -30.79 -8.02 -0.54
N LEU B 195 -29.80 -7.54 0.20
CA LEU B 195 -29.65 -6.13 0.52
C LEU B 195 -28.33 -5.60 -0.02
N VAL B 196 -28.25 -4.26 -0.12
CA VAL B 196 -27.01 -3.55 -0.40
C VAL B 196 -26.83 -2.48 0.66
N LYS B 197 -25.60 -2.31 1.13
CA LYS B 197 -25.27 -1.38 2.21
C LYS B 197 -24.85 -0.05 1.60
N ILE B 198 -25.63 1.00 1.88
CA ILE B 198 -25.37 2.35 1.41
C ILE B 198 -24.94 3.18 2.61
N ALA B 199 -23.76 3.80 2.52
CA ALA B 199 -23.19 4.44 3.69
C ALA B 199 -22.35 5.65 3.30
N LYS B 200 -22.35 6.65 4.18
CA LYS B 200 -21.47 7.81 4.07
C LYS B 200 -20.87 8.08 5.44
N SER B 201 -19.55 8.25 5.48
CA SER B 201 -18.83 8.36 6.75
C SER B 201 -17.70 9.37 6.63
N GLY B 202 -17.38 10.01 7.75
CA GLY B 202 -16.27 10.95 7.79
C GLY B 202 -16.41 12.15 6.89
N LEU B 203 -17.64 12.49 6.50
CA LEU B 203 -17.92 13.60 5.60
C LEU B 203 -17.13 13.46 4.29
N ARG B 204 -17.16 12.25 3.72
CA ARG B 204 -16.50 11.99 2.46
C ARG B 204 -17.27 12.53 1.27
N SER B 205 -18.43 13.14 1.49
CA SER B 205 -19.26 13.80 0.48
C SER B 205 -19.69 12.88 -0.65
N SER B 206 -19.50 11.57 -0.50
CA SER B 206 -19.89 10.61 -1.53
C SER B 206 -20.19 9.28 -0.86
N TRP B 207 -21.43 8.82 -0.97
CA TRP B 207 -21.80 7.55 -0.38
C TRP B 207 -21.25 6.39 -1.19
N THR B 208 -20.99 5.28 -0.50
CA THR B 208 -20.55 4.04 -1.11
C THR B 208 -21.63 2.97 -0.92
N MET B 209 -21.55 1.95 -1.76
CA MET B 209 -22.45 0.80 -1.70
C MET B 209 -21.62 -0.47 -1.71
N LYS B 210 -22.04 -1.43 -0.88
CA LYS B 210 -21.33 -2.69 -0.73
C LYS B 210 -22.33 -3.84 -0.63
N LYS B 211 -21.91 -5.03 -1.03
CA LYS B 211 -22.73 -6.21 -0.82
C LYS B 211 -22.60 -6.69 0.62
N VAL B 212 -23.69 -7.22 1.15
CA VAL B 212 -23.72 -7.77 2.51
C VAL B 212 -23.89 -9.27 2.42
N THR B 213 -23.14 -10.00 3.25
CA THR B 213 -23.17 -11.45 3.29
C THR B 213 -23.82 -11.91 4.59
N ARG B 214 -23.87 -13.24 4.75
CA ARG B 214 -24.51 -13.87 5.91
C ARG B 214 -25.97 -13.49 6.02
N GLY C 2 -29.24 -30.93 2.72
CA GLY C 2 -27.82 -30.65 2.67
C GLY C 2 -27.27 -30.58 1.26
N ARG C 3 -26.34 -29.65 1.05
CA ARG C 3 -25.70 -29.43 -0.24
C ARG C 3 -24.22 -29.20 0.00
N PRO C 4 -23.38 -29.41 -1.02
CA PRO C 4 -21.96 -29.08 -0.88
C PRO C 4 -21.75 -27.62 -0.56
N MET C 5 -20.85 -27.35 0.38
CA MET C 5 -20.60 -25.98 0.81
C MET C 5 -19.65 -25.25 -0.14
N ASP C 6 -18.78 -25.98 -0.82
CA ASP C 6 -17.88 -25.38 -1.80
C ASP C 6 -18.32 -25.77 -3.21
N ASN C 7 -19.62 -25.59 -3.51
CA ASN C 7 -20.18 -26.13 -4.74
C ASN C 7 -19.56 -25.51 -5.99
N GLU C 8 -19.08 -24.27 -5.89
CA GLU C 8 -18.47 -23.60 -7.03
C GLU C 8 -17.06 -24.07 -7.32
N GLU C 9 -16.49 -24.95 -6.49
CA GLU C 9 -15.14 -25.44 -6.68
C GLU C 9 -15.10 -26.85 -7.27
N TRP C 10 -16.25 -27.39 -7.66
CA TRP C 10 -16.35 -28.75 -8.17
C TRP C 10 -16.54 -28.72 -9.68
N PHE C 11 -15.46 -29.00 -10.41
CA PHE C 11 -15.49 -29.06 -11.87
C PHE C 11 -16.06 -30.41 -12.31
N PRO C 12 -17.10 -30.42 -13.14
CA PRO C 12 -17.80 -31.68 -13.46
C PRO C 12 -17.08 -32.47 -14.55
N LEU C 13 -16.70 -33.70 -14.22
CA LEU C 13 -16.38 -34.68 -15.24
C LEU C 13 -17.68 -35.15 -15.86
N LYS C 14 -17.72 -35.27 -17.19
CA LYS C 14 -18.98 -35.33 -17.91
C LYS C 14 -19.19 -36.74 -18.44
N GLN C 15 -18.86 -37.02 -19.70
CA GLN C 15 -19.01 -38.37 -20.21
C GLN C 15 -17.88 -39.29 -19.78
N THR C 16 -16.84 -38.74 -19.18
CA THR C 16 -15.80 -39.56 -18.56
C THR C 16 -16.37 -40.22 -17.32
N HIS C 17 -17.01 -41.38 -17.50
CA HIS C 17 -17.59 -42.12 -16.37
C HIS C 17 -16.52 -43.05 -15.77
N TYR C 18 -15.44 -42.43 -15.30
CA TYR C 18 -14.35 -43.18 -14.70
C TYR C 18 -14.81 -43.83 -13.39
N PRO C 19 -14.31 -45.02 -13.08
CA PRO C 19 -14.68 -45.67 -11.82
C PRO C 19 -14.01 -45.01 -10.64
N PRO C 20 -14.61 -45.08 -9.47
CA PRO C 20 -13.97 -44.50 -8.28
C PRO C 20 -12.89 -45.44 -7.76
N PRO C 21 -11.81 -44.89 -7.21
CA PRO C 21 -10.80 -45.74 -6.59
C PRO C 21 -11.34 -46.34 -5.30
N THR C 22 -10.81 -47.49 -4.94
CA THR C 22 -11.08 -48.04 -3.62
C THR C 22 -10.42 -47.15 -2.57
N ILE C 23 -11.12 -46.96 -1.45
CA ILE C 23 -10.59 -46.09 -0.40
C ILE C 23 -9.24 -46.56 0.11
N PRO C 24 -8.99 -47.86 0.35
CA PRO C 24 -7.64 -48.28 0.74
C PRO C 24 -6.57 -47.94 -0.30
N SER C 25 -6.93 -47.91 -1.58
CA SER C 25 -5.94 -47.60 -2.63
C SER C 25 -5.60 -46.13 -2.70
N MET C 26 -6.50 -45.23 -2.27
CA MET C 26 -6.19 -43.80 -2.28
C MET C 26 -4.98 -43.50 -1.41
N LYS C 27 -5.04 -43.89 -0.13
CA LYS C 27 -4.01 -43.53 0.83
C LYS C 27 -2.65 -44.14 0.49
N THR C 28 -2.61 -45.18 -0.33
CA THR C 28 -1.36 -45.84 -0.68
C THR C 28 -0.62 -45.14 -1.81
N GLY C 29 -1.18 -44.07 -2.37
CA GLY C 29 -0.56 -43.43 -3.52
C GLY C 29 -0.67 -44.17 -4.82
N HIS C 30 -1.32 -45.34 -4.83
CA HIS C 30 -1.57 -46.12 -6.04
C HIS C 30 -3.06 -46.43 -6.11
N PRO C 31 -3.88 -45.45 -6.45
CA PRO C 31 -5.33 -45.68 -6.49
C PRO C 31 -5.71 -46.61 -7.63
N THR C 32 -6.77 -47.38 -7.40
CA THR C 32 -7.30 -48.25 -8.45
C THR C 32 -8.05 -47.48 -9.52
N GLY C 33 -8.46 -46.25 -9.23
CA GLY C 33 -9.16 -45.44 -10.19
C GLY C 33 -8.21 -44.48 -10.91
N PRO C 34 -8.55 -44.11 -12.15
CA PRO C 34 -7.67 -43.23 -12.92
C PRO C 34 -7.78 -41.76 -12.57
N ILE C 35 -8.72 -41.35 -11.70
CA ILE C 35 -8.82 -39.98 -11.24
C ILE C 35 -9.07 -40.01 -9.74
N SER C 36 -8.07 -39.62 -8.95
CA SER C 36 -8.14 -39.76 -7.50
C SER C 36 -7.50 -38.57 -6.82
N ILE C 37 -7.79 -38.44 -5.52
CA ILE C 37 -7.16 -37.42 -4.70
C ILE C 37 -5.64 -37.62 -4.73
N GLY C 38 -4.91 -36.51 -4.88
CA GLY C 38 -3.48 -36.56 -4.98
C GLY C 38 -2.96 -36.61 -6.40
N HIS C 39 -3.83 -36.82 -7.39
CA HIS C 39 -3.41 -36.79 -8.77
C HIS C 39 -3.13 -35.34 -9.21
N ILE C 40 -2.19 -35.21 -10.14
CA ILE C 40 -1.74 -33.90 -10.61
C ILE C 40 -1.99 -33.84 -12.12
N ILE C 41 -2.75 -32.83 -12.53
CA ILE C 41 -3.05 -32.61 -13.95
C ILE C 41 -2.39 -31.30 -14.38
N PRO C 42 -2.09 -31.11 -15.68
CA PRO C 42 -1.31 -29.93 -16.08
C PRO C 42 -2.14 -28.68 -16.26
N ASP C 43 -3.43 -28.83 -16.58
CA ASP C 43 -4.28 -27.68 -16.83
C ASP C 43 -5.73 -28.09 -16.69
N LEU C 44 -6.62 -27.10 -16.73
CA LEU C 44 -8.05 -27.31 -16.58
C LEU C 44 -8.73 -27.71 -17.89
N ARG C 45 -8.01 -27.67 -19.01
CA ARG C 45 -8.64 -28.03 -20.29
C ARG C 45 -8.89 -29.53 -20.39
N HIS C 46 -8.02 -30.35 -19.81
CA HIS C 46 -8.18 -31.80 -19.79
C HIS C 46 -8.00 -32.29 -18.36
N LEU C 47 -9.12 -32.56 -17.69
CA LEU C 47 -9.12 -32.93 -16.28
C LEU C 47 -8.76 -34.39 -16.02
N ASP C 48 -8.46 -35.16 -17.06
CA ASP C 48 -8.07 -36.56 -16.90
C ASP C 48 -6.67 -36.84 -17.42
N ASN C 49 -5.87 -35.79 -17.63
CA ASN C 49 -4.48 -35.94 -18.07
C ASN C 49 -3.58 -35.95 -16.83
N VAL C 50 -3.62 -37.07 -16.11
CA VAL C 50 -2.87 -37.20 -14.86
C VAL C 50 -1.40 -37.44 -15.19
N ILE C 51 -0.52 -36.65 -14.56
CA ILE C 51 0.91 -36.81 -14.78
C ILE C 51 1.47 -37.89 -13.87
N ASN C 52 0.99 -37.96 -12.63
CA ASN C 52 1.38 -39.04 -11.71
C ASN C 52 0.61 -40.32 -11.98
N CYS C 53 0.41 -40.64 -13.26
CA CYS C 53 -0.37 -41.81 -13.65
C CYS C 53 0.24 -43.11 -13.16
N LYS C 54 1.50 -43.10 -12.75
CA LYS C 54 2.20 -44.31 -12.33
C LYS C 54 2.31 -44.42 -10.81
N GLY C 55 1.62 -43.54 -10.07
CA GLY C 55 1.66 -43.59 -8.62
C GLY C 55 2.28 -42.34 -8.02
N PHE C 56 2.02 -42.11 -6.73
CA PHE C 56 2.54 -40.94 -6.05
C PHE C 56 2.79 -41.29 -4.58
N GLU C 57 3.21 -40.28 -3.81
CA GLU C 57 3.54 -40.49 -2.42
C GLU C 57 2.28 -40.85 -1.62
N PRO C 58 2.37 -41.83 -0.72
CA PRO C 58 1.21 -42.16 0.11
C PRO C 58 0.80 -41.00 1.00
N PHE C 59 -0.45 -41.03 1.43
CA PHE C 59 -0.93 -40.02 2.37
C PHE C 59 -0.11 -40.12 3.65
N PRO C 60 0.18 -38.98 4.30
CA PRO C 60 0.76 -39.05 5.64
C PRO C 60 -0.19 -39.79 6.57
N PRO C 61 0.34 -40.47 7.58
CA PRO C 61 -0.53 -41.23 8.49
C PRO C 61 -1.58 -40.37 9.18
N ASN C 62 -1.30 -39.08 9.37
CA ASN C 62 -2.24 -38.17 10.02
C ASN C 62 -3.20 -37.50 9.04
N MET C 63 -2.94 -37.59 7.74
CA MET C 63 -3.85 -37.03 6.74
C MET C 63 -5.04 -37.95 6.55
N ASP C 64 -6.23 -37.47 6.89
CA ASP C 64 -7.45 -38.28 6.85
C ASP C 64 -8.34 -37.84 5.70
N VAL C 65 -9.19 -38.77 5.27
CA VAL C 65 -10.16 -38.53 4.22
C VAL C 65 -11.53 -38.39 4.86
N PHE C 66 -12.23 -37.31 4.53
CA PHE C 66 -13.52 -36.99 5.10
C PHE C 66 -14.61 -37.18 4.05
N THR C 67 -15.79 -37.58 4.51
CA THR C 67 -16.87 -38.06 3.66
C THR C 67 -18.14 -37.28 3.94
N ALA C 68 -18.83 -36.89 2.87
CA ALA C 68 -20.11 -36.20 2.97
C ALA C 68 -21.09 -36.79 1.97
N HIS C 69 -22.24 -37.27 2.44
CA HIS C 69 -23.26 -37.83 1.58
C HIS C 69 -24.32 -36.77 1.28
N TYR C 70 -24.63 -36.58 0.00
CA TYR C 70 -25.63 -35.62 -0.45
C TYR C 70 -26.71 -36.34 -1.24
N GLU C 71 -27.96 -35.97 -0.97
CA GLU C 71 -29.07 -36.55 -1.72
C GLU C 71 -29.02 -36.13 -3.18
N GLN C 72 -28.71 -34.86 -3.46
CA GLN C 72 -28.59 -34.36 -4.81
C GLN C 72 -27.43 -33.38 -4.89
N CYS C 73 -26.82 -33.31 -6.07
CA CYS C 73 -25.75 -32.37 -6.35
C CYS C 73 -25.95 -31.76 -7.72
N HIS C 74 -25.72 -30.45 -7.83
CA HIS C 74 -25.88 -29.70 -9.07
C HIS C 74 -24.55 -29.00 -9.38
N PHE C 75 -23.84 -29.50 -10.37
CA PHE C 75 -22.57 -28.91 -10.79
C PHE C 75 -22.69 -28.12 -12.08
N GLY C 76 -23.91 -27.85 -12.54
CA GLY C 76 -24.09 -27.12 -13.78
C GLY C 76 -23.61 -25.69 -13.68
N ASP C 77 -23.35 -25.11 -14.86
CA ASP C 77 -22.88 -23.74 -14.93
C ASP C 77 -24.00 -22.77 -14.58
N HIS C 78 -23.65 -21.49 -14.47
CA HIS C 78 -24.63 -20.44 -14.27
C HIS C 78 -25.39 -20.10 -15.55
N LEU C 79 -24.97 -20.65 -16.69
CA LEU C 79 -25.62 -20.40 -17.96
C LEU C 79 -26.81 -21.33 -18.15
N ASN C 80 -27.67 -21.42 -17.13
CA ASN C 80 -28.89 -22.20 -17.24
C ASN C 80 -29.83 -21.56 -18.24
N SER C 81 -30.95 -22.23 -18.51
CA SER C 81 -31.85 -21.78 -19.56
C SER C 81 -32.50 -20.45 -19.22
N GLU C 82 -32.90 -20.26 -17.97
CA GLU C 82 -33.60 -19.02 -17.62
C GLU C 82 -32.68 -17.81 -17.68
N PHE C 83 -31.44 -17.96 -17.21
CA PHE C 83 -30.48 -16.87 -17.33
C PHE C 83 -30.17 -16.58 -18.79
N VAL C 84 -30.04 -17.63 -19.60
CA VAL C 84 -29.80 -17.44 -21.03
C VAL C 84 -30.95 -16.68 -21.68
N VAL C 85 -32.18 -17.01 -21.28
CA VAL C 85 -33.35 -16.34 -21.84
C VAL C 85 -33.35 -14.87 -21.45
N GLN C 86 -33.18 -14.58 -20.16
CA GLN C 86 -33.26 -13.20 -19.70
C GLN C 86 -32.07 -12.35 -20.14
N ALA C 87 -30.93 -12.98 -20.43
CA ALA C 87 -29.79 -12.26 -20.99
C ALA C 87 -29.89 -12.11 -22.51
N GLY C 88 -30.93 -12.66 -23.14
CA GLY C 88 -31.10 -12.51 -24.56
C GLY C 88 -30.15 -13.35 -25.41
N LEU C 89 -29.70 -14.48 -24.90
CA LEU C 89 -28.82 -15.39 -25.62
C LEU C 89 -29.52 -16.67 -26.02
N HIS C 90 -30.83 -16.61 -26.26
CA HIS C 90 -31.58 -17.78 -26.68
C HIS C 90 -31.28 -18.20 -28.10
N HIS C 91 -30.78 -17.28 -28.93
CA HIS C 91 -30.48 -17.56 -30.32
C HIS C 91 -29.14 -18.26 -30.52
N THR C 92 -28.54 -18.80 -29.46
CA THR C 92 -27.27 -19.52 -29.57
C THR C 92 -27.36 -20.79 -28.74
N ASN C 93 -26.27 -21.55 -28.72
CA ASN C 93 -26.22 -22.85 -28.05
C ASN C 93 -25.50 -22.78 -26.70
N ILE C 94 -25.47 -21.59 -26.07
CA ILE C 94 -24.71 -21.41 -24.84
C ILE C 94 -25.39 -22.04 -23.63
N THR C 95 -26.63 -22.50 -23.77
CA THR C 95 -27.35 -23.09 -22.64
C THR C 95 -26.59 -24.32 -22.13
N SER C 96 -26.21 -24.28 -20.86
CA SER C 96 -25.46 -25.36 -20.25
C SER C 96 -26.40 -26.38 -19.61
N ASP C 97 -25.91 -27.61 -19.48
CA ASP C 97 -26.68 -28.67 -18.87
C ASP C 97 -26.59 -28.60 -17.35
N ARG C 98 -27.67 -29.00 -16.69
CA ARG C 98 -27.66 -29.16 -15.25
C ARG C 98 -27.06 -30.52 -14.93
N TRP C 99 -25.89 -30.51 -14.29
CA TRP C 99 -25.21 -31.76 -13.93
C TRP C 99 -25.72 -32.27 -12.58
N GLU C 100 -27.03 -32.54 -12.56
CA GLU C 100 -27.71 -32.97 -11.34
C GLU C 100 -27.57 -34.47 -11.19
N TYR C 101 -26.89 -34.90 -10.14
CA TYR C 101 -26.75 -36.31 -9.79
C TYR C 101 -27.42 -36.58 -8.46
N ASP C 102 -27.92 -37.80 -8.30
CA ASP C 102 -28.57 -38.23 -7.08
C ASP C 102 -27.66 -39.19 -6.30
N SER C 103 -27.78 -39.15 -4.98
CA SER C 103 -27.05 -40.04 -4.07
C SER C 103 -25.54 -39.97 -4.34
N VAL C 104 -24.98 -38.81 -4.02
CA VAL C 104 -23.57 -38.53 -4.26
C VAL C 104 -22.81 -38.64 -2.94
N VAL C 105 -21.55 -39.07 -3.03
CA VAL C 105 -20.66 -39.16 -1.88
C VAL C 105 -19.40 -38.36 -2.21
N GLU C 106 -18.98 -37.52 -1.28
CA GLU C 106 -17.82 -36.65 -1.45
C GLU C 106 -16.69 -37.14 -0.54
N TYR C 107 -15.52 -37.35 -1.15
CA TYR C 107 -14.29 -37.64 -0.42
C TYR C 107 -13.35 -36.45 -0.57
N ALA C 108 -12.89 -35.93 0.57
CA ALA C 108 -12.09 -34.70 0.59
C ALA C 108 -10.95 -34.83 1.57
N VAL C 109 -9.85 -34.12 1.29
CA VAL C 109 -8.70 -34.02 2.17
C VAL C 109 -8.26 -32.56 2.23
N TYR C 110 -7.27 -32.30 3.07
CA TYR C 110 -6.67 -30.98 3.21
C TYR C 110 -5.19 -31.07 2.86
N PRO C 111 -4.75 -30.47 1.76
CA PRO C 111 -3.34 -30.60 1.37
C PRO C 111 -2.43 -29.80 2.28
N THR C 112 -1.27 -30.37 2.58
CA THR C 112 -0.22 -29.70 3.32
C THR C 112 0.95 -29.41 2.39
N ARG C 113 1.78 -28.45 2.78
CA ARG C 113 2.93 -28.09 1.96
C ARG C 113 3.89 -29.27 1.83
N GLN C 114 4.04 -30.06 2.90
CA GLN C 114 4.94 -31.21 2.86
C GLN C 114 4.45 -32.26 1.88
N TYR C 115 3.15 -32.60 1.93
CA TYR C 115 2.63 -33.61 1.02
C TYR C 115 2.67 -33.13 -0.42
N ILE C 116 2.41 -31.85 -0.66
CA ILE C 116 2.48 -31.33 -2.03
C ILE C 116 3.92 -31.35 -2.53
N ASP C 117 4.88 -31.00 -1.68
CA ASP C 117 6.28 -31.14 -2.05
C ASP C 117 6.61 -32.57 -2.41
N ARG C 118 6.01 -33.54 -1.70
CA ARG C 118 6.23 -34.93 -2.04
C ARG C 118 5.52 -35.30 -3.34
N LEU C 119 4.43 -34.62 -3.69
CA LEU C 119 3.76 -34.89 -4.96
C LEU C 119 4.49 -34.25 -6.14
N LEU C 120 5.25 -33.18 -5.88
CA LEU C 120 6.03 -32.54 -6.93
C LEU C 120 7.34 -33.25 -7.21
N GLU C 121 7.69 -34.27 -6.43
CA GLU C 121 8.97 -34.96 -6.55
C GLU C 121 8.87 -36.29 -7.28
N SER C 122 7.68 -36.69 -7.72
CA SER C 122 7.57 -37.87 -8.57
C SER C 122 8.25 -37.60 -9.91
N LYS C 123 8.73 -38.68 -10.53
CA LYS C 123 9.52 -38.54 -11.76
C LYS C 123 8.73 -37.81 -12.85
N GLU C 124 7.44 -38.11 -12.99
CA GLU C 124 6.67 -37.52 -14.07
C GLU C 124 6.32 -36.07 -13.76
N VAL C 125 5.96 -35.76 -12.52
CA VAL C 125 5.62 -34.38 -12.17
C VAL C 125 6.87 -33.52 -12.20
N ARG C 126 7.98 -34.01 -11.65
CA ARG C 126 9.22 -33.25 -11.66
C ARG C 126 9.67 -32.94 -13.09
N GLN C 127 9.53 -33.91 -13.99
CA GLN C 127 9.93 -33.69 -15.37
C GLN C 127 9.04 -32.66 -16.06
N TYR C 128 7.74 -32.66 -15.74
CA TYR C 128 6.86 -31.63 -16.27
C TYR C 128 7.22 -30.26 -15.71
N ILE C 129 7.66 -30.21 -14.45
CA ILE C 129 7.95 -28.93 -13.81
C ILE C 129 9.23 -28.33 -14.38
N GLN C 130 10.29 -29.13 -14.46
CA GLN C 130 11.59 -28.60 -14.89
C GLN C 130 11.55 -28.18 -16.36
N ALA C 131 10.84 -28.93 -17.20
CA ALA C 131 10.77 -28.58 -18.61
C ALA C 131 9.87 -27.38 -18.85
N SER C 132 8.76 -27.28 -18.11
CA SER C 132 7.90 -26.12 -18.25
C SER C 132 8.57 -24.87 -17.71
N ALA C 133 9.49 -25.02 -16.76
CA ALA C 133 10.17 -23.86 -16.20
C ALA C 133 11.37 -23.43 -17.04
N ALA C 134 11.97 -24.37 -17.77
CA ALA C 134 13.11 -24.02 -18.60
C ALA C 134 12.69 -23.50 -19.96
N LEU C 135 11.72 -24.17 -20.60
CA LEU C 135 11.28 -23.75 -21.92
C LEU C 135 10.32 -22.56 -21.83
N LEU C 136 9.44 -22.55 -20.85
CA LEU C 136 8.53 -21.44 -20.60
C LEU C 136 8.99 -20.68 -19.36
N GLY C 137 8.26 -19.64 -19.01
CA GLY C 137 8.59 -18.82 -17.86
C GLY C 137 8.63 -19.60 -16.56
N GLY C 138 7.47 -20.08 -16.12
CA GLY C 138 7.40 -20.89 -14.92
C GLY C 138 6.58 -22.16 -15.14
N TRP C 139 6.01 -22.72 -14.09
CA TRP C 139 5.19 -23.91 -14.19
C TRP C 139 3.89 -23.72 -13.43
N CYS C 140 2.92 -24.58 -13.74
CA CYS C 140 1.59 -24.50 -13.16
C CYS C 140 0.94 -25.87 -13.27
N VAL C 141 0.56 -26.45 -12.14
CA VAL C 141 -0.12 -27.74 -12.09
C VAL C 141 -1.34 -27.62 -11.18
N TYR C 142 -2.16 -28.66 -11.20
CA TYR C 142 -3.39 -28.70 -10.41
C TYR C 142 -3.48 -30.04 -9.70
N MET C 143 -3.65 -30.01 -8.38
CA MET C 143 -3.78 -31.21 -7.57
C MET C 143 -5.24 -31.47 -7.27
N VAL C 144 -5.66 -32.73 -7.42
CA VAL C 144 -7.02 -33.13 -7.09
C VAL C 144 -7.12 -33.25 -5.57
N THR C 145 -7.91 -32.37 -4.95
CA THR C 145 -8.10 -32.40 -3.51
C THR C 145 -9.40 -33.06 -3.09
N GLY C 146 -10.33 -33.31 -4.02
CA GLY C 146 -11.54 -34.01 -3.66
C GLY C 146 -12.21 -34.63 -4.87
N ILE C 147 -13.05 -35.64 -4.58
CA ILE C 147 -13.82 -36.29 -5.64
C ILE C 147 -15.26 -36.48 -5.19
N MET C 148 -16.18 -36.42 -6.15
CA MET C 148 -17.58 -36.73 -5.96
C MET C 148 -17.90 -38.00 -6.74
N VAL C 149 -18.67 -38.90 -6.13
CA VAL C 149 -19.00 -40.19 -6.71
C VAL C 149 -20.50 -40.37 -6.68
N ALA C 150 -21.11 -40.57 -7.84
CA ALA C 150 -22.54 -40.81 -7.95
C ALA C 150 -22.82 -42.31 -8.03
N ARG C 151 -23.94 -42.71 -7.44
CA ARG C 151 -24.31 -44.13 -7.48
C ARG C 151 -24.73 -44.55 -8.88
N GLY C 152 -24.56 -45.82 -9.18
CA GLY C 152 -24.92 -46.37 -10.48
C GLY C 152 -26.33 -46.92 -10.53
N THR C 187 -23.21 -49.31 -11.09
CA THR C 187 -21.81 -49.08 -10.77
C THR C 187 -21.54 -47.60 -10.56
N ASP C 188 -20.90 -47.28 -9.42
CA ASP C 188 -20.64 -45.90 -9.08
C ASP C 188 -19.57 -45.31 -9.99
N PHE C 189 -19.60 -43.99 -10.14
CA PHE C 189 -18.69 -43.30 -11.04
C PHE C 189 -18.42 -41.89 -10.53
N VAL C 190 -17.26 -41.37 -10.90
CA VAL C 190 -16.85 -40.03 -10.45
C VAL C 190 -17.51 -38.99 -11.36
N CYS C 191 -18.27 -38.08 -10.75
CA CYS C 191 -19.00 -37.06 -11.50
C CYS C 191 -18.40 -35.67 -11.40
N ALA C 192 -17.54 -35.40 -10.42
CA ALA C 192 -16.95 -34.07 -10.28
C ALA C 192 -15.67 -34.18 -9.46
N ILE C 193 -14.77 -33.22 -9.67
CA ILE C 193 -13.50 -33.18 -8.95
C ILE C 193 -13.28 -31.78 -8.39
N ARG C 194 -12.57 -31.72 -7.27
CA ARG C 194 -12.17 -30.46 -6.64
C ARG C 194 -10.67 -30.35 -6.65
N LEU C 195 -10.16 -29.25 -7.21
CA LEU C 195 -8.75 -29.07 -7.50
C LEU C 195 -8.19 -27.85 -6.79
N VAL C 196 -6.87 -27.78 -6.75
CA VAL C 196 -6.15 -26.63 -6.23
C VAL C 196 -4.98 -26.33 -7.17
N LYS C 197 -4.69 -25.05 -7.38
CA LYS C 197 -3.69 -24.62 -8.34
C LYS C 197 -2.38 -24.37 -7.63
N ILE C 198 -1.34 -25.10 -8.03
CA ILE C 198 0.01 -24.94 -7.50
C ILE C 198 0.86 -24.32 -8.60
N ALA C 199 1.48 -23.18 -8.31
CA ALA C 199 2.20 -22.46 -9.36
C ALA C 199 3.38 -21.70 -8.77
N LYS C 200 4.55 -21.88 -9.39
CA LYS C 200 5.74 -21.09 -9.06
C LYS C 200 6.21 -20.43 -10.35
N SER C 201 5.98 -19.12 -10.47
CA SER C 201 6.33 -18.38 -11.65
C SER C 201 7.06 -17.10 -11.26
N GLY C 202 7.80 -16.55 -12.22
CA GLY C 202 8.56 -15.34 -11.97
C GLY C 202 9.81 -15.53 -11.14
N LEU C 203 10.38 -16.73 -11.12
CA LEU C 203 11.60 -17.02 -10.37
C LEU C 203 11.42 -16.72 -8.89
N ARG C 204 10.26 -17.10 -8.36
CA ARG C 204 9.89 -16.78 -6.98
C ARG C 204 10.57 -17.68 -5.96
N SER C 205 11.08 -18.84 -6.39
CA SER C 205 11.76 -19.82 -5.53
C SER C 205 10.84 -20.45 -4.50
N SER C 206 9.52 -20.33 -4.68
CA SER C 206 8.56 -20.94 -3.78
C SER C 206 7.21 -20.97 -4.49
N TRP C 207 6.57 -22.14 -4.51
CA TRP C 207 5.29 -22.25 -5.18
C TRP C 207 4.15 -21.74 -4.29
N THR C 208 3.09 -21.30 -4.93
CA THR C 208 1.90 -20.79 -4.26
C THR C 208 0.71 -21.66 -4.59
N MET C 209 -0.22 -21.76 -3.64
CA MET C 209 -1.37 -22.64 -3.72
C MET C 209 -2.65 -21.80 -3.62
N LYS C 210 -3.53 -21.96 -4.60
CA LYS C 210 -4.76 -21.18 -4.68
C LYS C 210 -5.94 -22.11 -4.94
N LYS C 211 -7.01 -21.95 -4.18
CA LYS C 211 -8.24 -22.70 -4.45
C LYS C 211 -8.78 -22.31 -5.82
N VAL C 212 -9.25 -23.32 -6.57
CA VAL C 212 -9.73 -23.14 -7.93
C VAL C 212 -11.25 -23.16 -7.92
N THR C 213 -11.85 -22.13 -8.53
CA THR C 213 -13.30 -22.03 -8.66
C THR C 213 -13.67 -21.95 -10.13
N ARG C 214 -14.96 -22.08 -10.41
CA ARG C 214 -15.47 -21.97 -11.78
C ARG C 214 -16.76 -21.16 -11.83
N SER D 1 -33.46 2.31 29.48
CA SER D 1 -33.58 3.55 28.73
C SER D 1 -32.50 3.65 27.65
N GLY D 2 -32.81 4.38 26.58
CA GLY D 2 -31.82 4.61 25.55
C GLY D 2 -30.67 5.46 26.06
N ARG D 3 -29.52 5.28 25.43
CA ARG D 3 -28.30 5.98 25.81
C ARG D 3 -27.61 6.48 24.55
N PRO D 4 -26.74 7.48 24.67
CA PRO D 4 -26.08 8.03 23.47
C PRO D 4 -25.30 6.96 22.72
N MET D 5 -25.39 7.01 21.39
CA MET D 5 -24.67 6.08 20.53
C MET D 5 -23.25 6.53 20.25
N ASP D 6 -22.88 7.74 20.65
CA ASP D 6 -21.52 8.26 20.51
C ASP D 6 -21.00 8.73 21.87
N ASN D 7 -21.35 7.99 22.93
CA ASN D 7 -21.05 8.44 24.29
C ASN D 7 -19.56 8.58 24.55
N GLU D 8 -18.71 7.93 23.75
CA GLU D 8 -17.28 8.08 23.89
C GLU D 8 -16.78 9.40 23.32
N GLU D 9 -17.63 10.15 22.62
CA GLU D 9 -17.23 11.40 22.00
C GLU D 9 -17.72 12.62 22.76
N TRP D 10 -18.27 12.44 23.95
CA TRP D 10 -18.83 13.53 24.75
C TRP D 10 -17.88 13.82 25.91
N PHE D 11 -17.23 14.98 25.87
CA PHE D 11 -16.34 15.44 26.94
C PHE D 11 -17.16 16.18 27.99
N PRO D 12 -17.11 15.76 29.26
CA PRO D 12 -17.90 16.43 30.29
C PRO D 12 -17.31 17.79 30.64
N LEU D 13 -18.20 18.70 31.05
CA LEU D 13 -17.78 20.00 31.54
C LEU D 13 -17.50 20.01 33.04
N LYS D 14 -17.72 18.88 33.73
CA LYS D 14 -17.39 18.72 35.14
C LYS D 14 -18.18 19.71 36.00
N GLN D 15 -17.66 20.04 37.19
CA GLN D 15 -18.44 20.80 38.16
C GLN D 15 -18.41 22.28 37.80
N THR D 16 -19.25 22.64 36.82
CA THR D 16 -19.42 24.01 36.39
C THR D 16 -20.91 24.27 36.17
N HIS D 17 -21.23 25.50 35.72
CA HIS D 17 -22.60 25.84 35.34
C HIS D 17 -22.54 26.76 34.12
N TYR D 18 -22.38 26.16 32.94
CA TYR D 18 -22.48 26.89 31.70
C TYR D 18 -23.93 26.90 31.24
N PRO D 19 -24.60 28.04 31.18
CA PRO D 19 -26.01 28.08 30.78
C PRO D 19 -26.17 27.67 29.33
N PRO D 20 -27.18 26.85 29.03
CA PRO D 20 -27.42 26.47 27.63
C PRO D 20 -28.00 27.63 26.85
N PRO D 21 -27.57 27.81 25.60
CA PRO D 21 -28.13 28.89 24.78
C PRO D 21 -29.58 28.59 24.43
N THR D 22 -30.35 29.65 24.23
CA THR D 22 -31.66 29.48 23.65
C THR D 22 -31.51 28.90 22.25
N ILE D 23 -32.43 28.01 21.87
CA ILE D 23 -32.34 27.37 20.56
C ILE D 23 -32.43 28.39 19.42
N PRO D 24 -33.32 29.39 19.44
CA PRO D 24 -33.31 30.37 18.34
C PRO D 24 -32.00 31.11 18.19
N SER D 25 -31.34 31.45 19.30
CA SER D 25 -30.06 32.15 19.21
C SER D 25 -28.96 31.26 18.66
N MET D 26 -29.08 29.94 18.85
CA MET D 26 -28.05 29.02 18.38
C MET D 26 -27.88 29.10 16.88
N LYS D 27 -28.99 29.02 16.13
CA LYS D 27 -28.92 29.03 14.68
C LYS D 27 -28.50 30.38 14.11
N THR D 28 -28.66 31.45 14.87
CA THR D 28 -28.35 32.79 14.39
C THR D 28 -26.86 33.08 14.38
N GLY D 29 -26.02 32.15 14.83
CA GLY D 29 -24.61 32.43 14.97
C GLY D 29 -24.26 33.32 16.13
N HIS D 30 -25.23 33.66 16.98
CA HIS D 30 -25.00 34.46 18.17
C HIS D 30 -25.75 33.82 19.33
N PRO D 31 -25.23 32.72 19.86
CA PRO D 31 -25.90 32.05 20.98
C PRO D 31 -25.82 32.87 22.25
N THR D 32 -26.86 32.75 23.08
CA THR D 32 -26.90 33.44 24.36
C THR D 32 -26.07 32.75 25.43
N GLY D 33 -25.43 31.63 25.10
CA GLY D 33 -24.64 30.90 26.07
C GLY D 33 -23.15 30.96 25.78
N PRO D 34 -22.33 30.67 26.79
CA PRO D 34 -20.87 30.73 26.59
C PRO D 34 -20.35 29.68 25.63
N ILE D 35 -20.89 28.46 25.68
CA ILE D 35 -20.45 27.36 24.82
C ILE D 35 -21.66 26.85 24.06
N SER D 36 -21.50 26.66 22.74
CA SER D 36 -22.62 26.31 21.89
C SER D 36 -22.11 25.67 20.61
N ILE D 37 -23.03 25.02 19.89
CA ILE D 37 -22.69 24.44 18.60
C ILE D 37 -22.25 25.54 17.64
N GLY D 38 -21.12 25.32 16.99
CA GLY D 38 -20.52 26.31 16.12
C GLY D 38 -19.35 27.06 16.72
N HIS D 39 -19.16 26.96 18.04
CA HIS D 39 -18.03 27.63 18.68
C HIS D 39 -16.72 26.92 18.35
N ILE D 40 -15.66 27.71 18.18
CA ILE D 40 -14.33 27.20 17.84
C ILE D 40 -13.43 27.40 19.06
N ILE D 41 -12.84 26.32 19.54
CA ILE D 41 -11.87 26.39 20.64
C ILE D 41 -10.51 25.98 20.09
N PRO D 42 -9.41 26.48 20.67
CA PRO D 42 -8.09 26.21 20.09
C PRO D 42 -7.53 24.84 20.44
N ASP D 43 -7.94 24.28 21.57
CA ASP D 43 -7.39 23.02 22.04
C ASP D 43 -8.37 22.36 23.00
N LEU D 44 -8.00 21.18 23.48
CA LEU D 44 -8.82 20.40 24.38
C LEU D 44 -8.52 20.66 25.86
N ARG D 45 -7.50 21.45 26.17
CA ARG D 45 -7.19 21.82 27.54
C ARG D 45 -7.98 23.04 28.01
N HIS D 46 -8.88 23.56 27.19
CA HIS D 46 -9.70 24.71 27.55
C HIS D 46 -11.18 24.35 27.57
N LEU D 47 -11.77 24.02 26.41
CA LEU D 47 -13.17 23.66 26.28
C LEU D 47 -14.12 24.81 26.61
N ASP D 48 -13.57 25.97 26.97
CA ASP D 48 -14.37 27.16 27.20
C ASP D 48 -13.79 28.41 26.58
N ASN D 49 -12.56 28.37 26.07
CA ASN D 49 -11.92 29.53 25.43
C ASN D 49 -12.35 29.57 23.97
N VAL D 50 -13.55 30.09 23.75
CA VAL D 50 -14.11 30.17 22.41
C VAL D 50 -13.43 31.30 21.65
N ILE D 51 -12.94 30.98 20.45
CA ILE D 51 -12.26 31.99 19.64
C ILE D 51 -13.27 32.96 19.03
N ASN D 52 -14.30 32.42 18.36
CA ASN D 52 -15.35 33.24 17.76
C ASN D 52 -16.39 33.63 18.82
N CYS D 53 -15.90 34.26 19.89
CA CYS D 53 -16.77 34.62 21.01
C CYS D 53 -17.67 35.81 20.68
N LYS D 54 -17.31 36.63 19.70
CA LYS D 54 -18.14 37.75 19.28
C LYS D 54 -19.24 37.33 18.30
N GLY D 55 -19.39 36.03 18.06
CA GLY D 55 -20.35 35.52 17.10
C GLY D 55 -19.66 34.83 15.93
N PHE D 56 -20.47 34.16 15.12
CA PHE D 56 -19.98 33.43 13.97
C PHE D 56 -21.09 33.36 12.92
N GLU D 57 -20.78 32.66 11.83
CA GLU D 57 -21.72 32.56 10.71
C GLU D 57 -23.01 31.89 11.16
N PRO D 58 -24.17 32.38 10.72
CA PRO D 58 -25.44 31.72 11.07
C PRO D 58 -25.50 30.32 10.48
N PHE D 59 -26.34 29.49 11.08
CA PHE D 59 -26.58 28.16 10.54
C PHE D 59 -27.17 28.26 9.14
N PRO D 60 -26.82 27.37 8.23
CA PRO D 60 -27.53 27.31 6.96
C PRO D 60 -28.98 26.97 7.19
N PRO D 61 -29.89 27.48 6.37
CA PRO D 61 -31.31 27.17 6.56
C PRO D 61 -31.62 25.69 6.40
N ASN D 62 -30.84 24.96 5.60
CA ASN D 62 -31.02 23.53 5.45
C ASN D 62 -30.39 22.73 6.57
N MET D 63 -29.50 23.35 7.36
CA MET D 63 -28.90 22.68 8.50
C MET D 63 -29.87 22.67 9.67
N ASP D 64 -30.20 21.49 10.16
CA ASP D 64 -31.19 21.31 11.21
C ASP D 64 -30.53 20.82 12.49
N VAL D 65 -31.16 21.14 13.61
CA VAL D 65 -30.69 20.73 14.93
C VAL D 65 -31.57 19.57 15.39
N PHE D 66 -30.95 18.43 15.68
CA PHE D 66 -31.65 17.23 16.11
C PHE D 66 -31.51 17.05 17.62
N THR D 67 -32.54 16.49 18.23
CA THR D 67 -32.68 16.44 19.68
C THR D 67 -32.94 15.02 20.15
N ALA D 68 -32.20 14.59 21.17
CA ALA D 68 -32.42 13.32 21.83
C ALA D 68 -32.69 13.55 23.32
N HIS D 69 -33.44 12.65 23.94
CA HIS D 69 -33.79 12.75 25.35
C HIS D 69 -33.37 11.46 26.05
N TYR D 70 -32.36 11.56 26.91
CA TYR D 70 -31.85 10.41 27.65
C TYR D 70 -32.26 10.53 29.11
N GLU D 71 -32.84 9.45 29.64
CA GLU D 71 -33.21 9.41 31.05
C GLU D 71 -31.98 9.56 31.94
N GLN D 72 -30.82 9.13 31.47
CA GLN D 72 -29.58 9.21 32.25
C GLN D 72 -28.40 9.08 31.28
N CYS D 73 -27.32 9.81 31.59
CA CYS D 73 -26.08 9.75 30.83
C CYS D 73 -24.92 9.57 31.79
N HIS D 74 -23.92 8.80 31.35
CA HIS D 74 -22.71 8.53 32.13
C HIS D 74 -21.51 8.89 31.26
N PHE D 75 -20.78 9.93 31.65
CA PHE D 75 -19.67 10.43 30.84
C PHE D 75 -18.31 10.23 31.51
N GLY D 76 -18.23 9.31 32.47
CA GLY D 76 -16.99 9.06 33.18
C GLY D 76 -16.10 8.05 32.48
N ASP D 77 -14.91 7.84 33.04
CA ASP D 77 -13.94 6.92 32.47
C ASP D 77 -14.22 5.51 32.98
N HIS D 78 -13.32 4.57 32.65
CA HIS D 78 -13.41 3.19 33.07
C HIS D 78 -12.70 2.94 34.39
N LEU D 79 -11.89 3.89 34.87
CA LEU D 79 -11.12 3.69 36.09
C LEU D 79 -12.02 3.75 37.31
N ASN D 80 -13.04 2.89 37.35
CA ASN D 80 -13.93 2.79 38.50
C ASN D 80 -13.24 2.01 39.61
N SER D 81 -13.94 1.87 40.75
CA SER D 81 -13.34 1.21 41.90
C SER D 81 -13.06 -0.26 41.63
N GLU D 82 -13.99 -0.95 40.95
CA GLU D 82 -13.82 -2.37 40.67
C GLU D 82 -12.62 -2.60 39.74
N PHE D 83 -12.51 -1.79 38.68
CA PHE D 83 -11.35 -1.90 37.80
C PHE D 83 -10.07 -1.57 38.54
N VAL D 84 -10.13 -0.61 39.48
CA VAL D 84 -8.96 -0.26 40.26
C VAL D 84 -8.49 -1.45 41.09
N VAL D 85 -9.44 -2.11 41.77
CA VAL D 85 -9.09 -3.28 42.57
C VAL D 85 -8.49 -4.37 41.68
N GLN D 86 -9.16 -4.68 40.56
CA GLN D 86 -8.70 -5.78 39.72
C GLN D 86 -7.47 -5.44 38.90
N ALA D 87 -7.04 -4.18 38.87
CA ALA D 87 -5.81 -3.78 38.20
C ALA D 87 -4.64 -3.63 39.17
N GLY D 88 -4.88 -3.79 40.47
CA GLY D 88 -3.84 -3.62 41.47
C GLY D 88 -3.47 -2.19 41.79
N LEU D 89 -4.17 -1.21 41.23
CA LEU D 89 -3.87 0.19 41.43
C LEU D 89 -4.61 0.80 42.62
N HIS D 90 -5.04 -0.02 43.57
CA HIS D 90 -5.69 0.49 44.77
C HIS D 90 -4.72 1.27 45.65
N HIS D 91 -3.41 1.08 45.45
CA HIS D 91 -2.42 1.79 46.25
C HIS D 91 -2.33 3.27 45.89
N THR D 92 -2.78 3.67 44.71
CA THR D 92 -2.74 5.05 44.26
C THR D 92 -4.14 5.58 44.02
N ASN D 93 -4.30 6.88 44.23
CA ASN D 93 -5.59 7.55 44.00
C ASN D 93 -5.74 7.79 42.51
N ILE D 94 -6.49 6.92 41.84
CA ILE D 94 -6.64 6.99 40.40
C ILE D 94 -8.10 7.05 39.96
N THR D 95 -9.05 6.63 40.79
CA THR D 95 -10.45 6.60 40.38
C THR D 95 -10.96 7.98 40.04
N SER D 96 -11.65 8.09 38.91
CA SER D 96 -12.28 9.32 38.48
C SER D 96 -13.75 9.33 38.90
N ASP D 97 -14.43 10.43 38.59
CA ASP D 97 -15.84 10.58 38.94
C ASP D 97 -16.72 9.97 37.86
N ARG D 98 -17.89 9.48 38.29
CA ARG D 98 -18.96 9.15 37.36
C ARG D 98 -19.73 10.43 37.06
N TRP D 99 -19.72 10.84 35.80
CA TRP D 99 -20.46 12.03 35.40
C TRP D 99 -21.88 11.64 34.98
N GLU D 100 -22.59 11.05 35.94
CA GLU D 100 -23.96 10.58 35.72
C GLU D 100 -24.93 11.74 35.91
N TYR D 101 -25.53 12.18 34.82
CA TYR D 101 -26.54 13.22 34.84
C TYR D 101 -27.89 12.64 34.48
N ASP D 102 -28.94 13.12 35.13
CA ASP D 102 -30.30 12.68 34.88
C ASP D 102 -31.05 13.69 34.02
N SER D 103 -31.99 13.18 33.23
CA SER D 103 -32.81 13.98 32.32
C SER D 103 -31.93 14.89 31.45
N VAL D 104 -31.21 14.23 30.55
CA VAL D 104 -30.28 14.92 29.65
C VAL D 104 -30.94 15.08 28.29
N VAL D 105 -30.66 16.21 27.63
CA VAL D 105 -31.16 16.49 26.30
C VAL D 105 -29.98 16.81 25.39
N GLU D 106 -29.87 16.08 24.30
CA GLU D 106 -28.78 16.24 23.33
C GLU D 106 -29.25 17.08 22.16
N TYR D 107 -28.48 18.11 21.82
CA TYR D 107 -28.66 18.89 20.60
C TYR D 107 -27.45 18.66 19.71
N ALA D 108 -27.71 18.23 18.47
CA ALA D 108 -26.64 17.82 17.57
C ALA D 108 -26.90 18.32 16.16
N VAL D 109 -25.83 18.59 15.44
CA VAL D 109 -25.89 18.97 14.02
C VAL D 109 -24.85 18.15 13.27
N TYR D 110 -24.92 18.25 11.95
CA TYR D 110 -23.93 17.60 11.08
C TYR D 110 -23.14 18.67 10.34
N PRO D 111 -21.83 18.80 10.59
CA PRO D 111 -21.08 19.88 9.96
C PRO D 111 -20.84 19.61 8.48
N THR D 112 -20.93 20.68 7.69
CA THR D 112 -20.59 20.64 6.27
C THR D 112 -19.30 21.40 6.04
N ARG D 113 -18.59 21.05 4.96
CA ARG D 113 -17.32 21.70 4.67
C ARG D 113 -17.52 23.19 4.39
N GLN D 114 -18.64 23.54 3.75
CA GLN D 114 -18.89 24.95 3.45
C GLN D 114 -19.14 25.75 4.72
N TYR D 115 -19.93 25.21 5.65
CA TYR D 115 -20.19 25.95 6.89
C TYR D 115 -18.93 26.06 7.73
N ILE D 116 -18.08 25.02 7.72
CA ILE D 116 -16.81 25.11 8.45
C ILE D 116 -15.90 26.15 7.81
N ASP D 117 -15.87 26.20 6.47
CA ASP D 117 -15.13 27.25 5.78
C ASP D 117 -15.61 28.62 6.22
N ARG D 118 -16.93 28.81 6.34
CA ARG D 118 -17.45 30.09 6.79
C ARG D 118 -17.13 30.35 8.26
N LEU D 119 -17.03 29.30 9.08
CA LEU D 119 -16.65 29.48 10.47
C LEU D 119 -15.20 29.88 10.61
N LEU D 120 -14.35 29.45 9.69
CA LEU D 120 -12.92 29.75 9.73
C LEU D 120 -12.60 31.15 9.23
N GLU D 121 -13.60 31.95 8.88
CA GLU D 121 -13.36 33.27 8.30
C GLU D 121 -13.71 34.43 9.22
N SER D 122 -14.31 34.17 10.38
CA SER D 122 -14.50 35.24 11.35
C SER D 122 -13.15 35.80 11.78
N LYS D 123 -13.12 37.11 12.04
CA LYS D 123 -11.86 37.80 12.33
C LYS D 123 -11.05 37.09 13.40
N GLU D 124 -11.70 36.48 14.39
CA GLU D 124 -10.99 35.81 15.46
C GLU D 124 -10.39 34.49 15.01
N VAL D 125 -11.15 33.68 14.27
CA VAL D 125 -10.69 32.35 13.91
C VAL D 125 -9.56 32.42 12.88
N ARG D 126 -9.72 33.25 11.85
CA ARG D 126 -8.65 33.40 10.86
C ARG D 126 -7.42 34.04 11.47
N GLN D 127 -7.58 34.85 12.53
CA GLN D 127 -6.43 35.41 13.22
C GLN D 127 -5.64 34.32 13.94
N TYR D 128 -6.34 33.44 14.67
CA TYR D 128 -5.68 32.35 15.36
C TYR D 128 -5.09 31.34 14.38
N ILE D 129 -5.69 31.18 13.21
CA ILE D 129 -5.20 30.21 12.23
C ILE D 129 -3.95 30.74 11.54
N GLN D 130 -3.98 32.00 11.12
CA GLN D 130 -2.82 32.58 10.43
C GLN D 130 -1.62 32.69 11.37
N ALA D 131 -1.87 33.10 12.62
CA ALA D 131 -0.77 33.20 13.58
C ALA D 131 -0.19 31.83 13.91
N SER D 132 -1.05 30.83 14.11
CA SER D 132 -0.56 29.48 14.38
C SER D 132 0.15 28.90 13.16
N ALA D 133 -0.27 29.27 11.95
CA ALA D 133 0.37 28.74 10.76
C ALA D 133 1.73 29.39 10.51
N ALA D 134 1.89 30.66 10.87
CA ALA D 134 3.16 31.35 10.64
C ALA D 134 4.18 31.03 11.73
N LEU D 135 3.77 31.15 12.99
CA LEU D 135 4.70 30.94 14.09
C LEU D 135 4.99 29.46 14.30
N LEU D 136 3.99 28.60 14.12
CA LEU D 136 4.14 27.16 14.27
C LEU D 136 4.05 26.50 12.90
N GLY D 137 4.07 25.17 12.90
CA GLY D 137 4.00 24.42 11.65
C GLY D 137 2.69 24.63 10.92
N GLY D 138 1.60 24.11 11.47
CA GLY D 138 0.29 24.32 10.90
C GLY D 138 -0.67 24.90 11.92
N TRP D 139 -1.96 24.58 11.78
CA TRP D 139 -2.96 25.04 12.73
C TRP D 139 -3.95 23.92 13.01
N CYS D 140 -4.59 24.01 14.18
CA CYS D 140 -5.55 23.00 14.61
C CYS D 140 -6.59 23.66 15.49
N VAL D 141 -7.86 23.49 15.15
CA VAL D 141 -8.97 24.00 15.92
C VAL D 141 -10.00 22.90 16.12
N TYR D 142 -10.93 23.14 17.03
CA TYR D 142 -11.97 22.17 17.35
C TYR D 142 -13.33 22.86 17.33
N MET D 143 -14.25 22.31 16.55
CA MET D 143 -15.59 22.86 16.41
C MET D 143 -16.57 22.06 17.27
N VAL D 144 -17.43 22.77 17.99
CA VAL D 144 -18.45 22.12 18.81
C VAL D 144 -19.58 21.68 17.89
N THR D 145 -19.78 20.37 17.80
CA THR D 145 -20.85 19.82 16.96
C THR D 145 -22.07 19.39 17.76
N GLY D 146 -21.96 19.25 19.08
CA GLY D 146 -23.11 18.89 19.87
C GLY D 146 -22.97 19.33 21.31
N ILE D 147 -24.11 19.49 21.98
CA ILE D 147 -24.14 19.83 23.39
C ILE D 147 -25.17 18.98 24.11
N MET D 148 -24.81 18.50 25.30
CA MET D 148 -25.74 17.86 26.21
C MET D 148 -26.14 18.87 27.29
N VAL D 149 -27.42 18.86 27.64
CA VAL D 149 -27.97 19.78 28.64
C VAL D 149 -28.63 18.96 29.72
N ALA D 150 -28.17 19.13 30.96
CA ALA D 150 -28.75 18.46 32.11
C ALA D 150 -29.83 19.34 32.72
N ARG D 151 -30.89 18.71 33.21
CA ARG D 151 -31.99 19.43 33.81
C ARG D 151 -31.66 19.83 35.25
N GLY D 152 -32.09 21.03 35.63
CA GLY D 152 -31.92 21.54 36.98
C GLY D 152 -33.12 21.25 37.86
N GLY D 153 -33.37 22.16 38.80
CA GLY D 153 -34.46 22.01 39.73
C GLY D 153 -35.68 22.83 39.35
N GLY D 154 -36.83 22.46 39.92
CA GLY D 154 -38.08 23.16 39.65
C GLY D 154 -38.19 24.50 40.35
N HIS D 185 -35.64 25.27 31.81
CA HIS D 185 -35.53 26.41 32.73
C HIS D 185 -34.13 27.01 32.69
N THR D 186 -33.97 28.16 33.36
CA THR D 186 -32.66 28.78 33.49
C THR D 186 -31.73 27.97 34.39
N THR D 187 -32.28 27.05 35.19
CA THR D 187 -31.45 26.22 36.05
C THR D 187 -30.75 25.09 35.30
N ASP D 188 -31.22 24.76 34.10
CA ASP D 188 -30.54 23.77 33.28
C ASP D 188 -29.14 24.25 32.91
N PHE D 189 -28.25 23.31 32.62
CA PHE D 189 -26.87 23.65 32.32
C PHE D 189 -26.28 22.65 31.35
N VAL D 190 -25.21 23.06 30.68
CA VAL D 190 -24.52 22.19 29.73
C VAL D 190 -23.56 21.30 30.50
N CYS D 191 -23.72 19.98 30.36
CA CYS D 191 -22.90 19.02 31.06
C CYS D 191 -21.84 18.35 30.20
N ALA D 192 -21.95 18.39 28.88
CA ALA D 192 -21.00 17.73 28.01
C ALA D 192 -21.06 18.33 26.61
N ILE D 193 -19.93 18.24 25.90
CA ILE D 193 -19.85 18.75 24.54
C ILE D 193 -19.24 17.69 23.63
N ARG D 194 -19.68 17.69 22.37
CA ARG D 194 -19.14 16.83 21.33
C ARG D 194 -18.48 17.70 20.28
N LEU D 195 -17.22 17.39 19.98
CA LEU D 195 -16.33 18.23 19.20
C LEU D 195 -15.84 17.51 17.95
N VAL D 196 -15.12 18.26 17.12
CA VAL D 196 -14.57 17.76 15.87
C VAL D 196 -13.26 18.50 15.60
N LYS D 197 -12.21 17.76 15.25
CA LYS D 197 -10.89 18.33 15.03
C LYS D 197 -10.76 18.75 13.57
N ILE D 198 -10.44 20.03 13.36
CA ILE D 198 -10.25 20.63 12.04
C ILE D 198 -8.79 21.07 11.98
N ALA D 199 -7.99 20.40 11.16
CA ALA D 199 -6.55 20.60 11.22
C ALA D 199 -5.96 20.69 9.82
N LYS D 200 -4.86 21.43 9.70
CA LYS D 200 -4.05 21.46 8.49
C LYS D 200 -2.62 21.74 8.89
N SER D 201 -1.76 20.74 8.78
CA SER D 201 -0.35 20.86 9.17
C SER D 201 0.65 20.47 8.10
N GLY D 202 0.23 19.78 7.05
CA GLY D 202 1.13 19.36 5.99
C GLY D 202 1.33 20.36 4.87
N LEU D 203 0.88 21.60 5.04
CA LEU D 203 0.96 22.62 4.00
C LEU D 203 0.30 22.16 2.71
N ARG D 204 -0.75 21.35 2.83
CA ARG D 204 -1.42 20.74 1.68
C ARG D 204 -2.58 21.56 1.16
N SER D 205 -2.79 22.77 1.69
CA SER D 205 -3.86 23.68 1.26
C SER D 205 -5.25 23.06 1.39
N SER D 206 -5.39 22.08 2.28
CA SER D 206 -6.68 21.40 2.45
C SER D 206 -6.79 20.99 3.92
N TRP D 207 -7.72 21.60 4.65
CA TRP D 207 -7.94 21.22 6.04
C TRP D 207 -8.75 19.93 6.08
N THR D 208 -8.42 19.08 7.07
CA THR D 208 -9.06 17.80 7.26
C THR D 208 -9.89 17.83 8.55
N MET D 209 -10.95 17.02 8.55
CA MET D 209 -11.92 16.96 9.63
C MET D 209 -11.96 15.54 10.19
N LYS D 210 -11.96 15.42 11.51
CA LYS D 210 -12.02 14.10 12.13
C LYS D 210 -12.72 14.18 13.48
N LYS D 211 -13.55 13.19 13.78
CA LYS D 211 -14.22 13.15 15.06
C LYS D 211 -13.23 12.83 16.18
N VAL D 212 -13.51 13.36 17.36
CA VAL D 212 -12.65 13.18 18.52
C VAL D 212 -13.33 12.22 19.50
N THR D 213 -12.52 11.43 20.19
CA THR D 213 -13.01 10.42 21.11
C THR D 213 -12.36 10.57 22.48
N ARG D 214 -12.83 9.77 23.42
CA ARG D 214 -12.32 9.75 24.79
C ARG D 214 -12.36 11.13 25.45
N SER E 1 15.27 34.47 29.30
CA SER E 1 15.21 33.06 29.65
C SER E 1 15.17 32.18 28.40
N GLY E 2 15.40 32.79 27.24
CA GLY E 2 15.45 32.04 26.00
C GLY E 2 14.14 31.36 25.69
N ARG E 3 14.23 30.13 25.17
CA ARG E 3 13.05 29.36 24.86
C ARG E 3 12.59 28.56 26.08
N PRO E 4 11.28 28.40 26.25
CA PRO E 4 10.76 27.73 27.44
C PRO E 4 11.17 26.27 27.49
N MET E 5 11.15 25.72 28.70
CA MET E 5 11.51 24.32 28.91
C MET E 5 10.37 23.36 28.57
N ASP E 6 9.12 23.82 28.64
CA ASP E 6 7.96 22.96 28.39
C ASP E 6 7.80 22.72 26.88
N ASN E 7 8.73 21.92 26.35
CA ASN E 7 8.70 21.55 24.95
C ASN E 7 7.53 20.61 24.67
N GLU E 8 7.38 20.19 23.42
CA GLU E 8 6.36 19.21 23.08
C GLU E 8 6.67 17.83 23.64
N GLU E 9 7.94 17.56 23.95
CA GLU E 9 8.36 16.27 24.49
C GLU E 9 8.25 16.19 26.00
N TRP E 10 8.03 17.31 26.69
CA TRP E 10 8.09 17.37 28.15
C TRP E 10 6.74 17.82 28.71
N PHE E 11 6.08 16.92 29.42
CA PHE E 11 4.84 17.24 30.11
C PHE E 11 5.15 17.88 31.46
N PRO E 12 4.67 19.08 31.74
CA PRO E 12 5.00 19.72 33.02
C PRO E 12 4.19 19.16 34.17
N LEU E 13 4.88 18.91 35.29
CA LEU E 13 4.23 18.46 36.51
C LEU E 13 3.91 19.69 37.35
N LYS E 14 2.64 20.08 37.37
CA LYS E 14 2.20 21.26 38.10
C LYS E 14 1.23 20.94 39.23
N GLN E 15 0.96 19.66 39.48
CA GLN E 15 0.08 19.30 40.59
C GLN E 15 0.77 19.54 41.93
N THR E 16 1.91 18.88 42.14
CA THR E 16 2.64 18.98 43.39
C THR E 16 4.14 18.89 43.10
N HIS E 17 4.92 19.69 43.82
CA HIS E 17 6.37 19.65 43.70
C HIS E 17 6.92 18.38 44.35
N TYR E 18 7.04 17.30 43.58
CA TYR E 18 7.63 16.08 44.10
C TYR E 18 9.15 16.21 44.15
N PRO E 19 9.79 15.82 45.25
CA PRO E 19 11.25 15.94 45.31
C PRO E 19 11.91 14.94 44.39
N PRO E 20 13.08 15.27 43.84
CA PRO E 20 13.72 14.39 42.87
C PRO E 20 14.36 13.19 43.54
N PRO E 21 14.63 12.13 42.80
CA PRO E 21 15.36 11.00 43.36
C PRO E 21 16.87 11.18 43.22
N THR E 22 17.60 10.55 44.13
CA THR E 22 19.05 10.54 44.02
C THR E 22 19.46 9.80 42.76
N ILE E 23 20.55 10.26 42.14
CA ILE E 23 20.99 9.70 40.86
C ILE E 23 21.25 8.20 40.94
N PRO E 24 21.95 7.67 41.96
CA PRO E 24 22.13 6.21 42.01
C PRO E 24 20.83 5.44 42.22
N SER E 25 19.86 6.01 42.95
CA SER E 25 18.61 5.30 43.17
C SER E 25 17.81 5.11 41.90
N MET E 26 18.06 5.92 40.87
CA MET E 26 17.35 5.76 39.61
C MET E 26 17.81 4.51 38.87
N LYS E 27 19.11 4.23 38.90
CA LYS E 27 19.64 3.06 38.22
C LYS E 27 19.35 1.76 38.97
N THR E 28 19.14 1.83 40.28
CA THR E 28 18.94 0.62 41.09
C THR E 28 17.53 0.07 41.00
N GLY E 29 16.60 0.81 40.39
CA GLY E 29 15.22 0.36 40.33
C GLY E 29 14.39 0.66 41.56
N HIS E 30 14.99 1.24 42.59
CA HIS E 30 14.28 1.63 43.82
C HIS E 30 14.58 3.10 44.07
N PRO E 31 13.95 4.00 43.33
CA PRO E 31 14.26 5.42 43.48
C PRO E 31 13.77 5.99 44.80
N THR E 32 14.45 7.03 45.26
CA THR E 32 14.06 7.70 46.49
C THR E 32 12.92 8.68 46.27
N GLY E 33 12.78 9.20 45.05
CA GLY E 33 11.72 10.12 44.73
C GLY E 33 10.48 9.41 44.21
N PRO E 34 9.32 10.03 44.39
CA PRO E 34 8.07 9.39 43.93
C PRO E 34 7.93 9.35 42.42
N ILE E 35 8.68 10.16 41.67
CA ILE E 35 8.63 10.17 40.21
C ILE E 35 10.06 10.06 39.68
N SER E 36 10.31 9.01 38.90
CA SER E 36 11.65 8.77 38.38
C SER E 36 11.55 8.09 37.02
N ILE E 37 12.70 8.00 36.35
CA ILE E 37 12.78 7.26 35.10
C ILE E 37 12.50 5.79 35.37
N GLY E 38 11.79 5.14 34.45
CA GLY E 38 11.42 3.75 34.60
C GLY E 38 10.08 3.53 35.23
N HIS E 39 9.38 4.58 35.65
CA HIS E 39 8.06 4.43 36.23
C HIS E 39 7.00 4.34 35.13
N ILE E 40 6.03 3.45 35.36
CA ILE E 40 4.92 3.24 34.45
C ILE E 40 3.70 3.96 34.99
N ILE E 41 3.04 4.74 34.14
CA ILE E 41 1.82 5.44 34.53
C ILE E 41 0.67 4.96 33.64
N PRO E 42 -0.58 5.03 34.09
CA PRO E 42 -1.68 4.49 33.30
C PRO E 42 -2.02 5.29 32.05
N ASP E 43 -2.15 6.60 32.19
CA ASP E 43 -2.52 7.45 31.06
C ASP E 43 -1.95 8.85 31.26
N LEU E 44 -2.12 9.69 30.24
CA LEU E 44 -1.61 11.05 30.26
C LEU E 44 -2.35 11.95 31.24
N ARG E 45 -3.51 11.51 31.74
CA ARG E 45 -4.30 12.28 32.69
C ARG E 45 -4.03 11.86 34.13
N HIS E 46 -3.06 10.98 34.36
CA HIS E 46 -2.65 10.56 35.70
C HIS E 46 -1.13 10.44 35.73
N LEU E 47 -0.44 11.57 35.55
CA LEU E 47 1.01 11.56 35.49
C LEU E 47 1.64 11.24 36.84
N ASP E 48 0.94 11.54 37.93
CA ASP E 48 1.47 11.23 39.26
C ASP E 48 1.30 9.76 39.62
N ASN E 49 0.21 9.13 39.17
CA ASN E 49 -0.12 7.77 39.58
C ASN E 49 0.87 6.79 38.96
N VAL E 50 1.65 6.12 39.80
CA VAL E 50 2.65 5.17 39.36
C VAL E 50 2.13 3.76 39.59
N ILE E 51 2.22 2.92 38.57
CA ILE E 51 1.80 1.53 38.70
C ILE E 51 2.85 0.72 39.45
N ASN E 52 4.10 0.80 39.02
CA ASN E 52 5.20 0.07 39.66
C ASN E 52 5.84 0.92 40.76
N CYS E 53 5.02 1.26 41.75
CA CYS E 53 5.47 2.10 42.86
C CYS E 53 6.31 1.32 43.87
N LYS E 54 6.21 -0.01 43.88
CA LYS E 54 7.00 -0.81 44.80
C LYS E 54 8.44 -1.00 44.33
N GLY E 55 8.71 -0.82 43.05
CA GLY E 55 10.04 -0.97 42.51
C GLY E 55 9.99 -1.58 41.11
N PHE E 56 11.07 -1.38 40.38
CA PHE E 56 11.20 -1.92 39.02
C PHE E 56 12.62 -2.44 38.83
N GLU E 57 12.88 -2.97 37.64
CA GLU E 57 14.18 -3.59 37.37
C GLU E 57 15.29 -2.54 37.38
N PRO E 58 16.45 -2.85 37.95
CA PRO E 58 17.59 -1.93 37.83
C PRO E 58 18.00 -1.74 36.38
N PHE E 59 18.58 -0.59 36.09
CA PHE E 59 18.94 -0.26 34.72
C PHE E 59 20.08 -1.16 34.25
N PRO E 60 19.92 -1.86 33.13
CA PRO E 60 21.00 -2.70 32.62
C PRO E 60 22.18 -1.86 32.15
N PRO E 61 23.34 -2.45 31.90
CA PRO E 61 24.52 -1.66 31.52
C PRO E 61 24.36 -0.89 30.21
N ASN E 62 23.41 -1.25 29.36
CA ASN E 62 23.18 -0.53 28.11
C ASN E 62 22.18 0.62 28.27
N MET E 63 21.91 1.05 29.51
CA MET E 63 20.94 2.12 29.80
C MET E 63 21.53 3.03 30.88
N ASP E 64 22.40 3.94 30.47
CA ASP E 64 22.96 4.91 31.39
C ASP E 64 22.16 6.21 31.34
N VAL E 65 22.08 6.90 32.48
CA VAL E 65 21.35 8.15 32.56
C VAL E 65 22.23 9.28 32.03
N PHE E 66 21.68 10.08 31.14
CA PHE E 66 22.39 11.22 30.57
C PHE E 66 21.77 12.52 31.04
N THR E 67 22.58 13.57 31.10
CA THR E 67 22.17 14.81 31.73
C THR E 67 22.24 15.98 30.75
N ALA E 68 21.44 16.99 31.03
CA ALA E 68 21.46 18.25 30.27
C ALA E 68 21.12 19.39 31.22
N HIS E 69 22.05 20.32 31.41
CA HIS E 69 21.86 21.42 32.35
C HIS E 69 21.47 22.69 31.62
N TYR E 70 20.56 23.46 32.25
CA TYR E 70 20.07 24.70 31.70
C TYR E 70 19.97 25.72 32.84
N GLU E 71 20.17 27.00 32.50
CA GLU E 71 20.12 28.07 33.47
C GLU E 71 19.15 29.16 33.00
N GLN E 72 18.57 29.86 33.97
CA GLN E 72 17.60 30.93 33.72
C GLN E 72 16.49 30.44 32.80
N CYS E 73 15.70 29.51 33.33
CA CYS E 73 14.64 28.84 32.60
C CYS E 73 13.28 29.36 33.06
N HIS E 74 12.30 29.23 32.17
CA HIS E 74 10.94 29.64 32.47
C HIS E 74 9.97 28.62 31.90
N PHE E 75 8.73 28.67 32.38
CA PHE E 75 7.67 27.76 31.96
C PHE E 75 6.49 28.58 31.47
N GLY E 76 6.32 28.64 30.15
CA GLY E 76 5.20 29.34 29.54
C GLY E 76 4.75 28.66 28.27
N ASP E 77 4.91 29.35 27.13
CA ASP E 77 4.64 28.81 25.80
C ASP E 77 3.16 28.46 25.60
N HIS E 78 2.31 28.78 26.58
CA HIS E 78 0.88 28.49 26.50
C HIS E 78 0.13 29.81 26.39
N LEU E 79 -0.13 30.21 25.15
CA LEU E 79 -0.86 31.45 24.83
C LEU E 79 -0.23 32.64 25.55
N ASN E 80 1.00 32.96 25.12
CA ASN E 80 1.74 34.06 25.72
C ASN E 80 1.06 35.39 25.41
N SER E 81 1.56 36.45 26.06
CA SER E 81 0.96 37.76 25.88
C SER E 81 1.04 38.23 24.43
N GLU E 82 2.11 37.88 23.72
CA GLU E 82 2.22 38.29 22.33
C GLU E 82 1.37 37.40 21.41
N PHE E 83 1.35 36.09 21.66
CA PHE E 83 0.56 35.20 20.83
C PHE E 83 -0.92 35.49 20.95
N VAL E 84 -1.37 35.94 22.12
CA VAL E 84 -2.79 36.20 22.33
C VAL E 84 -3.24 37.45 21.56
N VAL E 85 -2.43 38.50 21.58
CA VAL E 85 -2.86 39.75 20.95
C VAL E 85 -2.85 39.65 19.43
N GLN E 86 -1.92 38.87 18.86
CA GLN E 86 -1.88 38.71 17.42
C GLN E 86 -2.69 37.52 16.93
N ALA E 87 -3.35 36.80 17.83
CA ALA E 87 -4.32 35.78 17.46
C ALA E 87 -5.75 36.20 17.80
N GLY E 88 -5.93 37.33 18.48
CA GLY E 88 -7.25 37.83 18.81
C GLY E 88 -7.91 37.17 20.01
N LEU E 89 -7.16 36.35 20.76
CA LEU E 89 -7.73 35.68 21.92
C LEU E 89 -7.82 36.63 23.11
N HIS E 90 -8.48 36.16 24.17
CA HIS E 90 -8.56 36.88 25.44
C HIS E 90 -9.16 35.98 26.52
N SER E 96 -1.45 34.38 32.89
CA SER E 96 -0.54 33.38 33.43
C SER E 96 0.76 34.01 33.93
N ASP E 97 1.11 33.73 35.18
CA ASP E 97 2.34 34.23 35.78
C ASP E 97 3.45 33.22 35.54
N ARG E 98 4.40 33.57 34.69
CA ARG E 98 5.51 32.68 34.38
C ARG E 98 6.42 32.52 35.60
N TRP E 99 6.83 31.28 35.86
CA TRP E 99 7.74 30.98 36.96
C TRP E 99 9.16 30.89 36.41
N GLU E 100 10.08 31.57 37.07
CA GLU E 100 11.47 31.66 36.63
C GLU E 100 12.35 30.83 37.57
N TYR E 101 12.86 29.72 37.07
CA TYR E 101 13.81 28.89 37.80
C TYR E 101 15.22 29.19 37.32
N ASP E 102 16.21 28.92 38.17
CA ASP E 102 17.58 29.31 37.88
C ASP E 102 18.45 28.14 37.42
N SER E 103 18.10 26.91 37.77
CA SER E 103 18.87 25.75 37.34
C SER E 103 17.91 24.59 37.10
N VAL E 104 17.89 24.07 35.88
CA VAL E 104 17.01 22.97 35.51
C VAL E 104 17.84 21.89 34.85
N VAL E 105 17.70 20.66 35.32
CA VAL E 105 18.49 19.53 34.82
C VAL E 105 17.54 18.49 34.24
N GLU E 106 17.83 18.04 33.03
CA GLU E 106 17.13 16.94 32.38
C GLU E 106 17.94 15.67 32.55
N TYR E 107 17.30 14.62 33.05
CA TYR E 107 17.87 13.28 33.12
C TYR E 107 17.10 12.40 32.16
N ALA E 108 17.81 11.78 31.22
CA ALA E 108 17.19 11.06 30.12
C ALA E 108 17.80 9.68 29.96
N VAL E 109 16.99 8.76 29.41
CA VAL E 109 17.36 7.37 29.20
C VAL E 109 16.67 6.87 27.94
N TYR E 110 17.39 6.08 27.15
CA TYR E 110 16.80 5.44 25.98
C TYR E 110 16.50 3.99 26.31
N PRO E 111 15.23 3.59 26.40
CA PRO E 111 14.92 2.22 26.80
C PRO E 111 15.15 1.22 25.67
N THR E 112 15.58 0.02 26.06
CA THR E 112 15.71 -1.10 25.16
C THR E 112 14.46 -1.97 25.23
N ARG E 113 14.16 -2.64 24.12
CA ARG E 113 12.99 -3.51 24.09
C ARG E 113 13.07 -4.61 25.14
N GLN E 114 14.28 -5.08 25.44
CA GLN E 114 14.44 -6.10 26.47
C GLN E 114 14.04 -5.58 27.84
N TYR E 115 14.47 -4.35 28.16
CA TYR E 115 14.12 -3.77 29.45
C TYR E 115 12.61 -3.56 29.57
N ILE E 116 11.97 -3.17 28.49
CA ILE E 116 10.52 -2.99 28.50
C ILE E 116 9.83 -4.34 28.68
N ASP E 117 10.27 -5.35 27.93
CA ASP E 117 9.73 -6.69 28.07
C ASP E 117 9.82 -7.17 29.52
N ARG E 118 10.93 -6.86 30.18
CA ARG E 118 11.05 -7.23 31.59
C ARG E 118 10.12 -6.39 32.47
N LEU E 119 9.97 -5.11 32.16
CA LEU E 119 9.10 -4.25 32.96
C LEU E 119 7.64 -4.64 32.82
N LEU E 120 7.22 -5.11 31.64
CA LEU E 120 5.85 -5.56 31.46
C LEU E 120 5.57 -6.88 32.16
N GLU E 121 6.54 -7.44 32.89
CA GLU E 121 6.35 -8.67 33.63
C GLU E 121 6.36 -8.48 35.14
N SER E 122 6.66 -7.28 35.62
CA SER E 122 6.54 -7.01 37.06
C SER E 122 5.09 -7.17 37.49
N LYS E 123 4.90 -7.51 38.77
CA LYS E 123 3.59 -7.91 39.25
C LYS E 123 2.54 -6.82 39.01
N GLU E 124 2.87 -5.58 39.38
CA GLU E 124 1.88 -4.50 39.28
C GLU E 124 1.56 -4.18 37.83
N VAL E 125 2.58 -4.01 37.00
CA VAL E 125 2.37 -3.70 35.59
C VAL E 125 1.66 -4.85 34.89
N ARG E 126 2.07 -6.09 35.19
CA ARG E 126 1.41 -7.24 34.58
C ARG E 126 -0.06 -7.30 34.96
N GLN E 127 -0.38 -7.03 36.23
CA GLN E 127 -1.78 -7.09 36.65
C GLN E 127 -2.60 -5.99 36.00
N TYR E 128 -2.06 -4.77 35.95
CA TYR E 128 -2.79 -3.69 35.26
C TYR E 128 -3.01 -4.03 33.80
N ILE E 129 -1.99 -4.55 33.13
CA ILE E 129 -2.10 -4.87 31.70
C ILE E 129 -3.13 -5.97 31.48
N GLN E 130 -3.12 -7.00 32.34
CA GLN E 130 -4.07 -8.10 32.17
C GLN E 130 -5.50 -7.64 32.43
N ALA E 131 -5.71 -6.82 33.46
CA ALA E 131 -7.05 -6.28 33.72
C ALA E 131 -7.53 -5.45 32.54
N SER E 132 -6.67 -4.56 32.02
CA SER E 132 -7.06 -3.72 30.91
C SER E 132 -7.34 -4.54 29.66
N ALA E 133 -6.59 -5.62 29.45
CA ALA E 133 -6.80 -6.45 28.28
C ALA E 133 -8.09 -7.24 28.38
N ALA E 134 -8.42 -7.74 29.57
CA ALA E 134 -9.62 -8.56 29.71
C ALA E 134 -10.88 -7.70 29.71
N LEU E 135 -10.87 -6.56 30.39
CA LEU E 135 -12.07 -5.74 30.50
C LEU E 135 -12.23 -4.77 29.33
N LEU E 136 -11.14 -4.23 28.82
CA LEU E 136 -11.16 -3.29 27.71
C LEU E 136 -10.70 -4.00 26.44
N GLY E 137 -10.48 -3.22 25.38
CA GLY E 137 -9.96 -3.77 24.15
C GLY E 137 -8.57 -4.35 24.30
N GLY E 138 -7.57 -3.50 24.51
CA GLY E 138 -6.22 -3.90 24.77
C GLY E 138 -5.71 -3.27 26.04
N TRP E 139 -4.41 -2.94 26.04
CA TRP E 139 -3.79 -2.26 27.16
C TRP E 139 -2.89 -1.15 26.64
N CYS E 140 -2.58 -0.20 27.52
CA CYS E 140 -1.78 0.96 27.14
C CYS E 140 -1.15 1.53 28.40
N VAL E 141 0.18 1.63 28.42
CA VAL E 141 0.91 2.23 29.53
C VAL E 141 1.91 3.24 28.97
N TYR E 142 2.39 4.11 29.86
CA TYR E 142 3.37 5.12 29.51
C TYR E 142 4.56 5.00 30.46
N MET E 143 5.77 4.96 29.89
CA MET E 143 6.99 4.83 30.66
C MET E 143 7.71 6.17 30.72
N VAL E 144 8.11 6.57 31.93
CA VAL E 144 8.88 7.80 32.12
C VAL E 144 10.29 7.56 31.60
N THR E 145 10.63 8.17 30.47
CA THR E 145 11.96 8.07 29.92
C THR E 145 12.86 9.22 30.32
N GLY E 146 12.30 10.30 30.87
CA GLY E 146 13.12 11.39 31.35
C GLY E 146 12.41 12.20 32.41
N ILE E 147 13.19 12.89 33.23
CA ILE E 147 12.66 13.79 34.25
C ILE E 147 13.42 15.11 34.22
N MET E 148 12.68 16.20 34.40
CA MET E 148 13.24 17.55 34.49
C MET E 148 13.07 18.04 35.92
N VAL E 149 14.21 18.30 36.57
CA VAL E 149 14.26 18.72 37.97
C VAL E 149 14.67 20.18 38.01
N ALA E 150 13.91 20.99 38.76
CA ALA E 150 14.17 22.42 38.88
C ALA E 150 14.78 22.71 40.26
N ARG E 151 15.92 23.40 40.26
CA ARG E 151 16.57 23.83 41.48
C ARG E 151 16.34 25.33 41.65
N GLY E 152 15.88 25.74 42.83
CA GLY E 152 15.57 27.14 43.07
C GLY E 152 14.25 27.54 42.47
N GLY E 153 13.74 28.72 42.82
CA GLY E 153 12.47 29.18 42.31
C GLY E 153 12.44 30.68 42.15
N GLY E 154 11.34 31.17 41.57
CA GLY E 154 11.17 32.60 41.36
C GLY E 154 9.72 32.96 41.07
N THR E 186 12.11 26.15 47.50
CA THR E 186 13.57 26.21 47.54
C THR E 186 14.16 24.82 47.26
N THR E 187 13.51 23.80 47.79
CA THR E 187 13.95 22.43 47.57
C THR E 187 13.74 22.03 46.11
N ASP E 188 14.66 21.22 45.60
CA ASP E 188 14.54 20.71 44.24
C ASP E 188 13.23 19.93 44.06
N PHE E 189 12.76 19.89 42.83
CA PHE E 189 11.52 19.15 42.54
C PHE E 189 11.50 18.78 41.06
N VAL E 190 10.90 17.62 40.78
CA VAL E 190 10.72 17.17 39.40
C VAL E 190 9.66 18.05 38.76
N CYS E 191 10.08 18.93 37.84
CA CYS E 191 9.15 19.86 37.23
C CYS E 191 8.54 19.33 35.94
N ALA E 192 9.16 18.35 35.27
CA ALA E 192 8.56 17.83 34.06
C ALA E 192 8.93 16.36 33.89
N ILE E 193 8.20 15.68 33.01
CA ILE E 193 8.49 14.28 32.68
C ILE E 193 8.40 14.09 31.17
N ARG E 194 9.22 13.19 30.65
CA ARG E 194 9.22 12.80 29.24
C ARG E 194 8.87 11.32 29.16
N LEU E 195 7.85 11.00 28.38
CA LEU E 195 7.22 9.69 28.38
C LEU E 195 7.35 9.01 27.02
N VAL E 196 7.10 7.69 27.03
CA VAL E 196 6.94 6.90 25.82
C VAL E 196 5.71 6.03 26.01
N LYS E 197 4.97 5.80 24.93
CA LYS E 197 3.70 5.09 24.97
C LYS E 197 3.89 3.66 24.49
N ILE E 198 3.57 2.69 25.35
CA ILE E 198 3.65 1.28 25.04
C ILE E 198 2.22 0.74 24.95
N ALA E 199 1.90 0.08 23.84
CA ALA E 199 0.52 -0.33 23.61
C ALA E 199 0.47 -1.67 22.88
N LYS E 200 -0.68 -2.33 23.00
CA LYS E 200 -0.95 -3.58 22.29
C LYS E 200 -2.45 -3.70 22.15
N SER E 201 -2.95 -3.58 20.92
CA SER E 201 -4.39 -3.64 20.66
C SER E 201 -4.63 -4.48 19.41
N GLY E 202 -5.91 -4.73 19.14
CA GLY E 202 -6.28 -5.52 17.98
C GLY E 202 -5.83 -6.96 18.03
N LEU E 203 -5.60 -7.49 19.23
CA LEU E 203 -5.16 -8.87 19.45
C LEU E 203 -3.81 -9.16 18.82
N ARG E 204 -3.00 -8.12 18.57
CA ARG E 204 -1.66 -8.34 18.07
C ARG E 204 -0.77 -8.92 19.16
N SER E 205 0.30 -9.59 18.73
CA SER E 205 1.19 -10.28 19.67
C SER E 205 2.32 -9.40 20.18
N SER E 206 2.78 -8.45 19.36
CA SER E 206 3.91 -7.60 19.71
C SER E 206 3.41 -6.22 20.13
N TRP E 207 3.92 -5.72 21.26
CA TRP E 207 3.62 -4.37 21.69
C TRP E 207 4.47 -3.36 20.92
N THR E 208 3.95 -2.15 20.81
CA THR E 208 4.63 -1.07 20.10
C THR E 208 4.88 0.09 21.05
N MET E 209 6.05 0.72 20.92
CA MET E 209 6.41 1.89 21.70
C MET E 209 6.60 3.08 20.77
N LYS E 210 6.08 4.24 21.18
CA LYS E 210 6.11 5.44 20.36
C LYS E 210 6.33 6.67 21.23
N LYS E 211 7.08 7.63 20.71
CA LYS E 211 7.27 8.88 21.42
C LYS E 211 5.96 9.65 21.53
N VAL E 212 5.78 10.34 22.65
CA VAL E 212 4.58 11.13 22.91
C VAL E 212 4.92 12.61 22.76
N THR E 213 3.97 13.38 22.25
CA THR E 213 4.12 14.81 22.10
C THR E 213 2.84 15.49 22.56
N ARG E 214 2.91 16.82 22.68
CA ARG E 214 1.76 17.59 23.16
C ARG E 214 1.71 18.97 22.50
N SER F 1 5.04 -23.59 -40.34
CA SER F 1 6.45 -23.70 -39.97
C SER F 1 6.86 -22.58 -39.02
N GLY F 2 8.13 -22.57 -38.62
CA GLY F 2 8.63 -21.57 -37.71
C GLY F 2 7.96 -21.65 -36.35
N ARG F 3 7.77 -20.48 -35.75
CA ARG F 3 7.06 -20.43 -34.47
C ARG F 3 5.55 -20.50 -34.71
N PRO F 4 4.82 -21.28 -33.90
CA PRO F 4 3.39 -21.46 -34.16
C PRO F 4 2.61 -20.16 -34.01
N MET F 5 1.48 -20.09 -34.72
CA MET F 5 0.67 -18.88 -34.73
C MET F 5 -0.23 -18.79 -33.49
N ASP F 6 -0.65 -19.92 -32.93
CA ASP F 6 -1.55 -19.93 -31.79
C ASP F 6 -0.75 -19.75 -30.50
N ASN F 7 -0.22 -18.54 -30.34
CA ASN F 7 0.52 -18.18 -29.14
C ASN F 7 -0.47 -17.86 -28.02
N GLU F 8 0.03 -17.30 -26.91
CA GLU F 8 -0.83 -17.00 -25.77
C GLU F 8 -1.74 -15.81 -26.02
N GLU F 9 -1.50 -15.05 -27.07
CA GLU F 9 -2.30 -13.86 -27.36
C GLU F 9 -3.51 -14.17 -28.24
N TRP F 10 -3.53 -15.34 -28.90
CA TRP F 10 -4.58 -15.69 -29.84
C TRP F 10 -5.23 -17.00 -29.42
N PHE F 11 -6.57 -17.02 -29.44
CA PHE F 11 -7.35 -18.20 -29.11
C PHE F 11 -7.81 -18.86 -30.40
N PRO F 12 -7.51 -20.13 -30.62
CA PRO F 12 -7.95 -20.79 -31.86
C PRO F 12 -9.40 -21.23 -31.80
N LEU F 13 -10.06 -21.18 -32.95
CA LEU F 13 -11.45 -21.59 -33.10
C LEU F 13 -11.51 -22.97 -33.77
N LYS F 14 -12.71 -23.42 -34.07
CA LYS F 14 -12.89 -24.61 -34.90
C LYS F 14 -12.45 -24.27 -36.33
N GLN F 15 -11.46 -24.99 -36.83
CA GLN F 15 -10.91 -24.69 -38.14
C GLN F 15 -11.89 -25.07 -39.25
N THR F 16 -11.80 -24.34 -40.36
CA THR F 16 -12.61 -24.56 -41.56
C THR F 16 -14.11 -24.41 -41.32
N HIS F 17 -14.50 -23.75 -40.24
CA HIS F 17 -15.91 -23.58 -39.90
C HIS F 17 -16.41 -22.15 -40.05
N TYR F 18 -15.65 -21.16 -39.59
CA TYR F 18 -16.13 -19.79 -39.53
C TYR F 18 -15.61 -19.01 -40.73
N PRO F 19 -16.49 -18.49 -41.58
CA PRO F 19 -16.03 -17.73 -42.75
C PRO F 19 -15.58 -16.34 -42.36
N PRO F 20 -14.64 -15.75 -43.10
CA PRO F 20 -14.16 -14.41 -42.77
C PRO F 20 -15.18 -13.36 -43.16
N PRO F 21 -15.15 -12.20 -42.52
CA PRO F 21 -15.95 -11.07 -42.99
C PRO F 21 -15.21 -10.29 -44.07
N THR F 22 -15.98 -9.73 -44.99
CA THR F 22 -15.39 -8.87 -46.01
C THR F 22 -14.75 -7.67 -45.34
N ILE F 23 -13.53 -7.35 -45.75
CA ILE F 23 -12.73 -6.28 -45.15
C ILE F 23 -13.51 -4.98 -45.03
N PRO F 24 -14.26 -4.55 -46.05
CA PRO F 24 -15.06 -3.31 -45.87
C PRO F 24 -16.11 -3.41 -44.78
N SER F 25 -16.67 -4.60 -44.54
CA SER F 25 -17.74 -4.75 -43.55
C SER F 25 -17.24 -4.76 -42.12
N MET F 26 -15.92 -4.89 -41.90
CA MET F 26 -15.41 -4.93 -40.54
C MET F 26 -15.49 -3.57 -39.85
N LYS F 27 -15.46 -2.48 -40.62
CA LYS F 27 -15.51 -1.14 -40.06
C LYS F 27 -16.90 -0.52 -40.14
N THR F 28 -17.85 -1.16 -40.83
CA THR F 28 -19.20 -0.63 -40.95
C THR F 28 -20.09 -0.99 -39.76
N GLY F 29 -19.60 -1.82 -38.83
CA GLY F 29 -20.41 -2.26 -37.72
C GLY F 29 -21.34 -3.42 -38.03
N HIS F 30 -21.44 -3.84 -39.28
CA HIS F 30 -22.26 -4.98 -39.68
C HIS F 30 -21.39 -5.92 -40.51
N PRO F 31 -20.56 -6.73 -39.86
CA PRO F 31 -19.69 -7.64 -40.62
C PRO F 31 -20.48 -8.76 -41.26
N THR F 32 -20.03 -9.17 -42.45
CA THR F 32 -20.64 -10.27 -43.18
C THR F 32 -20.18 -11.64 -42.68
N GLY F 33 -19.45 -11.68 -41.57
CA GLY F 33 -19.02 -12.93 -40.98
C GLY F 33 -19.59 -13.11 -39.60
N PRO F 34 -19.50 -14.33 -39.06
CA PRO F 34 -20.04 -14.58 -37.72
C PRO F 34 -19.15 -14.05 -36.60
N ILE F 35 -17.83 -14.09 -36.80
CA ILE F 35 -16.86 -13.65 -35.80
C ILE F 35 -15.98 -12.59 -36.44
N SER F 36 -16.00 -11.38 -35.88
CA SER F 36 -15.22 -10.28 -36.43
C SER F 36 -14.79 -9.36 -35.31
N ILE F 37 -13.94 -8.39 -35.67
CA ILE F 37 -13.51 -7.37 -34.72
C ILE F 37 -14.69 -6.49 -34.35
N GLY F 38 -14.90 -6.29 -33.06
CA GLY F 38 -16.02 -5.55 -32.53
C GLY F 38 -17.08 -6.41 -31.89
N HIS F 39 -17.07 -7.72 -32.16
CA HIS F 39 -18.04 -8.62 -31.54
C HIS F 39 -17.71 -8.82 -30.07
N ILE F 40 -18.76 -9.03 -29.28
CA ILE F 40 -18.64 -9.26 -27.84
C ILE F 40 -19.07 -10.69 -27.55
N ILE F 41 -18.24 -11.42 -26.82
CA ILE F 41 -18.55 -12.81 -26.47
C ILE F 41 -18.74 -12.90 -24.95
N PRO F 42 -19.54 -13.85 -24.46
CA PRO F 42 -19.81 -13.91 -23.02
C PRO F 42 -18.67 -14.50 -22.20
N ASP F 43 -18.12 -15.63 -22.63
CA ASP F 43 -17.08 -16.32 -21.90
C ASP F 43 -15.99 -16.77 -22.87
N LEU F 44 -14.85 -17.18 -22.30
CA LEU F 44 -13.77 -17.76 -23.08
C LEU F 44 -14.07 -19.19 -23.51
N ARG F 45 -15.07 -19.83 -22.91
CA ARG F 45 -15.47 -21.18 -23.27
C ARG F 45 -16.60 -21.20 -24.28
N HIS F 46 -17.01 -20.04 -24.80
CA HIS F 46 -18.07 -19.92 -25.80
C HIS F 46 -17.67 -18.81 -26.78
N LEU F 47 -16.57 -19.06 -27.50
CA LEU F 47 -15.94 -18.03 -28.33
C LEU F 47 -16.78 -17.65 -29.55
N ASP F 48 -17.72 -18.49 -29.98
CA ASP F 48 -18.51 -18.21 -31.16
C ASP F 48 -19.91 -17.68 -30.83
N ASN F 49 -20.24 -17.54 -29.55
CA ASN F 49 -21.57 -17.07 -29.14
C ASN F 49 -21.55 -15.55 -29.11
N VAL F 50 -21.72 -14.95 -30.29
CA VAL F 50 -21.69 -13.49 -30.39
C VAL F 50 -22.93 -12.91 -29.74
N ILE F 51 -22.73 -11.96 -28.84
CA ILE F 51 -23.85 -11.32 -28.16
C ILE F 51 -24.47 -10.23 -29.04
N ASN F 52 -23.63 -9.37 -29.60
CA ASN F 52 -24.10 -8.29 -30.48
C ASN F 52 -24.10 -8.75 -31.94
N CYS F 53 -24.89 -9.80 -32.18
CA CYS F 53 -24.99 -10.39 -33.50
C CYS F 53 -25.86 -9.60 -34.46
N LYS F 54 -26.58 -8.58 -33.98
CA LYS F 54 -27.39 -7.72 -34.83
C LYS F 54 -26.66 -6.45 -35.23
N GLY F 55 -25.34 -6.46 -35.20
CA GLY F 55 -24.56 -5.30 -35.56
C GLY F 55 -24.16 -4.46 -34.37
N PHE F 56 -23.07 -3.72 -34.51
CA PHE F 56 -22.55 -2.84 -33.48
C PHE F 56 -22.21 -1.50 -34.12
N GLU F 57 -21.71 -0.58 -33.29
CA GLU F 57 -21.38 0.76 -33.78
C GLU F 57 -20.21 0.69 -34.76
N PRO F 58 -20.28 1.36 -35.90
CA PRO F 58 -19.16 1.36 -36.85
C PRO F 58 -17.92 1.98 -36.23
N PHE F 59 -16.77 1.59 -36.76
CA PHE F 59 -15.50 2.03 -36.19
C PHE F 59 -15.33 3.53 -36.37
N PRO F 60 -15.01 4.27 -35.32
CA PRO F 60 -14.74 5.71 -35.46
C PRO F 60 -13.49 5.96 -36.27
N PRO F 61 -13.28 7.18 -36.78
CA PRO F 61 -12.12 7.42 -37.67
C PRO F 61 -10.78 7.22 -36.99
N ASN F 62 -10.70 7.25 -35.67
CA ASN F 62 -9.46 7.01 -34.96
C ASN F 62 -9.25 5.55 -34.59
N MET F 63 -10.04 4.64 -35.16
CA MET F 63 -9.94 3.21 -34.91
C MET F 63 -9.84 2.47 -36.25
N ASP F 64 -8.69 2.58 -36.89
CA ASP F 64 -8.45 1.92 -38.16
C ASP F 64 -7.90 0.51 -37.93
N VAL F 65 -8.17 -0.37 -38.90
CA VAL F 65 -7.74 -1.77 -38.82
C VAL F 65 -6.34 -1.89 -39.41
N PHE F 66 -5.48 -2.64 -38.73
CA PHE F 66 -4.11 -2.84 -39.16
C PHE F 66 -3.86 -4.33 -39.39
N THR F 67 -2.99 -4.64 -40.34
CA THR F 67 -2.83 -6.00 -40.82
C THR F 67 -1.42 -6.52 -40.58
N ALA F 68 -1.29 -7.84 -40.61
CA ALA F 68 0.01 -8.51 -40.50
C ALA F 68 -0.06 -9.82 -41.24
N HIS F 69 0.74 -9.97 -42.30
CA HIS F 69 0.74 -11.18 -43.11
C HIS F 69 1.81 -12.16 -42.66
N TYR F 70 1.52 -13.45 -42.83
CA TYR F 70 2.44 -14.52 -42.48
C TYR F 70 2.31 -15.64 -43.51
N GLU F 71 3.42 -16.27 -43.84
CA GLU F 71 3.45 -17.35 -44.83
C GLU F 71 3.95 -18.63 -44.19
N GLN F 72 3.42 -19.76 -44.66
CA GLN F 72 3.77 -21.10 -44.18
C GLN F 72 3.60 -21.20 -42.67
N CYS F 73 2.35 -21.09 -42.25
CA CYS F 73 1.99 -21.06 -40.84
C CYS F 73 1.43 -22.41 -40.40
N HIS F 74 1.52 -22.67 -39.10
CA HIS F 74 0.96 -23.87 -38.52
C HIS F 74 0.40 -23.57 -37.13
N PHE F 75 -0.48 -24.45 -36.67
CA PHE F 75 -1.20 -24.28 -35.41
C PHE F 75 -0.94 -25.49 -34.51
N GLY F 76 -0.36 -25.25 -33.35
CA GLY F 76 -0.21 -26.28 -32.33
C GLY F 76 1.23 -26.63 -32.05
N ASP F 77 1.42 -27.35 -30.95
CA ASP F 77 2.71 -27.86 -30.53
C ASP F 77 2.82 -29.35 -30.84
N HIS F 78 4.02 -29.88 -30.67
CA HIS F 78 4.34 -31.25 -31.05
C HIS F 78 4.68 -32.10 -29.82
N LEU F 79 5.08 -33.34 -30.07
CA LEU F 79 5.42 -34.28 -29.01
C LEU F 79 6.84 -34.10 -28.49
N ASN F 80 7.59 -33.11 -29.00
CA ASN F 80 8.91 -32.84 -28.45
C ASN F 80 8.81 -32.36 -27.01
N SER F 81 7.67 -31.78 -26.62
CA SER F 81 7.46 -31.36 -25.25
C SER F 81 7.04 -32.55 -24.38
N GLU F 82 6.11 -33.37 -24.86
CA GLU F 82 5.59 -34.48 -24.06
C GLU F 82 6.68 -35.48 -23.68
N PHE F 83 7.77 -35.52 -24.43
CA PHE F 83 8.87 -36.43 -24.10
C PHE F 83 9.76 -35.85 -22.99
N VAL F 84 10.12 -34.56 -23.13
CA VAL F 84 11.02 -33.90 -22.18
C VAL F 84 10.23 -33.53 -20.93
N VAL F 85 8.92 -33.80 -20.94
CA VAL F 85 8.06 -33.48 -19.82
C VAL F 85 7.58 -34.72 -19.06
N GLN F 86 7.57 -35.89 -19.69
CA GLN F 86 6.95 -37.10 -19.15
C GLN F 86 5.44 -36.90 -19.01
N ALA F 87 4.82 -36.45 -20.11
CA ALA F 87 3.38 -36.35 -20.19
C ALA F 87 2.80 -37.64 -20.78
N GLY F 88 1.48 -37.76 -20.70
CA GLY F 88 0.82 -38.96 -21.19
C GLY F 88 0.94 -39.08 -22.70
N LEU F 89 1.15 -40.31 -23.16
CA LEU F 89 1.19 -40.60 -24.59
C LEU F 89 -0.18 -40.46 -25.25
N HIS F 90 -1.24 -40.30 -24.46
CA HIS F 90 -2.59 -40.15 -24.99
C HIS F 90 -2.74 -38.81 -25.70
N ASP F 97 0.48 -34.22 -36.37
CA ASP F 97 -0.94 -33.89 -36.49
C ASP F 97 -1.19 -32.42 -36.18
N ARG F 98 -1.01 -31.56 -37.18
CA ARG F 98 -1.20 -30.13 -37.01
C ARG F 98 -1.86 -29.56 -38.26
N TRP F 99 -2.40 -28.35 -38.11
CA TRP F 99 -3.02 -27.62 -39.21
C TRP F 99 -2.02 -26.66 -39.82
N GLU F 100 -1.87 -26.72 -41.14
CA GLU F 100 -0.92 -25.88 -41.86
C GLU F 100 -1.66 -25.01 -42.89
N TYR F 101 -1.19 -23.79 -43.06
CA TYR F 101 -1.78 -22.84 -43.99
C TYR F 101 -0.67 -22.13 -44.75
N ASP F 102 -0.98 -21.72 -45.98
CA ASP F 102 0.00 -21.05 -46.82
C ASP F 102 0.07 -19.55 -46.56
N SER F 103 -1.05 -18.93 -46.18
CA SER F 103 -1.08 -17.50 -45.91
C SER F 103 -2.08 -17.23 -44.81
N VAL F 104 -1.62 -16.58 -43.74
CA VAL F 104 -2.45 -16.24 -42.59
C VAL F 104 -2.32 -14.74 -42.35
N VAL F 105 -3.46 -14.06 -42.25
CA VAL F 105 -3.50 -12.61 -42.09
C VAL F 105 -4.13 -12.29 -40.74
N GLU F 106 -3.46 -11.46 -39.95
CA GLU F 106 -4.00 -10.92 -38.71
C GLU F 106 -4.56 -9.53 -38.98
N TYR F 107 -5.78 -9.30 -38.52
CA TYR F 107 -6.41 -7.98 -38.54
C TYR F 107 -6.62 -7.56 -37.09
N ALA F 108 -6.17 -6.36 -36.74
CA ALA F 108 -6.12 -5.91 -35.36
C ALA F 108 -6.61 -4.48 -35.24
N VAL F 109 -7.19 -4.17 -34.08
CA VAL F 109 -7.72 -2.85 -33.77
C VAL F 109 -7.43 -2.56 -32.30
N TYR F 110 -7.11 -1.31 -31.98
CA TYR F 110 -6.96 -0.88 -30.60
C TYR F 110 -8.22 -0.16 -30.14
N PRO F 111 -8.95 -0.68 -29.17
CA PRO F 111 -10.22 -0.05 -28.78
C PRO F 111 -10.02 1.19 -27.94
N THR F 112 -10.97 2.11 -28.06
CA THR F 112 -11.00 3.33 -27.26
C THR F 112 -12.10 3.22 -26.22
N ARG F 113 -11.97 4.02 -25.15
CA ARG F 113 -12.95 3.97 -24.07
C ARG F 113 -14.32 4.44 -24.52
N GLN F 114 -14.39 5.42 -25.43
CA GLN F 114 -15.68 5.87 -25.93
C GLN F 114 -16.36 4.77 -26.73
N TYR F 115 -15.62 4.08 -27.59
CA TYR F 115 -16.20 3.02 -28.40
C TYR F 115 -16.71 1.87 -27.52
N ILE F 116 -15.96 1.55 -26.45
CA ILE F 116 -16.41 0.49 -25.55
C ILE F 116 -17.64 0.93 -24.76
N ASP F 117 -17.64 2.18 -24.27
CA ASP F 117 -18.82 2.70 -23.58
C ASP F 117 -20.04 2.69 -24.48
N ARG F 118 -19.86 2.87 -25.79
CA ARG F 118 -21.00 2.81 -26.70
C ARG F 118 -21.38 1.38 -27.04
N LEU F 119 -20.42 0.45 -27.06
CA LEU F 119 -20.78 -0.95 -27.27
C LEU F 119 -21.46 -1.55 -26.05
N LEU F 120 -21.14 -1.05 -24.86
CA LEU F 120 -21.84 -1.51 -23.65
C LEU F 120 -23.26 -0.96 -23.56
N GLU F 121 -23.63 -0.02 -24.41
CA GLU F 121 -24.99 0.49 -24.48
C GLU F 121 -25.80 -0.13 -25.61
N SER F 122 -25.18 -0.99 -26.41
CA SER F 122 -25.93 -1.78 -27.39
C SER F 122 -27.00 -2.60 -26.68
N LYS F 123 -28.12 -2.83 -27.37
CA LYS F 123 -29.27 -3.45 -26.74
C LYS F 123 -28.92 -4.84 -26.19
N GLU F 124 -28.32 -5.68 -27.02
CA GLU F 124 -28.03 -7.06 -26.61
C GLU F 124 -26.98 -7.09 -25.51
N VAL F 125 -25.89 -6.35 -25.68
CA VAL F 125 -24.84 -6.30 -24.66
C VAL F 125 -25.39 -5.72 -23.36
N ARG F 126 -26.23 -4.67 -23.48
CA ARG F 126 -26.82 -4.09 -22.28
C ARG F 126 -27.71 -5.09 -21.55
N GLN F 127 -28.51 -5.87 -22.29
CA GLN F 127 -29.38 -6.84 -21.64
C GLN F 127 -28.57 -7.93 -20.96
N TYR F 128 -27.53 -8.44 -21.64
CA TYR F 128 -26.67 -9.45 -21.03
C TYR F 128 -26.03 -8.92 -19.76
N ILE F 129 -25.51 -7.69 -19.81
CA ILE F 129 -24.83 -7.11 -18.66
C ILE F 129 -25.81 -6.88 -17.51
N GLN F 130 -27.02 -6.40 -17.82
CA GLN F 130 -28.01 -6.17 -16.76
C GLN F 130 -28.42 -7.48 -16.10
N ALA F 131 -28.67 -8.52 -16.90
CA ALA F 131 -29.01 -9.82 -16.33
C ALA F 131 -27.88 -10.35 -15.45
N SER F 132 -26.64 -10.25 -15.94
CA SER F 132 -25.50 -10.74 -15.17
C SER F 132 -25.34 -9.97 -13.87
N ALA F 133 -25.55 -8.65 -13.91
CA ALA F 133 -25.38 -7.83 -12.71
C ALA F 133 -26.49 -8.09 -11.70
N ALA F 134 -27.72 -8.28 -12.17
CA ALA F 134 -28.84 -8.49 -11.26
C ALA F 134 -28.83 -9.88 -10.65
N LEU F 135 -28.42 -10.89 -11.41
CA LEU F 135 -28.51 -12.26 -10.94
C LEU F 135 -27.22 -12.83 -10.39
N LEU F 136 -26.05 -12.39 -10.90
CA LEU F 136 -24.78 -12.96 -10.52
C LEU F 136 -23.94 -12.08 -9.62
N GLY F 137 -24.24 -10.78 -9.52
CA GLY F 137 -23.50 -9.84 -8.70
C GLY F 137 -22.61 -8.91 -9.49
N GLY F 138 -22.09 -9.37 -10.63
CA GLY F 138 -21.27 -8.55 -11.50
C GLY F 138 -21.44 -8.96 -12.95
N TRP F 139 -20.64 -8.38 -13.85
CA TRP F 139 -20.69 -8.75 -15.25
C TRP F 139 -19.29 -8.80 -15.82
N CYS F 140 -19.14 -9.53 -16.92
CA CYS F 140 -17.84 -9.74 -17.55
C CYS F 140 -18.07 -10.17 -18.99
N VAL F 141 -17.51 -9.41 -19.93
CA VAL F 141 -17.59 -9.73 -21.35
C VAL F 141 -16.22 -9.59 -21.97
N TYR F 142 -16.08 -10.14 -23.17
CA TYR F 142 -14.82 -10.13 -23.90
C TYR F 142 -15.05 -9.58 -25.30
N MET F 143 -14.22 -8.63 -25.70
CA MET F 143 -14.34 -8.00 -27.01
C MET F 143 -13.29 -8.55 -27.96
N VAL F 144 -13.74 -8.98 -29.14
CA VAL F 144 -12.83 -9.43 -30.18
C VAL F 144 -12.07 -8.21 -30.70
N THR F 145 -10.79 -8.11 -30.36
CA THR F 145 -9.95 -7.02 -30.83
C THR F 145 -9.08 -7.42 -32.02
N GLY F 146 -9.03 -8.70 -32.35
CA GLY F 146 -8.30 -9.14 -33.53
C GLY F 146 -8.86 -10.42 -34.07
N ILE F 147 -8.71 -10.63 -35.38
CA ILE F 147 -9.08 -11.89 -36.01
C ILE F 147 -7.92 -12.37 -36.88
N MET F 148 -7.65 -13.67 -36.80
CA MET F 148 -6.62 -14.33 -37.59
C MET F 148 -7.33 -15.22 -38.61
N VAL F 149 -7.13 -14.92 -39.90
CA VAL F 149 -7.86 -15.53 -40.99
C VAL F 149 -6.86 -16.27 -41.90
N ALA F 150 -7.16 -17.52 -42.20
CA ALA F 150 -6.34 -18.32 -43.10
C ALA F 150 -6.94 -18.32 -44.50
N ARG F 151 -6.10 -18.09 -45.51
CA ARG F 151 -6.52 -18.10 -46.91
C ARG F 151 -6.21 -19.47 -47.48
N GLY F 152 -7.14 -20.40 -47.31
CA GLY F 152 -6.91 -21.79 -47.70
C GLY F 152 -6.22 -22.56 -46.59
N GLY F 153 -6.69 -23.78 -46.32
CA GLY F 153 -6.19 -24.55 -45.21
C GLY F 153 -5.71 -25.93 -45.64
N GLY F 154 -5.08 -26.62 -44.70
CA GLY F 154 -4.57 -27.97 -44.92
C GLY F 154 -4.12 -28.62 -43.63
N ARG F 155 -4.49 -29.88 -43.43
CA ARG F 155 -4.21 -30.59 -42.19
C ARG F 155 -3.11 -31.61 -42.38
N ASN F 156 -2.32 -31.84 -41.34
CA ASN F 156 -1.28 -32.87 -41.35
C ASN F 156 -1.16 -33.53 -39.99
N THR F 186 -9.06 -24.67 -49.22
CA THR F 186 -9.60 -24.00 -50.39
C THR F 186 -10.19 -22.64 -50.02
N THR F 187 -11.34 -22.65 -49.37
CA THR F 187 -12.00 -21.43 -48.96
C THR F 187 -11.33 -20.84 -47.72
N ASP F 188 -11.52 -19.54 -47.53
CA ASP F 188 -10.93 -18.83 -46.41
C ASP F 188 -11.79 -19.01 -45.16
N PHE F 189 -11.15 -18.82 -44.00
CA PHE F 189 -11.85 -18.98 -42.73
C PHE F 189 -11.06 -18.32 -41.62
N VAL F 190 -11.77 -17.91 -40.57
CA VAL F 190 -11.15 -17.29 -39.39
C VAL F 190 -10.58 -18.40 -38.51
N CYS F 191 -9.27 -18.38 -38.30
CA CYS F 191 -8.62 -19.43 -37.53
C CYS F 191 -8.34 -19.05 -36.08
N ALA F 192 -8.33 -17.76 -35.74
CA ALA F 192 -8.10 -17.40 -34.34
C ALA F 192 -8.74 -16.04 -34.05
N ILE F 193 -8.86 -15.73 -32.75
CA ILE F 193 -9.36 -14.44 -32.30
C ILE F 193 -8.49 -13.94 -31.15
N ARG F 194 -8.32 -12.62 -31.10
CA ARG F 194 -7.62 -11.95 -30.01
C ARG F 194 -8.64 -11.11 -29.24
N LEU F 195 -8.75 -11.37 -27.94
CA LEU F 195 -9.82 -10.87 -27.10
C LEU F 195 -9.29 -9.95 -26.01
N VAL F 196 -10.20 -9.16 -25.44
CA VAL F 196 -9.89 -8.25 -24.35
C VAL F 196 -11.05 -8.29 -23.35
N LYS F 197 -10.73 -8.46 -22.07
CA LYS F 197 -11.73 -8.62 -21.02
C LYS F 197 -12.17 -7.26 -20.50
N ILE F 198 -13.47 -6.99 -20.58
CA ILE F 198 -14.07 -5.77 -20.05
C ILE F 198 -14.99 -6.19 -18.91
N ALA F 199 -14.76 -5.67 -17.72
CA ALA F 199 -15.48 -6.19 -16.56
C ALA F 199 -15.77 -5.09 -15.55
N LYS F 200 -16.72 -5.37 -14.66
CA LYS F 200 -17.04 -4.49 -13.54
C LYS F 200 -17.66 -5.36 -12.45
N SER F 201 -16.96 -5.50 -11.33
CA SER F 201 -17.38 -6.40 -10.26
C SER F 201 -17.45 -5.66 -8.94
N GLY F 202 -18.34 -6.13 -8.06
CA GLY F 202 -18.42 -5.57 -6.72
C GLY F 202 -18.73 -4.09 -6.67
N LEU F 203 -19.58 -3.62 -7.59
CA LEU F 203 -20.05 -2.23 -7.63
C LEU F 203 -18.88 -1.27 -7.84
N ARG F 204 -18.23 -1.41 -9.00
CA ARG F 204 -17.08 -0.58 -9.34
C ARG F 204 -17.49 0.76 -9.97
N SER F 205 -18.68 0.83 -10.57
CA SER F 205 -19.19 2.03 -11.24
C SER F 205 -18.39 2.39 -12.49
N SER F 206 -17.24 1.75 -12.68
CA SER F 206 -16.41 1.97 -13.86
C SER F 206 -15.83 0.63 -14.30
N TRP F 207 -15.85 0.38 -15.60
CA TRP F 207 -15.38 -0.88 -16.13
C TRP F 207 -13.87 -0.85 -16.36
N THR F 208 -13.24 -1.99 -16.12
CA THR F 208 -11.82 -2.19 -16.36
C THR F 208 -11.62 -3.03 -17.61
N MET F 209 -10.55 -2.72 -18.35
CA MET F 209 -10.24 -3.36 -19.62
C MET F 209 -8.83 -3.92 -19.54
N LYS F 210 -8.70 -5.23 -19.75
CA LYS F 210 -7.40 -5.89 -19.63
C LYS F 210 -7.21 -6.89 -20.77
N LYS F 211 -5.95 -7.17 -21.07
CA LYS F 211 -5.63 -8.14 -22.11
C LYS F 211 -5.86 -9.56 -21.60
N VAL F 212 -6.12 -10.47 -22.53
CA VAL F 212 -6.42 -11.86 -22.21
C VAL F 212 -5.31 -12.74 -22.77
N THR F 213 -4.71 -13.56 -21.92
CA THR F 213 -3.68 -14.50 -22.31
C THR F 213 -4.15 -15.92 -22.03
N ARG F 214 -3.45 -16.88 -22.63
CA ARG F 214 -3.76 -18.29 -22.44
C ARG F 214 -2.50 -19.13 -22.34
N SER G 1 7.00 -19.26 -43.03
CA SER G 1 7.95 -19.36 -41.93
C SER G 1 7.30 -19.06 -40.59
N GLY G 2 5.97 -18.88 -40.62
CA GLY G 2 5.20 -18.65 -39.40
C GLY G 2 5.60 -17.36 -38.71
N ARG G 3 5.52 -17.38 -37.38
CA ARG G 3 5.93 -16.22 -36.61
C ARG G 3 7.46 -16.16 -36.51
N PRO G 4 8.03 -14.95 -36.46
CA PRO G 4 9.49 -14.84 -36.35
C PRO G 4 10.00 -15.45 -35.05
N MET G 5 11.26 -15.88 -35.08
CA MET G 5 11.91 -16.41 -33.89
C MET G 5 12.42 -15.32 -32.96
N ASP G 6 12.35 -14.05 -33.36
CA ASP G 6 12.84 -12.94 -32.55
C ASP G 6 11.76 -12.51 -31.55
N ASN G 7 11.50 -13.41 -30.60
CA ASN G 7 10.61 -13.06 -29.51
C ASN G 7 11.26 -12.02 -28.61
N GLU G 8 10.44 -11.37 -27.78
CA GLU G 8 10.94 -10.35 -26.88
C GLU G 8 11.95 -10.90 -25.88
N GLU G 9 11.97 -12.21 -25.67
CA GLU G 9 12.87 -12.85 -24.72
C GLU G 9 14.13 -13.40 -25.36
N TRP G 10 14.32 -13.21 -26.66
CA TRP G 10 15.47 -13.74 -27.38
C TRP G 10 16.19 -12.61 -28.08
N PHE G 11 17.38 -12.27 -27.58
CA PHE G 11 18.22 -11.27 -28.22
C PHE G 11 19.04 -11.91 -29.34
N PRO G 12 18.94 -11.42 -30.57
CA PRO G 12 19.73 -11.99 -31.65
C PRO G 12 21.18 -11.52 -31.62
N LEU G 13 22.06 -12.37 -32.14
CA LEU G 13 23.48 -12.10 -32.21
C LEU G 13 23.89 -11.84 -33.66
N LYS G 14 25.20 -11.63 -33.86
CA LYS G 14 25.74 -11.50 -35.19
C LYS G 14 25.87 -12.89 -35.83
N GLN G 15 25.31 -13.04 -37.01
CA GLN G 15 25.20 -14.35 -37.64
C GLN G 15 26.57 -14.85 -38.10
N THR G 16 26.79 -16.16 -37.95
CA THR G 16 27.97 -16.89 -38.40
C THR G 16 29.24 -16.48 -37.67
N HIS G 17 29.15 -15.69 -36.60
CA HIS G 17 30.32 -15.31 -35.83
C HIS G 17 30.53 -16.16 -34.58
N TYR G 18 29.46 -16.69 -34.00
CA TYR G 18 29.58 -17.46 -32.77
C TYR G 18 29.28 -18.93 -33.05
N PRO G 19 30.28 -19.81 -33.01
CA PRO G 19 30.02 -21.22 -33.24
C PRO G 19 29.28 -21.82 -32.05
N PRO G 20 28.42 -22.81 -32.28
CA PRO G 20 27.68 -23.40 -31.17
C PRO G 20 28.58 -24.30 -30.35
N PRO G 21 28.28 -24.51 -29.08
CA PRO G 21 29.00 -25.51 -28.30
C PRO G 21 28.42 -26.90 -28.54
N THR G 22 29.25 -27.90 -28.34
CA THR G 22 28.79 -29.28 -28.49
C THR G 22 27.75 -29.60 -27.42
N ILE G 23 26.89 -30.57 -27.73
CA ILE G 23 25.81 -30.93 -26.80
C ILE G 23 26.35 -31.31 -25.43
N PRO G 24 27.37 -32.18 -25.29
CA PRO G 24 27.84 -32.52 -23.94
C PRO G 24 28.55 -31.37 -23.23
N SER G 25 29.26 -30.51 -23.97
CA SER G 25 30.07 -29.48 -23.34
C SER G 25 29.24 -28.38 -22.68
N MET G 26 27.92 -28.33 -22.92
CA MET G 26 27.10 -27.29 -22.32
C MET G 26 26.95 -27.51 -20.81
N LYS G 27 26.68 -28.74 -20.40
CA LYS G 27 26.42 -29.04 -18.99
C LYS G 27 27.69 -29.31 -18.20
N THR G 28 28.85 -29.43 -18.85
CA THR G 28 30.09 -29.71 -18.13
C THR G 28 30.61 -28.51 -17.37
N GLY G 29 30.14 -27.30 -17.68
CA GLY G 29 30.70 -26.09 -17.13
C GLY G 29 31.83 -25.50 -17.93
N HIS G 30 32.34 -26.22 -18.93
CA HIS G 30 33.39 -25.75 -19.83
C HIS G 30 32.88 -25.87 -21.25
N PRO G 31 32.13 -24.88 -21.74
CA PRO G 31 31.55 -24.97 -23.08
C PRO G 31 32.60 -24.80 -24.16
N THR G 32 32.47 -25.59 -25.23
CA THR G 32 33.39 -25.50 -26.36
C THR G 32 33.14 -24.26 -27.22
N GLY G 33 32.09 -23.51 -26.96
CA GLY G 33 31.78 -22.33 -27.75
C GLY G 33 32.04 -21.04 -26.99
N PRO G 34 31.96 -19.91 -27.68
CA PRO G 34 32.22 -18.62 -27.04
C PRO G 34 31.05 -18.16 -26.16
N ILE G 35 29.85 -18.58 -26.52
CA ILE G 35 28.63 -18.22 -25.78
C ILE G 35 27.79 -19.47 -25.58
N SER G 36 27.41 -19.74 -24.33
CA SER G 36 26.63 -20.91 -24.01
C SER G 36 25.84 -20.65 -22.74
N ILE G 37 24.97 -21.61 -22.40
CA ILE G 37 24.18 -21.51 -21.18
C ILE G 37 25.11 -21.54 -19.98
N GLY G 38 24.89 -20.61 -19.04
CA GLY G 38 25.68 -20.50 -17.85
C GLY G 38 26.70 -19.38 -17.86
N HIS G 39 26.98 -18.79 -19.03
CA HIS G 39 27.90 -17.67 -19.10
C HIS G 39 27.29 -16.43 -18.46
N ILE G 40 28.13 -15.65 -17.78
CA ILE G 40 27.73 -14.39 -17.18
C ILE G 40 28.35 -13.27 -17.99
N ILE G 41 27.51 -12.38 -18.52
CA ILE G 41 27.98 -11.23 -19.29
C ILE G 41 27.75 -9.98 -18.45
N PRO G 42 28.53 -8.91 -18.65
CA PRO G 42 28.36 -7.71 -17.80
C PRO G 42 27.12 -6.90 -18.16
N ASP G 43 26.95 -6.59 -19.44
CA ASP G 43 25.85 -5.75 -19.90
C ASP G 43 25.22 -6.39 -21.13
N LEU G 44 24.20 -5.72 -21.66
CA LEU G 44 23.54 -6.15 -22.89
C LEU G 44 24.30 -5.73 -24.14
N ARG G 45 25.48 -5.12 -24.00
CA ARG G 45 26.26 -4.65 -25.13
C ARG G 45 27.61 -5.32 -25.24
N HIS G 46 27.98 -6.18 -24.29
CA HIS G 46 29.32 -6.77 -24.22
C HIS G 46 29.17 -8.30 -24.17
N LEU G 47 28.66 -8.87 -25.26
CA LEU G 47 28.47 -10.32 -25.32
C LEU G 47 29.80 -11.06 -25.27
N ASP G 48 30.80 -10.56 -26.02
CA ASP G 48 32.10 -11.23 -26.06
C ASP G 48 32.84 -11.16 -24.73
N ASN G 49 32.44 -10.26 -23.84
CA ASN G 49 33.12 -10.10 -22.54
C ASN G 49 32.58 -11.09 -21.51
N VAL G 50 32.79 -12.37 -21.79
CA VAL G 50 32.38 -13.41 -20.86
C VAL G 50 33.26 -13.33 -19.62
N ILE G 51 32.63 -13.10 -18.46
CA ILE G 51 33.38 -12.97 -17.22
C ILE G 51 33.92 -14.33 -16.78
N ASN G 52 33.05 -15.34 -16.75
CA ASN G 52 33.46 -16.70 -16.38
C ASN G 52 34.01 -17.44 -17.60
N CYS G 53 35.03 -16.83 -18.22
CA CYS G 53 35.63 -17.41 -19.41
C CYS G 53 36.34 -18.73 -19.14
N LYS G 54 36.94 -18.86 -17.95
CA LYS G 54 37.62 -20.11 -17.61
C LYS G 54 36.64 -21.27 -17.48
N GLY G 55 35.49 -21.02 -16.89
CA GLY G 55 34.50 -22.06 -16.69
C GLY G 55 33.62 -21.72 -15.50
N PHE G 56 32.56 -22.52 -15.34
CA PHE G 56 31.59 -22.32 -14.28
C PHE G 56 31.19 -23.69 -13.73
N GLU G 57 30.34 -23.68 -12.71
CA GLU G 57 29.92 -24.91 -12.07
C GLU G 57 29.15 -25.78 -13.07
N PRO G 58 29.45 -27.08 -13.15
CA PRO G 58 28.65 -27.96 -14.01
C PRO G 58 27.18 -27.96 -13.58
N PHE G 59 26.31 -28.23 -14.53
CA PHE G 59 24.88 -28.23 -14.26
C PHE G 59 24.54 -29.37 -13.31
N PRO G 60 23.94 -29.09 -12.16
CA PRO G 60 23.51 -30.17 -11.27
C PRO G 60 22.41 -30.98 -11.92
N PRO G 61 22.19 -32.22 -11.47
CA PRO G 61 21.10 -33.02 -12.05
C PRO G 61 19.73 -32.39 -11.89
N ASN G 62 19.59 -31.39 -11.00
CA ASN G 62 18.34 -30.66 -10.89
C ASN G 62 18.10 -29.75 -12.09
N MET G 63 19.14 -29.47 -12.88
CA MET G 63 19.05 -28.59 -14.04
C MET G 63 19.46 -29.37 -15.28
N ASP G 64 18.49 -29.65 -16.16
CA ASP G 64 18.75 -30.33 -17.41
C ASP G 64 18.53 -29.39 -18.59
N VAL G 65 19.21 -29.67 -19.69
CA VAL G 65 19.08 -28.89 -20.91
C VAL G 65 17.89 -29.42 -21.70
N PHE G 66 16.86 -28.59 -21.85
CA PHE G 66 15.66 -28.95 -22.58
C PHE G 66 15.68 -28.33 -23.97
N THR G 67 15.23 -29.08 -24.96
CA THR G 67 15.36 -28.69 -26.36
C THR G 67 14.00 -28.38 -26.96
N ALA G 68 14.03 -27.58 -28.02
CA ALA G 68 12.84 -27.28 -28.82
C ALA G 68 13.26 -27.05 -30.26
N HIS G 69 12.71 -27.84 -31.19
CA HIS G 69 13.10 -27.77 -32.59
C HIS G 69 12.06 -27.02 -33.40
N TYR G 70 12.54 -26.22 -34.36
CA TYR G 70 11.68 -25.47 -35.26
C TYR G 70 12.24 -25.58 -36.67
N GLU G 71 11.36 -25.50 -37.66
CA GLU G 71 11.73 -25.71 -39.05
C GLU G 71 11.24 -24.57 -39.92
N GLN G 72 12.04 -24.22 -40.92
CA GLN G 72 11.78 -23.11 -41.84
C GLN G 72 11.45 -21.82 -41.06
N CYS G 73 12.44 -21.38 -40.30
CA CYS G 73 12.30 -20.22 -39.43
C CYS G 73 12.84 -18.97 -40.11
N HIS G 74 12.61 -17.82 -39.46
CA HIS G 74 13.12 -16.56 -39.98
C HIS G 74 13.24 -15.57 -38.84
N PHE G 75 14.08 -14.57 -39.07
CA PHE G 75 14.29 -13.47 -38.12
C PHE G 75 13.68 -12.18 -38.69
N GLY G 76 13.19 -11.33 -37.79
CA GLY G 76 12.62 -10.07 -38.22
C GLY G 76 12.20 -9.17 -37.08
N ASP G 77 12.69 -7.94 -37.08
CA ASP G 77 12.26 -6.95 -36.10
C ASP G 77 10.89 -6.40 -36.48
N HIS G 78 10.34 -5.53 -35.63
CA HIS G 78 9.00 -5.02 -35.86
C HIS G 78 8.93 -4.09 -37.07
N LEU G 79 10.05 -3.49 -37.47
CA LEU G 79 10.08 -2.58 -38.62
C LEU G 79 10.21 -3.39 -39.91
N ASN G 80 9.11 -4.04 -40.29
CA ASN G 80 9.03 -4.78 -41.54
C ASN G 80 8.33 -3.91 -42.59
N SER G 81 8.08 -4.50 -43.76
CA SER G 81 7.47 -3.73 -44.85
C SER G 81 6.03 -3.36 -44.54
N GLU G 82 5.25 -4.30 -44.01
CA GLU G 82 3.83 -4.05 -43.78
C GLU G 82 3.60 -3.11 -42.61
N PHE G 83 4.47 -3.15 -41.59
CA PHE G 83 4.30 -2.25 -40.45
C PHE G 83 4.67 -0.82 -40.80
N VAL G 84 5.74 -0.64 -41.58
CA VAL G 84 6.24 0.70 -41.87
C VAL G 84 5.25 1.49 -42.71
N VAL G 85 4.61 0.85 -43.69
CA VAL G 85 3.73 1.57 -44.60
C VAL G 85 2.51 2.11 -43.86
N GLN G 86 1.98 1.34 -42.92
CA GLN G 86 0.82 1.78 -42.15
C GLN G 86 1.18 2.45 -40.84
N ALA G 87 2.47 2.64 -40.57
CA ALA G 87 2.92 3.45 -39.45
C ALA G 87 3.31 4.86 -39.89
N GLY G 88 2.98 5.24 -41.13
CA GLY G 88 3.35 6.53 -41.66
C GLY G 88 4.78 6.64 -42.15
N LEU G 89 5.65 5.72 -41.76
CA LEU G 89 7.05 5.79 -42.15
C LEU G 89 7.23 5.31 -43.59
N HIS G 90 8.42 5.60 -44.14
CA HIS G 90 8.77 5.14 -45.48
C HIS G 90 10.12 4.45 -45.54
N HIS G 91 10.91 4.46 -44.46
CA HIS G 91 12.23 3.84 -44.43
C HIS G 91 12.08 2.42 -43.93
N THR G 92 11.87 1.49 -44.86
CA THR G 92 11.66 0.09 -44.51
C THR G 92 12.98 -0.59 -44.16
N ASN G 93 12.87 -1.77 -43.56
CA ASN G 93 14.05 -2.54 -43.17
C ASN G 93 13.89 -4.01 -43.52
N ASP G 97 17.26 -6.33 -44.14
CA ASP G 97 17.72 -7.70 -44.41
C ASP G 97 17.08 -8.70 -43.44
N ARG G 98 16.63 -9.82 -44.00
CA ARG G 98 15.98 -10.87 -43.23
C ARG G 98 16.81 -12.14 -43.31
N TRP G 99 16.95 -12.81 -42.17
CA TRP G 99 17.67 -14.07 -42.08
C TRP G 99 16.69 -15.22 -41.92
N GLU G 100 16.86 -16.28 -42.71
CA GLU G 100 16.03 -17.47 -42.65
C GLU G 100 16.90 -18.69 -42.38
N TYR G 101 16.31 -19.68 -41.72
CA TYR G 101 17.03 -20.89 -41.35
C TYR G 101 16.14 -22.10 -41.58
N ASP G 102 16.75 -23.21 -42.00
CA ASP G 102 15.99 -24.43 -42.23
C ASP G 102 15.62 -25.13 -40.92
N SER G 103 16.48 -25.05 -39.92
CA SER G 103 16.20 -25.68 -38.63
C SER G 103 16.85 -24.87 -37.53
N VAL G 104 16.07 -24.52 -36.50
CA VAL G 104 16.58 -23.77 -35.35
C VAL G 104 16.24 -24.55 -34.09
N VAL G 105 17.24 -24.78 -33.25
CA VAL G 105 17.07 -25.53 -32.02
C VAL G 105 17.34 -24.61 -30.84
N GLU G 106 16.37 -24.54 -29.93
CA GLU G 106 16.53 -23.84 -28.66
C GLU G 106 16.98 -24.83 -27.60
N TYR G 107 18.04 -24.48 -26.88
CA TYR G 107 18.47 -25.18 -25.68
C TYR G 107 18.25 -24.24 -24.50
N ALA G 108 17.48 -24.69 -23.51
CA ALA G 108 17.08 -23.85 -22.39
C ALA G 108 17.26 -24.60 -21.08
N VAL G 109 17.48 -23.84 -20.01
CA VAL G 109 17.58 -24.37 -18.66
C VAL G 109 16.90 -23.37 -17.71
N TYR G 110 16.54 -23.87 -16.53
CA TYR G 110 15.96 -23.02 -15.50
C TYR G 110 16.92 -22.94 -14.33
N PRO G 111 17.43 -21.76 -14.00
CA PRO G 111 18.45 -21.65 -12.95
C PRO G 111 17.83 -21.64 -11.56
N THR G 112 18.46 -22.38 -10.66
CA THR G 112 18.08 -22.37 -9.26
C THR G 112 18.88 -21.29 -8.51
N ARG G 113 18.30 -20.80 -7.41
CA ARG G 113 18.99 -19.79 -6.63
C ARG G 113 20.31 -20.30 -6.07
N GLN G 114 20.39 -21.59 -5.74
CA GLN G 114 21.65 -22.15 -5.24
C GLN G 114 22.71 -22.17 -6.33
N TYR G 115 22.34 -22.53 -7.56
CA TYR G 115 23.29 -22.50 -8.66
C TYR G 115 23.75 -21.07 -8.96
N ILE G 116 22.87 -20.09 -8.80
CA ILE G 116 23.27 -18.69 -8.96
C ILE G 116 24.25 -18.30 -7.87
N ASP G 117 23.93 -18.63 -6.62
CA ASP G 117 24.84 -18.33 -5.51
C ASP G 117 26.22 -18.94 -5.74
N ARG G 118 26.26 -20.17 -6.25
CA ARG G 118 27.54 -20.80 -6.54
C ARG G 118 28.21 -20.21 -7.79
N LEU G 119 27.44 -19.59 -8.68
CA LEU G 119 28.05 -18.86 -9.78
C LEU G 119 28.52 -17.47 -9.35
N LEU G 120 27.75 -16.82 -8.46
CA LEU G 120 28.15 -15.52 -7.95
C LEU G 120 29.34 -15.59 -7.01
N GLU G 121 29.70 -16.77 -6.53
CA GLU G 121 30.85 -16.94 -5.65
C GLU G 121 32.07 -17.50 -6.38
N SER G 122 32.02 -17.61 -7.70
CA SER G 122 33.20 -17.94 -8.46
C SER G 122 34.15 -16.75 -8.48
N LYS G 123 35.39 -16.99 -8.91
CA LYS G 123 36.44 -15.99 -8.78
C LYS G 123 36.15 -14.75 -9.62
N GLU G 124 35.98 -14.94 -10.93
CA GLU G 124 35.82 -13.80 -11.83
C GLU G 124 34.52 -13.04 -11.56
N VAL G 125 33.44 -13.78 -11.35
CA VAL G 125 32.14 -13.14 -11.06
C VAL G 125 32.22 -12.35 -9.77
N ARG G 126 32.83 -12.94 -8.73
CA ARG G 126 32.95 -12.24 -7.45
C ARG G 126 33.81 -10.99 -7.59
N GLN G 127 34.89 -11.07 -8.36
CA GLN G 127 35.76 -9.91 -8.55
C GLN G 127 35.02 -8.78 -9.26
N TYR G 128 34.32 -9.11 -10.35
CA TYR G 128 33.55 -8.10 -11.06
C TYR G 128 32.47 -7.50 -10.16
N ILE G 129 31.78 -8.35 -9.40
CA ILE G 129 30.69 -7.88 -8.55
C ILE G 129 31.19 -6.96 -7.46
N GLN G 130 32.31 -7.33 -6.82
CA GLN G 130 32.86 -6.50 -5.75
C GLN G 130 33.38 -5.17 -6.30
N ALA G 131 34.03 -5.21 -7.47
CA ALA G 131 34.48 -3.96 -8.09
C ALA G 131 33.30 -3.05 -8.41
N SER G 132 32.23 -3.62 -8.96
CA SER G 132 31.07 -2.81 -9.32
C SER G 132 30.34 -2.30 -8.09
N ALA G 133 30.32 -3.07 -7.00
CA ALA G 133 29.64 -2.64 -5.79
C ALA G 133 30.43 -1.59 -5.03
N ALA G 134 31.76 -1.63 -5.13
CA ALA G 134 32.57 -0.63 -4.44
C ALA G 134 32.67 0.66 -5.25
N LEU G 135 33.03 0.57 -6.53
CA LEU G 135 33.20 1.77 -7.34
C LEU G 135 31.85 2.38 -7.74
N LEU G 136 30.90 1.54 -8.13
CA LEU G 136 29.57 2.00 -8.50
C LEU G 136 28.61 1.73 -7.34
N GLY G 137 27.35 2.15 -7.51
CA GLY G 137 26.36 1.97 -6.46
C GLY G 137 26.13 0.52 -6.12
N GLY G 138 25.92 -0.31 -7.14
CA GLY G 138 25.72 -1.73 -6.94
C GLY G 138 26.32 -2.54 -8.07
N TRP G 139 25.90 -3.81 -8.19
CA TRP G 139 26.38 -4.68 -9.25
C TRP G 139 25.19 -5.23 -10.03
N CYS G 140 25.45 -5.61 -11.28
CA CYS G 140 24.41 -6.12 -12.16
C CYS G 140 25.05 -7.00 -13.21
N VAL G 141 24.66 -8.28 -13.25
CA VAL G 141 25.17 -9.22 -14.23
C VAL G 141 23.99 -9.92 -14.90
N TYR G 142 24.23 -10.40 -16.12
CA TYR G 142 23.25 -11.14 -16.88
C TYR G 142 23.76 -12.56 -17.13
N MET G 143 22.88 -13.55 -17.00
CA MET G 143 23.23 -14.94 -17.20
C MET G 143 22.51 -15.48 -18.43
N VAL G 144 23.23 -16.27 -19.23
CA VAL G 144 22.67 -16.88 -20.44
C VAL G 144 21.83 -18.08 -20.01
N THR G 145 20.50 -17.94 -20.10
CA THR G 145 19.60 -19.03 -19.75
C THR G 145 19.24 -19.90 -20.94
N GLY G 146 19.42 -19.41 -22.16
CA GLY G 146 19.12 -20.22 -23.33
C GLY G 146 19.90 -19.77 -24.54
N ILE G 147 20.07 -20.70 -25.49
CA ILE G 147 20.75 -20.40 -26.74
C ILE G 147 19.98 -21.01 -27.90
N MET G 148 19.90 -20.28 -29.00
CA MET G 148 19.29 -20.75 -30.24
C MET G 148 20.41 -20.98 -31.26
N VAL G 149 20.47 -22.19 -31.80
CA VAL G 149 21.47 -22.54 -32.80
C VAL G 149 20.75 -22.86 -34.11
N ALA G 150 21.37 -22.48 -35.22
CA ALA G 150 20.81 -22.72 -36.55
C ALA G 150 21.52 -23.93 -37.14
N ARG G 151 20.92 -25.11 -36.96
CA ARG G 151 21.46 -26.33 -37.55
C ARG G 151 21.40 -26.24 -39.06
N GLY G 152 22.52 -26.51 -39.72
CA GLY G 152 22.62 -26.32 -41.16
C GLY G 152 22.75 -24.88 -41.58
N GLY G 153 22.97 -23.96 -40.64
CA GLY G 153 23.11 -22.57 -40.98
C GLY G 153 21.81 -21.94 -41.46
N GLY G 154 21.95 -20.90 -42.28
CA GLY G 154 20.80 -20.22 -42.81
C GLY G 154 21.14 -19.45 -44.06
N ARG G 155 20.22 -18.57 -44.46
CA ARG G 155 20.39 -17.74 -45.64
C ARG G 155 20.01 -16.31 -45.31
N ASN G 156 20.73 -15.35 -45.89
CA ASN G 156 20.40 -13.94 -45.78
C ASN G 156 19.53 -13.53 -46.97
N VAL G 157 18.39 -12.91 -46.68
CA VAL G 157 17.38 -12.60 -47.68
C VAL G 157 16.97 -11.14 -47.56
N THR G 158 16.73 -10.50 -48.70
CA THR G 158 16.19 -9.15 -48.75
C THR G 158 14.85 -9.17 -49.51
N SER G 159 14.04 -8.16 -49.25
CA SER G 159 12.72 -8.06 -49.89
C SER G 159 12.61 -6.80 -50.75
N LYS G 178 8.62 -8.99 -52.87
CA LYS G 178 9.57 -9.93 -53.45
C LYS G 178 10.49 -10.50 -52.37
N THR G 179 11.35 -11.44 -52.76
CA THR G 179 12.30 -12.04 -51.84
C THR G 179 13.51 -12.52 -52.63
N LYS G 180 14.69 -12.05 -52.22
CA LYS G 180 15.94 -12.35 -52.91
C LYS G 180 16.96 -12.86 -51.91
N VAL G 181 17.46 -14.07 -52.14
CA VAL G 181 18.48 -14.66 -51.28
C VAL G 181 19.83 -14.04 -51.62
N ASN G 182 20.53 -13.54 -50.60
CA ASN G 182 21.78 -12.83 -50.81
C ASN G 182 23.02 -13.66 -50.49
N ALA G 183 22.91 -14.63 -49.60
CA ALA G 183 24.07 -15.43 -49.23
C ALA G 183 23.60 -16.75 -48.63
N HIS G 184 24.53 -17.71 -48.56
CA HIS G 184 24.29 -19.01 -47.96
C HIS G 184 25.43 -19.35 -47.03
N HIS G 185 25.14 -19.47 -45.74
CA HIS G 185 26.10 -19.89 -44.73
C HIS G 185 25.62 -21.22 -44.17
N THR G 186 26.23 -22.32 -44.62
CA THR G 186 25.77 -23.65 -44.29
C THR G 186 26.48 -24.24 -43.07
N THR G 187 26.97 -23.41 -42.17
CA THR G 187 27.63 -23.86 -40.96
C THR G 187 26.78 -23.52 -39.74
N ASP G 188 26.77 -24.41 -38.76
CA ASP G 188 26.00 -24.17 -37.55
C ASP G 188 26.55 -22.97 -36.79
N PHE G 189 25.65 -22.15 -36.26
CA PHE G 189 26.06 -20.98 -35.50
C PHE G 189 24.94 -20.56 -34.56
N VAL G 190 25.32 -19.92 -33.46
CA VAL G 190 24.35 -19.38 -32.51
C VAL G 190 23.76 -18.10 -33.08
N CYS G 191 22.43 -18.02 -33.10
CA CYS G 191 21.74 -16.87 -33.65
C CYS G 191 20.98 -16.04 -32.64
N ALA G 192 20.75 -16.56 -31.42
CA ALA G 192 20.03 -15.80 -30.41
C ALA G 192 20.37 -16.36 -29.03
N ILE G 193 20.21 -15.52 -28.02
CA ILE G 193 20.42 -15.93 -26.63
C ILE G 193 19.29 -15.38 -25.78
N ARG G 194 18.96 -16.11 -24.72
CA ARG G 194 17.95 -15.73 -23.74
C ARG G 194 18.64 -15.52 -22.40
N LEU G 195 18.52 -14.32 -21.86
CA LEU G 195 19.25 -13.88 -20.68
C LEU G 195 18.31 -13.67 -19.50
N VAL G 196 18.92 -13.44 -18.34
CA VAL G 196 18.19 -13.08 -17.13
C VAL G 196 19.09 -12.15 -16.31
N LYS G 197 18.46 -11.16 -15.68
CA LYS G 197 19.17 -10.10 -14.97
C LYS G 197 19.29 -10.45 -13.50
N ILE G 198 20.52 -10.60 -13.02
CA ILE G 198 20.82 -10.78 -11.61
C ILE G 198 21.38 -9.46 -11.09
N ALA G 199 20.70 -8.86 -10.12
CA ALA G 199 21.11 -7.53 -9.67
C ALA G 199 20.87 -7.36 -8.18
N LYS G 200 21.74 -6.57 -7.55
CA LYS G 200 21.56 -6.15 -6.17
C LYS G 200 21.94 -4.68 -6.07
N SER G 201 21.04 -3.88 -5.49
CA SER G 201 21.28 -2.45 -5.35
C SER G 201 20.65 -1.96 -4.06
N GLY G 202 21.13 -0.82 -3.58
CA GLY G 202 20.63 -0.24 -2.35
C GLY G 202 20.91 -1.07 -1.12
N LEU G 203 21.84 -2.02 -1.21
CA LEU G 203 22.19 -2.92 -0.11
C LEU G 203 20.97 -3.70 0.37
N ARG G 204 20.34 -4.38 -0.59
CA ARG G 204 19.21 -5.26 -0.30
C ARG G 204 19.63 -6.52 0.45
N SER G 205 20.93 -6.74 0.64
CA SER G 205 21.53 -7.90 1.29
C SER G 205 21.24 -9.21 0.55
N SER G 206 20.60 -9.16 -0.62
CA SER G 206 20.31 -10.34 -1.40
C SER G 206 20.02 -9.90 -2.82
N TRP G 207 20.34 -10.76 -3.77
CA TRP G 207 20.18 -10.46 -5.19
C TRP G 207 18.77 -10.81 -5.66
N THR G 208 18.35 -10.14 -6.73
CA THR G 208 17.08 -10.41 -7.39
C THR G 208 17.33 -10.85 -8.83
N MET G 209 16.42 -11.67 -9.34
CA MET G 209 16.53 -12.23 -10.68
C MET G 209 15.27 -11.91 -11.45
N LYS G 210 15.42 -11.26 -12.60
CA LYS G 210 14.27 -10.87 -13.43
C LYS G 210 14.54 -11.24 -14.89
N LYS G 211 13.55 -11.84 -15.53
CA LYS G 211 13.68 -12.16 -16.94
C LYS G 211 13.80 -10.88 -17.76
N VAL G 212 14.72 -10.88 -18.72
CA VAL G 212 14.95 -9.71 -19.57
C VAL G 212 14.11 -9.84 -20.82
N THR G 213 13.60 -8.71 -21.30
CA THR G 213 12.75 -8.67 -22.47
C THR G 213 13.09 -7.45 -23.32
N ARG G 214 13.06 -7.63 -24.63
CA ARG G 214 13.37 -6.55 -25.56
C ARG G 214 12.27 -5.50 -25.57
N SER H 1 20.63 32.11 27.63
CA SER H 1 20.17 31.26 28.73
C SER H 1 18.94 30.44 28.33
N GLY H 2 18.44 29.64 29.26
CA GLY H 2 17.27 28.82 28.99
C GLY H 2 17.57 27.76 27.93
N ARG H 3 16.54 27.41 27.18
CA ARG H 3 16.73 26.47 26.08
C ARG H 3 17.24 27.21 24.84
N PRO H 4 18.19 26.62 24.11
CA PRO H 4 18.83 27.36 23.02
C PRO H 4 17.85 27.77 21.93
N MET H 5 18.28 28.75 21.13
CA MET H 5 17.49 29.29 20.04
C MET H 5 17.69 28.56 18.72
N ASP H 6 18.70 27.69 18.62
CA ASP H 6 19.03 27.00 17.38
C ASP H 6 18.14 25.76 17.23
N ASN H 7 16.88 26.01 16.92
CA ASN H 7 15.98 24.91 16.59
C ASN H 7 16.44 24.23 15.31
N GLU H 8 15.92 23.02 15.09
CA GLU H 8 16.18 22.33 13.84
C GLU H 8 15.55 23.06 12.66
N GLU H 9 14.58 23.93 12.91
CA GLU H 9 13.94 24.72 11.87
C GLU H 9 14.61 26.07 11.64
N TRP H 10 15.59 26.45 12.48
CA TRP H 10 16.25 27.75 12.38
C TRP H 10 17.72 27.52 12.07
N PHE H 11 18.11 27.80 10.83
CA PHE H 11 19.52 27.70 10.44
C PHE H 11 20.25 28.98 10.82
N PRO H 12 21.33 28.90 11.60
CA PRO H 12 22.05 30.12 11.98
C PRO H 12 22.86 30.66 10.83
N LEU H 13 23.05 31.98 10.83
CA LEU H 13 23.84 32.68 9.84
C LEU H 13 25.19 33.09 10.43
N LYS H 14 26.01 33.72 9.60
CA LYS H 14 27.27 34.28 10.07
C LYS H 14 26.97 35.44 11.02
N GLN H 15 27.42 35.32 12.26
CA GLN H 15 27.09 36.32 13.28
C GLN H 15 27.71 37.66 12.94
N THR H 16 26.92 38.72 13.12
CA THR H 16 27.35 40.11 12.89
C THR H 16 27.81 40.32 11.45
N HIS H 17 27.01 39.86 10.50
CA HIS H 17 27.30 40.08 9.10
C HIS H 17 26.10 40.55 8.30
N TYR H 18 24.91 40.01 8.58
CA TYR H 18 23.73 40.33 7.80
C TYR H 18 22.86 41.33 8.57
N PRO H 19 22.82 42.60 8.16
CA PRO H 19 21.99 43.56 8.87
C PRO H 19 20.52 43.23 8.70
N PRO H 20 19.68 43.59 9.67
CA PRO H 20 18.25 43.30 9.56
C PRO H 20 17.59 44.23 8.57
N PRO H 21 16.45 43.84 8.01
CA PRO H 21 15.66 44.77 7.20
C PRO H 21 14.77 45.64 8.07
N THR H 22 14.25 46.70 7.47
CA THR H 22 13.26 47.52 8.15
C THR H 22 11.94 46.78 8.22
N ILE H 23 11.24 46.94 9.34
CA ILE H 23 9.95 46.26 9.52
C ILE H 23 8.97 46.55 8.39
N PRO H 24 8.80 47.80 7.93
CA PRO H 24 7.84 48.04 6.84
C PRO H 24 8.26 47.41 5.51
N SER H 25 9.57 47.27 5.25
CA SER H 25 10.03 46.80 3.95
C SER H 25 9.87 45.29 3.76
N MET H 26 9.53 44.55 4.82
CA MET H 26 9.35 43.11 4.66
C MET H 26 8.11 42.79 3.83
N LYS H 27 7.07 43.61 3.92
CA LYS H 27 5.85 43.39 3.17
C LYS H 27 5.87 44.01 1.78
N THR H 28 6.71 45.02 1.56
CA THR H 28 6.71 45.73 0.29
C THR H 28 7.22 44.87 -0.86
N GLY H 29 7.90 43.76 -0.56
CA GLY H 29 8.57 43.00 -1.59
C GLY H 29 9.94 43.52 -1.97
N HIS H 30 10.33 44.68 -1.47
CA HIS H 30 11.66 45.25 -1.67
C HIS H 30 12.27 45.48 -0.28
N PRO H 31 12.82 44.44 0.34
CA PRO H 31 13.37 44.61 1.69
C PRO H 31 14.68 45.38 1.67
N THR H 32 14.92 46.12 2.75
CA THR H 32 16.09 46.97 2.88
C THR H 32 17.31 46.23 3.43
N GLY H 33 17.29 44.90 3.40
CA GLY H 33 18.39 44.12 3.92
C GLY H 33 18.86 43.05 2.95
N PRO H 34 19.97 42.39 3.28
CA PRO H 34 20.48 41.34 2.38
C PRO H 34 19.67 40.06 2.42
N ILE H 35 18.97 39.80 3.53
CA ILE H 35 18.19 38.58 3.68
C ILE H 35 16.96 38.89 4.53
N SER H 36 15.82 38.36 4.10
CA SER H 36 14.54 38.63 4.76
C SER H 36 13.53 37.62 4.24
N ILE H 37 12.31 37.68 4.80
CA ILE H 37 11.25 36.77 4.40
C ILE H 37 10.83 37.06 2.97
N GLY H 38 10.65 36.00 2.18
CA GLY H 38 10.27 36.12 0.78
C GLY H 38 11.40 35.90 -0.20
N HIS H 39 12.65 35.92 0.27
CA HIS H 39 13.79 35.70 -0.62
C HIS H 39 13.86 34.23 -1.04
N ILE H 40 14.41 34.02 -2.23
CA ILE H 40 14.62 32.68 -2.78
C ILE H 40 16.12 32.45 -2.88
N ILE H 41 16.58 31.32 -2.36
CA ILE H 41 18.00 30.97 -2.40
C ILE H 41 18.14 29.66 -3.18
N PRO H 42 19.30 29.41 -3.82
CA PRO H 42 19.43 28.18 -4.60
C PRO H 42 19.51 26.92 -3.76
N ASP H 43 20.15 26.98 -2.61
CA ASP H 43 20.34 25.81 -1.74
C ASP H 43 20.76 26.30 -0.37
N LEU H 44 21.18 25.36 0.49
CA LEU H 44 21.70 25.69 1.81
C LEU H 44 23.19 25.98 1.79
N ARG H 45 23.87 25.73 0.67
CA ARG H 45 25.30 26.04 0.59
C ARG H 45 25.53 27.54 0.45
N HIS H 46 24.61 28.25 -0.20
CA HIS H 46 24.73 29.70 -0.43
C HIS H 46 23.54 30.37 0.23
N LEU H 47 23.63 30.57 1.56
CA LEU H 47 22.58 31.28 2.28
C LEU H 47 22.51 32.75 1.89
N ASP H 48 23.51 33.27 1.18
CA ASP H 48 23.54 34.67 0.79
C ASP H 48 23.14 34.91 -0.66
N ASN H 49 23.34 33.92 -1.54
CA ASN H 49 22.93 34.06 -2.93
C ASN H 49 21.41 34.15 -3.01
N VAL H 50 20.92 35.28 -3.48
CA VAL H 50 19.49 35.56 -3.56
C VAL H 50 19.09 35.63 -5.03
N ILE H 51 18.08 34.83 -5.40
CA ILE H 51 17.60 34.84 -6.77
C ILE H 51 16.71 36.05 -7.02
N ASN H 52 15.73 36.28 -6.14
CA ASN H 52 14.84 37.43 -6.27
C ASN H 52 15.45 38.67 -5.64
N CYS H 53 16.70 38.97 -6.00
CA CYS H 53 17.38 40.13 -5.41
C CYS H 53 16.79 41.44 -5.93
N LYS H 54 16.32 41.46 -7.16
CA LYS H 54 15.79 42.68 -7.74
C LYS H 54 14.32 42.86 -7.38
N GLY H 55 14.01 42.72 -6.10
CA GLY H 55 12.65 42.82 -5.63
C GLY H 55 11.85 41.54 -5.85
N PHE H 56 10.81 41.39 -5.04
CA PHE H 56 9.87 40.28 -5.19
C PHE H 56 8.46 40.80 -4.95
N GLU H 57 7.47 39.93 -5.11
CA GLU H 57 6.08 40.34 -5.05
C GLU H 57 5.72 40.80 -3.64
N PRO H 58 4.99 41.91 -3.50
CA PRO H 58 4.57 42.36 -2.17
C PRO H 58 3.66 41.35 -1.50
N PHE H 59 3.57 41.45 -0.18
CA PHE H 59 2.81 40.48 0.59
C PHE H 59 1.31 40.71 0.42
N PRO H 60 0.54 39.64 0.23
CA PRO H 60 -0.92 39.79 0.10
C PRO H 60 -1.56 40.10 1.44
N PRO H 61 -2.86 40.39 1.48
CA PRO H 61 -3.52 40.64 2.78
C PRO H 61 -3.43 39.46 3.74
N ASN H 62 -3.63 38.24 3.26
CA ASN H 62 -3.57 37.07 4.14
C ASN H 62 -2.16 36.74 4.61
N MET H 63 -1.16 37.54 4.26
CA MET H 63 0.21 37.34 4.68
C MET H 63 0.63 38.50 5.59
N ASP H 64 0.46 38.30 6.89
CA ASP H 64 0.93 39.25 7.89
C ASP H 64 2.13 38.66 8.61
N VAL H 65 3.09 39.51 8.95
CA VAL H 65 4.31 39.08 9.62
C VAL H 65 4.04 39.05 11.12
N PHE H 66 4.04 37.85 11.70
CA PHE H 66 3.84 37.69 13.13
C PHE H 66 5.20 37.68 13.84
N THR H 67 5.19 38.10 15.10
CA THR H 67 6.42 38.28 15.87
C THR H 67 6.39 37.44 17.14
N ALA H 68 7.57 36.99 17.54
CA ALA H 68 7.76 36.25 18.79
C ALA H 68 9.01 36.79 19.48
N HIS H 69 8.87 37.25 20.71
CA HIS H 69 9.95 37.94 21.41
C HIS H 69 10.55 37.05 22.50
N TYR H 70 11.88 37.08 22.60
CA TYR H 70 12.60 36.28 23.58
C TYR H 70 13.70 37.12 24.20
N GLU H 71 14.01 36.80 25.46
CA GLU H 71 14.99 37.55 26.24
C GLU H 71 16.02 36.59 26.84
N GLN H 72 17.25 37.08 26.96
CA GLN H 72 18.38 36.31 27.50
C GLN H 72 18.56 35.00 26.74
N CYS H 73 18.79 35.12 25.44
CA CYS H 73 18.90 33.99 24.54
C CYS H 73 20.36 33.59 24.35
N HIS H 74 20.56 32.44 23.71
CA HIS H 74 21.90 31.98 23.37
C HIS H 74 21.81 30.97 22.23
N PHE H 75 22.93 30.77 21.56
CA PHE H 75 23.05 29.83 20.46
C PHE H 75 23.97 28.67 20.87
N GLY H 76 23.64 27.48 20.39
CA GLY H 76 24.43 26.30 20.67
C GLY H 76 24.39 25.87 22.13
N HIS H 78 24.26 19.19 20.77
CA HIS H 78 25.20 19.89 19.91
C HIS H 78 26.64 19.46 20.23
N LEU H 79 27.51 20.43 20.51
CA LEU H 79 28.90 20.17 20.83
C LEU H 79 29.27 20.76 22.20
N ASN H 80 28.28 20.90 23.07
CA ASN H 80 28.53 21.44 24.40
C ASN H 80 29.45 20.50 25.19
N SER H 81 30.08 21.06 26.22
CA SER H 81 31.00 20.27 27.04
C SER H 81 30.29 19.11 27.71
N GLU H 82 29.01 19.27 28.04
CA GLU H 82 28.28 18.21 28.73
C GLU H 82 28.01 17.04 27.80
N PHE H 83 27.46 17.31 26.60
CA PHE H 83 27.17 16.24 25.67
C PHE H 83 28.43 15.56 25.15
N VAL H 84 29.50 16.34 24.96
CA VAL H 84 30.72 15.78 24.40
C VAL H 84 31.40 14.85 25.39
N VAL H 85 31.41 15.22 26.68
CA VAL H 85 32.13 14.42 27.66
C VAL H 85 31.41 13.10 27.93
N GLN H 86 30.08 13.08 27.80
CA GLN H 86 29.34 11.84 28.00
C GLN H 86 29.09 11.07 26.71
N ALA H 87 29.37 11.68 25.55
CA ALA H 87 29.43 10.93 24.31
C ALA H 87 30.82 10.35 24.06
N GLY H 88 31.83 10.82 24.79
CA GLY H 88 33.17 10.28 24.66
C GLY H 88 33.93 10.74 23.43
N LEU H 89 33.79 12.01 23.07
CA LEU H 89 34.40 12.54 21.86
C LEU H 89 35.67 13.34 22.13
N HIS H 90 35.59 14.33 23.02
CA HIS H 90 36.75 15.15 23.40
C HIS H 90 37.41 15.78 22.17
N HIS H 91 36.59 16.48 21.38
CA HIS H 91 37.03 17.06 20.11
C HIS H 91 37.10 18.59 20.20
N THR H 92 37.52 19.11 21.35
CA THR H 92 37.54 20.55 21.62
C THR H 92 36.16 21.18 21.44
N ASN H 93 35.11 20.41 21.72
CA ASN H 93 33.74 20.91 21.73
C ASN H 93 33.35 21.63 20.44
N ASP H 97 32.40 28.70 19.28
CA ASP H 97 31.95 28.86 20.65
C ASP H 97 30.44 29.11 20.72
N ARG H 98 30.03 30.00 21.63
CA ARG H 98 28.63 30.26 21.91
C ARG H 98 28.35 31.75 21.92
N TRP H 99 27.25 32.15 21.30
CA TRP H 99 26.81 33.54 21.26
C TRP H 99 25.63 33.73 22.20
N GLU H 100 25.60 34.88 22.88
CA GLU H 100 24.51 35.24 23.77
C GLU H 100 23.95 36.60 23.36
N TYR H 101 22.63 36.74 23.46
CA TYR H 101 21.95 37.98 23.10
C TYR H 101 20.98 38.37 24.21
N ASP H 102 20.66 39.65 24.26
CA ASP H 102 19.71 40.16 25.25
C ASP H 102 18.27 40.08 24.75
N SER H 103 18.04 40.32 23.46
CA SER H 103 16.71 40.28 22.89
C SER H 103 16.77 39.67 21.50
N VAL H 104 15.85 38.75 21.23
CA VAL H 104 15.75 38.10 19.92
C VAL H 104 14.29 38.14 19.48
N VAL H 105 14.05 38.61 18.26
CA VAL H 105 12.70 38.72 17.71
C VAL H 105 12.61 37.83 16.48
N GLU H 106 11.61 36.94 16.47
CA GLU H 106 11.30 36.11 15.33
C GLU H 106 10.20 36.76 14.51
N TYR H 107 10.46 36.97 13.23
CA TYR H 107 9.46 37.42 12.26
C TYR H 107 9.11 36.24 11.36
N ALA H 108 7.81 35.93 11.27
CA ALA H 108 7.36 34.70 10.62
C ALA H 108 6.16 34.99 9.73
N VAL H 109 6.09 34.25 8.62
CA VAL H 109 4.98 34.30 7.67
C VAL H 109 4.64 32.87 7.30
N TYR H 110 3.40 32.65 6.86
CA TYR H 110 2.99 31.36 6.33
C TYR H 110 2.77 31.46 4.83
N PRO H 111 3.53 30.75 4.00
CA PRO H 111 3.38 30.90 2.55
C PRO H 111 2.12 30.23 2.04
N THR H 112 1.45 30.91 1.10
CA THR H 112 0.25 30.40 0.45
C THR H 112 0.59 29.88 -0.95
N ARG H 113 -0.27 29.01 -1.46
CA ARG H 113 -0.05 28.40 -2.77
C ARG H 113 0.04 29.47 -3.86
N GLN H 114 -0.90 30.41 -3.86
CA GLN H 114 -0.94 31.41 -4.92
C GLN H 114 0.27 32.34 -4.88
N TYR H 115 0.71 32.71 -3.67
CA TYR H 115 1.86 33.59 -3.57
C TYR H 115 3.14 32.89 -4.00
N ILE H 116 3.26 31.59 -3.70
CA ILE H 116 4.41 30.83 -4.19
C ILE H 116 4.36 30.76 -5.72
N ASP H 117 3.18 30.51 -6.28
CA ASP H 117 3.05 30.48 -7.74
C ASP H 117 3.47 31.81 -8.36
N ARG H 118 3.05 32.92 -7.75
CA ARG H 118 3.46 34.23 -8.25
C ARG H 118 4.95 34.48 -8.06
N LEU H 119 5.56 33.88 -7.03
CA LEU H 119 7.00 33.99 -6.86
C LEU H 119 7.74 33.13 -7.88
N LEU H 120 7.21 31.95 -8.19
CA LEU H 120 7.80 31.15 -9.26
C LEU H 120 7.61 31.81 -10.62
N GLU H 121 6.56 32.60 -10.76
CA GLU H 121 6.30 33.37 -11.98
C GLU H 121 7.01 34.72 -11.94
N SER H 122 8.29 34.69 -11.58
CA SER H 122 9.11 35.90 -11.47
C SER H 122 10.17 35.91 -12.57
N LYS H 123 10.69 37.12 -12.82
CA LYS H 123 11.69 37.29 -13.87
C LYS H 123 12.98 36.53 -13.53
N GLU H 124 13.42 36.61 -12.28
CA GLU H 124 14.68 35.99 -11.89
C GLU H 124 14.51 34.54 -11.43
N VAL H 125 13.35 34.21 -10.84
CA VAL H 125 13.13 32.85 -10.38
C VAL H 125 12.94 31.90 -11.56
N ARG H 126 12.33 32.37 -12.64
CA ARG H 126 12.07 31.50 -13.78
C ARG H 126 13.37 31.05 -14.44
N GLN H 127 14.38 31.93 -14.48
CA GLN H 127 15.63 31.58 -15.14
C GLN H 127 16.35 30.45 -14.39
N TYR H 128 16.41 30.55 -13.06
CA TYR H 128 17.03 29.48 -12.29
C TYR H 128 16.20 28.20 -12.36
N ILE H 129 14.88 28.33 -12.42
CA ILE H 129 14.01 27.15 -12.45
C ILE H 129 14.05 26.49 -13.82
N GLN H 130 13.89 27.27 -14.89
CA GLN H 130 13.83 26.71 -16.23
C GLN H 130 15.18 26.12 -16.64
N ALA H 131 16.26 26.85 -16.40
CA ALA H 131 17.59 26.34 -16.76
C ALA H 131 17.92 25.09 -15.97
N SER H 132 17.49 25.02 -14.71
CA SER H 132 17.71 23.81 -13.93
C SER H 132 16.83 22.66 -14.42
N ALA H 133 15.65 22.96 -14.96
CA ALA H 133 14.80 21.91 -15.48
C ALA H 133 15.35 21.34 -16.79
N ALA H 134 16.02 22.17 -17.60
CA ALA H 134 16.53 21.71 -18.88
C ALA H 134 17.88 21.02 -18.74
N LEU H 135 18.87 21.74 -18.19
CA LEU H 135 20.22 21.18 -18.07
C LEU H 135 20.25 20.06 -17.03
N LEU H 136 19.67 20.30 -15.86
CA LEU H 136 19.58 19.29 -14.82
C LEU H 136 18.20 18.62 -14.86
N GLY H 137 18.02 17.61 -14.01
CA GLY H 137 16.78 16.86 -13.99
C GLY H 137 15.55 17.70 -13.72
N GLY H 138 15.44 18.23 -12.51
CA GLY H 138 14.35 19.13 -12.17
C GLY H 138 14.87 20.41 -11.57
N TRP H 139 14.05 21.08 -10.77
CA TRP H 139 14.46 22.29 -10.08
C TRP H 139 14.10 22.21 -8.61
N CYS H 140 14.87 22.90 -7.78
CA CYS H 140 14.65 22.90 -6.33
C CYS H 140 15.20 24.19 -5.76
N VAL H 141 14.31 25.00 -5.16
CA VAL H 141 14.69 26.26 -4.55
C VAL H 141 14.22 26.26 -3.11
N TYR H 142 14.72 27.24 -2.35
CA TYR H 142 14.36 27.40 -0.95
C TYR H 142 13.90 28.83 -0.71
N MET H 143 12.86 28.98 0.10
CA MET H 143 12.28 30.29 0.40
C MET H 143 12.43 30.59 1.87
N VAL H 144 12.81 31.83 2.18
CA VAL H 144 12.93 32.27 3.57
C VAL H 144 11.53 32.46 4.13
N THR H 145 11.12 31.58 5.03
CA THR H 145 9.81 31.66 5.67
C THR H 145 9.84 32.50 6.93
N GLY H 146 11.00 32.60 7.58
CA GLY H 146 11.11 33.42 8.78
C GLY H 146 12.54 33.87 9.01
N ILE H 147 12.68 34.88 9.87
CA ILE H 147 13.98 35.39 10.26
C ILE H 147 14.03 35.63 11.75
N MET H 148 15.24 35.59 12.31
CA MET H 148 15.49 35.90 13.71
C MET H 148 16.48 37.05 13.77
N VAL H 149 16.11 38.12 14.48
CA VAL H 149 16.92 39.31 14.57
C VAL H 149 17.34 39.51 16.02
N ALA H 150 18.64 39.71 16.24
CA ALA H 150 19.17 40.00 17.56
C ALA H 150 19.10 41.50 17.79
N ARG H 151 17.97 41.95 18.34
CA ARG H 151 17.79 43.36 18.64
C ARG H 151 18.71 43.77 19.78
N GLY H 152 19.64 44.66 19.50
CA GLY H 152 20.67 45.03 20.45
C GLY H 152 21.98 44.29 20.28
N GLY H 153 22.09 43.45 19.25
CA GLY H 153 23.32 42.71 19.03
C GLY H 153 23.47 41.53 19.98
N GLY H 154 24.70 41.17 20.25
CA GLY H 154 25.01 40.06 21.12
C GLY H 154 26.45 40.08 21.57
N ARG H 155 26.89 38.93 22.09
CA ARG H 155 28.25 38.81 22.60
C ARG H 155 28.72 37.38 22.42
N ASN H 156 30.02 37.23 22.18
CA ASN H 156 30.65 35.92 22.07
C ASN H 156 31.14 35.49 23.44
N VAL H 157 30.71 34.32 23.89
CA VAL H 157 31.00 33.84 25.24
C VAL H 157 31.63 32.45 25.14
N THR H 158 32.66 32.22 25.95
CA THR H 158 33.31 30.92 26.07
C THR H 158 33.41 30.56 27.54
N SER H 159 33.15 29.28 27.85
CA SER H 159 33.18 28.79 29.22
C SER H 159 34.21 27.67 29.35
N GLU H 160 34.80 27.56 30.53
CA GLU H 160 35.77 26.51 30.82
C GLU H 160 35.30 25.64 31.97
N THR H 179 32.88 31.32 32.50
CA THR H 179 32.35 31.98 31.31
C THR H 179 33.08 33.30 31.08
N LYS H 180 33.56 33.51 29.84
CA LYS H 180 34.30 34.71 29.49
C LYS H 180 33.65 35.38 28.29
N VAL H 181 33.34 36.67 28.43
CA VAL H 181 32.75 37.45 27.35
C VAL H 181 33.89 37.90 26.43
N ASN H 182 34.05 37.22 25.29
CA ASN H 182 35.18 37.51 24.40
C ASN H 182 34.98 38.82 23.66
N ALA H 183 33.79 39.02 23.06
CA ALA H 183 33.55 40.20 22.25
C ALA H 183 32.18 40.77 22.58
N HIS H 184 31.96 42.01 22.14
CA HIS H 184 30.70 42.71 22.32
C HIS H 184 30.28 43.33 20.99
N HIS H 185 29.01 43.15 20.63
CA HIS H 185 28.47 43.74 19.41
C HIS H 185 27.10 44.33 19.74
N THR H 186 26.94 45.63 19.51
CA THR H 186 25.77 46.36 19.99
C THR H 186 24.78 46.73 18.88
N THR H 187 25.06 46.39 17.63
CA THR H 187 24.16 46.73 16.53
C THR H 187 23.34 45.50 16.12
N ASP H 188 22.16 45.77 15.56
CA ASP H 188 21.23 44.71 15.22
C ASP H 188 21.73 43.91 14.01
N PHE H 189 21.37 42.63 13.99
CA PHE H 189 21.76 41.75 12.89
C PHE H 189 20.88 40.50 12.93
N VAL H 190 20.75 39.87 11.77
CA VAL H 190 19.99 38.63 11.65
C VAL H 190 20.89 37.46 12.04
N CYS H 191 20.38 36.60 12.93
CA CYS H 191 21.16 35.48 13.44
C CYS H 191 20.69 34.12 12.96
N ALA H 192 19.51 34.03 12.34
CA ALA H 192 19.02 32.75 11.85
C ALA H 192 17.88 32.98 10.85
N ILE H 193 17.70 32.01 9.96
CA ILE H 193 16.60 32.02 9.00
C ILE H 193 15.90 30.67 9.03
N ARG H 194 14.60 30.70 8.71
CA ARG H 194 13.77 29.50 8.63
C ARG H 194 13.27 29.39 7.19
N LEU H 195 13.54 28.23 6.57
CA LEU H 195 13.33 28.03 5.15
C LEU H 195 12.32 26.93 4.88
N VAL H 196 11.77 26.94 3.67
CA VAL H 196 10.98 25.84 3.14
C VAL H 196 11.55 25.45 1.79
N LYS H 197 11.57 24.16 1.51
CA LYS H 197 12.09 23.62 0.26
C LYS H 197 10.96 23.46 -0.74
N ILE H 198 11.09 24.13 -1.89
CA ILE H 198 10.13 24.06 -2.99
C ILE H 198 10.82 23.39 -4.16
N ALA H 199 10.28 22.27 -4.60
CA ALA H 199 10.96 21.44 -5.60
C ALA H 199 9.96 20.85 -6.58
N LYS H 200 10.48 20.50 -7.76
CA LYS H 200 9.71 19.78 -8.78
C LYS H 200 10.68 18.86 -9.51
N SER H 201 10.41 17.57 -9.49
CA SER H 201 11.31 16.60 -10.10
C SER H 201 10.49 15.43 -10.64
N GLY H 202 11.14 14.60 -11.45
CA GLY H 202 10.49 13.45 -12.02
C GLY H 202 9.40 13.79 -13.01
N LEU H 203 9.54 14.89 -13.73
CA LEU H 203 8.58 15.32 -14.75
C LEU H 203 7.19 15.57 -14.18
N ARG H 204 7.08 15.79 -12.87
CA ARG H 204 5.78 16.04 -12.27
C ARG H 204 5.27 17.43 -12.65
N SER H 205 3.94 17.56 -12.71
CA SER H 205 3.33 18.81 -13.12
C SER H 205 3.33 19.82 -11.98
N SER H 206 2.87 19.41 -10.80
CA SER H 206 2.75 20.31 -9.66
C SER H 206 3.99 20.22 -8.77
N TRP H 207 4.40 21.38 -8.25
CA TRP H 207 5.55 21.44 -7.36
C TRP H 207 5.14 21.03 -5.94
N THR H 208 6.15 20.83 -5.09
CA THR H 208 5.95 20.43 -3.71
C THR H 208 6.72 21.37 -2.79
N MET H 209 6.20 21.54 -1.58
CA MET H 209 6.80 22.40 -0.57
C MET H 209 6.85 21.64 0.76
N LYS H 210 8.00 21.67 1.41
CA LYS H 210 8.18 20.98 2.68
C LYS H 210 9.07 21.79 3.61
N LYS H 211 8.76 21.77 4.90
CA LYS H 211 9.59 22.46 5.87
C LYS H 211 10.99 21.87 5.90
N VAL H 212 11.98 22.71 6.19
CA VAL H 212 13.38 22.31 6.20
C VAL H 212 13.84 22.20 7.64
N THR H 213 14.40 21.04 7.99
CA THR H 213 14.89 20.77 9.33
C THR H 213 16.39 20.48 9.27
N ARG H 214 17.01 20.47 10.45
CA ARG H 214 18.46 20.31 10.55
C ARG H 214 18.84 19.31 11.64
N ASP I 6 29.67 8.49 -9.91
CA ASP I 6 29.19 8.93 -8.61
C ASP I 6 29.76 10.29 -8.24
N ASN I 7 29.71 11.23 -9.18
CA ASN I 7 30.26 12.57 -8.93
C ASN I 7 29.45 13.32 -7.89
N GLU I 8 28.18 12.99 -7.73
CA GLU I 8 27.30 13.66 -6.78
C GLU I 8 27.33 13.02 -5.40
N GLU I 9 28.22 12.05 -5.16
CA GLU I 9 28.34 11.39 -3.88
C GLU I 9 29.62 11.73 -3.13
N TRP I 10 30.45 12.62 -3.68
CA TRP I 10 31.72 13.00 -3.06
C TRP I 10 31.61 14.40 -2.48
N PHE I 11 31.62 14.49 -1.16
CA PHE I 11 31.66 15.78 -0.49
C PHE I 11 33.11 16.25 -0.39
N PRO I 12 33.46 17.41 -0.92
CA PRO I 12 34.81 17.93 -0.72
C PRO I 12 35.02 18.38 0.71
N LEU I 13 36.28 18.54 1.07
CA LEU I 13 36.67 18.94 2.41
C LEU I 13 37.49 20.24 2.33
N LYS I 14 38.09 20.61 3.46
CA LYS I 14 38.98 21.76 3.51
C LYS I 14 40.33 21.35 2.91
N GLN I 15 40.72 22.02 1.83
CA GLN I 15 41.86 21.58 1.03
C GLN I 15 43.16 21.62 1.83
N THR I 16 44.03 20.65 1.54
CA THR I 16 45.37 20.55 2.12
C THR I 16 45.31 20.53 3.65
N HIS I 17 44.58 19.55 4.18
CA HIS I 17 44.42 19.42 5.62
C HIS I 17 44.40 17.98 6.11
N TYR I 18 44.52 16.99 5.23
CA TYR I 18 44.35 15.59 5.60
C TYR I 18 45.36 14.73 4.85
N PRO I 19 46.41 14.26 5.53
CA PRO I 19 47.35 13.34 4.89
C PRO I 19 46.70 12.00 4.63
N PRO I 20 46.86 11.45 3.42
CA PRO I 20 46.22 10.18 3.09
C PRO I 20 46.86 9.03 3.86
N PRO I 21 46.05 8.08 4.34
CA PRO I 21 46.62 6.91 5.01
C PRO I 21 47.21 5.92 4.02
N THR I 22 48.07 5.06 4.54
CA THR I 22 48.65 4.02 3.70
C THR I 22 47.60 2.97 3.37
N ILE I 23 47.60 2.50 2.12
CA ILE I 23 46.60 1.52 1.69
C ILE I 23 46.57 0.29 2.61
N PRO I 24 47.69 -0.28 3.04
CA PRO I 24 47.60 -1.40 3.99
C PRO I 24 46.96 -1.01 5.32
N SER I 25 47.10 0.25 5.76
CA SER I 25 46.51 0.67 7.02
C SER I 25 45.01 0.81 6.94
N MET I 26 44.45 1.02 5.74
CA MET I 26 43.01 1.19 5.62
C MET I 26 42.26 -0.09 5.95
N LYS I 27 42.89 -1.24 5.76
CA LYS I 27 42.22 -2.53 5.94
C LYS I 27 42.55 -3.21 7.26
N THR I 28 43.54 -2.71 8.01
CA THR I 28 43.86 -3.24 9.33
C THR I 28 43.03 -2.62 10.44
N GLY I 29 42.19 -1.64 10.13
CA GLY I 29 41.43 -0.94 11.14
C GLY I 29 42.16 0.15 11.87
N HIS I 30 43.44 0.36 11.54
CA HIS I 30 44.27 1.40 12.19
C HIS I 30 44.90 2.25 11.09
N PRO I 31 44.12 3.13 10.46
CA PRO I 31 44.68 3.96 9.39
C PRO I 31 45.64 5.00 9.92
N THR I 32 46.66 5.30 9.11
CA THR I 32 47.67 6.28 9.50
C THR I 32 47.22 7.71 9.28
N GLY I 33 46.18 7.93 8.47
CA GLY I 33 45.67 9.26 8.22
C GLY I 33 44.55 9.61 9.16
N PRO I 34 44.23 10.91 9.26
CA PRO I 34 43.15 11.32 10.16
C PRO I 34 41.77 10.97 9.62
N ILE I 35 41.56 11.08 8.31
CA ILE I 35 40.32 10.68 7.66
C ILE I 35 40.63 9.50 6.75
N SER I 36 39.78 8.48 6.81
CA SER I 36 40.01 7.26 6.04
C SER I 36 38.71 6.49 5.92
N ILE I 37 38.76 5.43 5.12
CA ILE I 37 37.61 4.55 4.97
C ILE I 37 37.38 3.79 6.27
N GLY I 38 36.13 3.75 6.72
CA GLY I 38 35.78 3.10 7.96
C GLY I 38 35.58 4.03 9.13
N HIS I 39 35.89 5.32 8.97
CA HIS I 39 35.71 6.28 10.04
C HIS I 39 34.24 6.70 10.14
N ILE I 40 33.83 7.05 11.35
CA ILE I 40 32.45 7.43 11.65
C ILE I 40 32.44 8.89 12.07
N ILE I 41 31.68 9.71 11.35
CA ILE I 41 31.52 11.12 11.68
C ILE I 41 30.08 11.36 12.14
N PRO I 42 29.83 12.32 13.03
CA PRO I 42 28.48 12.50 13.56
C PRO I 42 27.52 13.17 12.60
N ASP I 43 27.97 14.22 11.93
CA ASP I 43 27.10 15.05 11.09
C ASP I 43 27.77 15.30 9.75
N LEU I 44 27.03 15.96 8.87
CA LEU I 44 27.57 16.46 7.61
C LEU I 44 28.19 17.84 7.74
N ARG I 45 28.00 18.51 8.88
CA ARG I 45 28.60 19.82 9.08
C ARG I 45 30.05 19.72 9.52
N HIS I 46 30.43 18.59 10.13
CA HIS I 46 31.81 18.40 10.60
C HIS I 46 32.68 17.80 9.50
N LEU I 47 32.39 16.55 9.12
CA LEU I 47 33.15 15.82 8.11
C LEU I 47 34.59 15.63 8.52
N ASP I 48 34.94 16.07 9.73
CA ASP I 48 36.28 15.97 10.27
C ASP I 48 36.31 15.39 11.67
N ASN I 49 35.16 15.29 12.34
CA ASN I 49 35.08 14.83 13.73
C ASN I 49 34.94 13.31 13.75
N VAL I 50 36.09 12.64 13.67
CA VAL I 50 36.08 11.18 13.68
C VAL I 50 35.73 10.68 15.08
N ILE I 51 34.71 9.83 15.16
CA ILE I 51 34.31 9.26 16.44
C ILE I 51 35.21 8.09 16.82
N ASN I 52 35.35 7.13 15.91
CA ASN I 52 36.24 5.99 16.14
C ASN I 52 37.69 6.38 15.91
N CYS I 53 38.15 7.42 16.59
CA CYS I 53 39.51 7.89 16.43
C CYS I 53 40.55 6.95 17.02
N LYS I 54 40.13 5.97 17.82
CA LYS I 54 41.04 5.00 18.43
C LYS I 54 41.03 3.66 17.71
N GLY I 55 40.64 3.63 16.44
CA GLY I 55 40.64 2.43 15.64
C GLY I 55 39.23 1.89 15.42
N PHE I 56 39.15 0.94 14.49
CA PHE I 56 37.91 0.26 14.18
C PHE I 56 38.22 -1.15 13.69
N GLU I 57 37.17 -1.91 13.41
CA GLU I 57 37.34 -3.30 13.03
C GLU I 57 38.02 -3.40 11.66
N PRO I 58 38.95 -4.33 11.49
CA PRO I 58 39.64 -4.45 10.20
C PRO I 58 38.70 -4.89 9.08
N PHE I 59 39.04 -4.49 7.87
CA PHE I 59 38.21 -4.81 6.71
C PHE I 59 38.15 -6.32 6.51
N PRO I 60 36.96 -6.93 6.52
CA PRO I 60 36.86 -8.38 6.33
C PRO I 60 37.36 -8.79 4.96
N PRO I 61 37.64 -10.08 4.76
CA PRO I 61 38.14 -10.52 3.45
C PRO I 61 37.20 -10.20 2.29
N ASN I 62 35.89 -10.19 2.53
CA ASN I 62 34.94 -9.83 1.47
C ASN I 62 35.00 -8.35 1.12
N MET I 63 35.51 -7.51 2.02
CA MET I 63 35.67 -6.08 1.76
C MET I 63 37.10 -5.83 1.29
N ASP I 64 37.24 -5.31 0.08
CA ASP I 64 38.54 -4.97 -0.47
C ASP I 64 38.50 -3.54 -1.01
N VAL I 65 39.63 -2.86 -0.89
CA VAL I 65 39.73 -1.48 -1.37
C VAL I 65 39.97 -1.49 -2.87
N PHE I 66 39.08 -0.83 -3.62
CA PHE I 66 39.21 -0.70 -5.06
C PHE I 66 39.58 0.73 -5.42
N THR I 67 40.28 0.87 -6.53
CA THR I 67 40.97 2.12 -6.88
C THR I 67 40.49 2.62 -8.23
N ALA I 68 40.39 3.95 -8.34
CA ALA I 68 40.08 4.61 -9.60
C ALA I 68 40.94 5.86 -9.71
N HIS I 69 41.97 5.81 -10.56
CA HIS I 69 42.78 6.99 -10.78
C HIS I 69 42.07 7.97 -11.71
N TYR I 70 42.48 9.22 -11.65
CA TYR I 70 41.82 10.27 -12.43
C TYR I 70 42.82 11.38 -12.72
N GLU I 71 42.98 11.71 -14.01
CA GLU I 71 43.74 12.90 -14.40
C GLU I 71 42.80 14.09 -14.40
N GLN I 72 41.80 14.08 -13.51
CA GLN I 72 40.76 15.08 -13.54
C GLN I 72 41.28 16.43 -13.06
N CYS I 73 41.04 17.47 -13.85
CA CYS I 73 41.36 18.83 -13.47
C CYS I 73 40.10 19.48 -12.89
N HIS I 74 40.06 20.82 -12.89
CA HIS I 74 38.87 21.52 -12.40
C HIS I 74 37.65 21.15 -13.23
N PHE I 75 37.74 21.31 -14.55
CA PHE I 75 36.66 21.00 -15.48
C PHE I 75 35.30 21.50 -15.02
N HIS I 78 28.63 22.79 -9.58
CA HIS I 78 27.18 22.72 -9.44
C HIS I 78 26.53 23.98 -9.99
N LEU I 79 27.14 25.14 -9.72
CA LEU I 79 26.68 26.43 -10.23
C LEU I 79 27.86 27.16 -10.87
N ASN I 80 28.29 26.66 -12.03
CA ASN I 80 29.40 27.25 -12.74
C ASN I 80 29.02 28.62 -13.31
N SER I 81 30.00 29.28 -13.92
CA SER I 81 29.75 30.61 -14.49
C SER I 81 28.73 30.57 -15.61
N GLU I 82 28.74 29.50 -16.41
CA GLU I 82 27.78 29.39 -17.51
C GLU I 82 26.36 29.21 -16.99
N PHE I 83 26.19 28.43 -15.92
CA PHE I 83 24.86 28.23 -15.36
C PHE I 83 24.32 29.51 -14.71
N VAL I 84 25.20 30.34 -14.15
CA VAL I 84 24.77 31.62 -13.60
C VAL I 84 24.28 32.54 -14.71
N VAL I 85 24.94 32.49 -15.87
CA VAL I 85 24.52 33.31 -17.01
C VAL I 85 23.15 32.85 -17.51
N GLN I 86 22.95 31.54 -17.63
CA GLN I 86 21.68 31.00 -18.10
C GLN I 86 20.84 30.47 -16.94
N ASP I 102 45.33 18.03 -12.17
CA ASP I 102 45.54 17.53 -10.83
C ASP I 102 45.28 16.03 -10.74
N SER I 103 46.33 15.26 -10.46
CA SER I 103 46.19 13.82 -10.34
C SER I 103 45.46 13.47 -9.05
N VAL I 104 44.36 12.72 -9.16
CA VAL I 104 43.57 12.32 -8.00
C VAL I 104 43.36 10.81 -8.06
N VAL I 105 43.08 10.22 -6.90
CA VAL I 105 42.87 8.79 -6.76
C VAL I 105 41.67 8.57 -5.85
N GLU I 106 40.77 7.67 -6.25
CA GLU I 106 39.60 7.30 -5.46
C GLU I 106 39.82 5.90 -4.88
N TYR I 107 39.70 5.79 -3.56
CA TYR I 107 39.73 4.52 -2.86
C TYR I 107 38.34 4.27 -2.29
N ALA I 108 37.71 3.16 -2.70
CA ALA I 108 36.34 2.87 -2.30
C ALA I 108 36.21 1.42 -1.84
N VAL I 109 35.17 1.19 -1.03
CA VAL I 109 34.80 -0.15 -0.56
C VAL I 109 33.29 -0.29 -0.67
N TYR I 110 32.80 -1.47 -0.30
CA TYR I 110 31.36 -1.72 -0.21
C TYR I 110 31.05 -2.21 1.19
N PRO I 111 30.23 -1.48 1.97
CA PRO I 111 30.01 -1.84 3.38
C PRO I 111 29.01 -2.99 3.50
N THR I 112 29.48 -4.11 4.03
CA THR I 112 28.59 -5.20 4.38
C THR I 112 27.92 -4.91 5.72
N ARG I 113 26.73 -5.49 5.91
CA ARG I 113 25.94 -5.17 7.09
C ARG I 113 26.60 -5.67 8.37
N GLN I 114 27.30 -6.80 8.30
CA GLN I 114 27.98 -7.31 9.50
C GLN I 114 29.09 -6.36 9.94
N TYR I 115 29.81 -5.77 8.97
CA TYR I 115 30.86 -4.83 9.33
C TYR I 115 30.29 -3.57 9.97
N ILE I 116 29.10 -3.15 9.53
CA ILE I 116 28.43 -2.03 10.18
C ILE I 116 28.03 -2.40 11.60
N ASP I 117 27.42 -3.58 11.76
CA ASP I 117 27.03 -4.04 13.09
C ASP I 117 28.22 -4.08 14.03
N ARG I 118 29.40 -4.42 13.52
CA ARG I 118 30.58 -4.40 14.37
C ARG I 118 31.10 -2.99 14.61
N LEU I 119 30.96 -2.09 13.63
CA LEU I 119 31.39 -0.71 13.82
C LEU I 119 30.56 -0.02 14.90
N LEU I 120 29.25 -0.29 14.91
CA LEU I 120 28.38 0.30 15.92
C LEU I 120 28.64 -0.25 17.32
N GLU I 121 29.43 -1.32 17.43
CA GLU I 121 29.80 -1.86 18.73
C GLU I 121 31.13 -1.33 19.25
N SER I 122 31.80 -0.48 18.47
CA SER I 122 33.03 0.15 18.95
C SER I 122 32.73 0.99 20.19
N LYS I 123 33.71 1.04 21.09
CA LYS I 123 33.52 1.77 22.34
C LYS I 123 33.20 3.24 22.09
N GLU I 124 33.85 3.84 21.09
CA GLU I 124 33.58 5.24 20.79
C GLU I 124 32.26 5.43 20.07
N VAL I 125 31.93 4.53 19.13
CA VAL I 125 30.70 4.67 18.37
C VAL I 125 29.48 4.34 19.23
N ARG I 126 29.62 3.39 20.17
CA ARG I 126 28.48 3.03 21.00
C ARG I 126 28.15 4.12 22.01
N GLN I 127 29.15 4.86 22.50
CA GLN I 127 28.89 5.91 23.46
C GLN I 127 28.19 7.10 22.81
N TYR I 128 28.60 7.46 21.59
CA TYR I 128 27.92 8.55 20.89
C TYR I 128 26.49 8.17 20.54
N ILE I 129 26.26 6.90 20.19
CA ILE I 129 24.92 6.45 19.82
C ILE I 129 24.00 6.45 21.04
N GLN I 130 24.47 5.86 22.15
CA GLN I 130 23.65 5.81 23.35
C GLN I 130 23.40 7.20 23.91
N ALA I 131 24.38 8.09 23.82
CA ALA I 131 24.18 9.47 24.26
C ALA I 131 23.21 10.20 23.34
N SER I 132 23.30 9.95 22.03
CA SER I 132 22.38 10.60 21.10
C SER I 132 20.97 10.05 21.24
N ALA I 133 20.84 8.75 21.49
CA ALA I 133 19.51 8.15 21.59
C ALA I 133 18.78 8.59 22.85
N ALA I 134 19.50 8.69 23.97
CA ALA I 134 18.86 9.05 25.23
C ALA I 134 18.52 10.55 25.28
N LEU I 135 19.48 11.39 24.90
CA LEU I 135 19.26 12.84 24.99
C LEU I 135 18.38 13.37 23.87
N LEU I 136 18.46 12.77 22.68
CA LEU I 136 17.64 13.17 21.55
C LEU I 136 16.60 12.08 21.27
N GLY I 137 16.10 12.05 20.05
CA GLY I 137 15.17 11.02 19.65
C GLY I 137 15.87 9.71 19.30
N GLY I 138 16.85 9.79 18.43
CA GLY I 138 17.62 8.62 18.02
C GLY I 138 19.04 8.99 17.74
N TRP I 139 19.62 8.40 16.69
CA TRP I 139 21.01 8.67 16.33
C TRP I 139 21.17 8.57 14.82
N CYS I 140 22.04 9.43 14.28
CA CYS I 140 22.40 9.38 12.88
C CYS I 140 23.91 9.57 12.77
N VAL I 141 24.60 8.57 12.21
CA VAL I 141 26.03 8.64 11.99
C VAL I 141 26.30 8.38 10.51
N TYR I 142 27.49 8.76 10.08
CA TYR I 142 27.91 8.61 8.70
C TYR I 142 29.22 7.84 8.64
N MET I 143 29.33 6.93 7.66
CA MET I 143 30.53 6.14 7.47
C MET I 143 31.22 6.56 6.18
N VAL I 144 32.53 6.81 6.27
CA VAL I 144 33.34 7.13 5.10
C VAL I 144 33.51 5.88 4.26
N THR I 145 32.70 5.73 3.21
CA THR I 145 32.82 4.58 2.33
C THR I 145 33.91 4.76 1.28
N GLY I 146 34.32 5.99 1.02
CA GLY I 146 35.38 6.23 0.06
C GLY I 146 36.15 7.49 0.38
N ILE I 147 37.43 7.50 0.01
CA ILE I 147 38.27 8.69 0.13
C ILE I 147 38.78 9.06 -1.25
N MET I 148 39.08 10.35 -1.42
CA MET I 148 39.55 10.91 -2.68
C MET I 148 40.76 11.77 -2.37
N VAL I 149 41.93 11.34 -2.84
CA VAL I 149 43.21 11.91 -2.47
C VAL I 149 43.85 12.51 -3.72
N ALA I 150 44.17 13.79 -3.68
CA ALA I 150 44.79 14.49 -4.79
C ALA I 150 46.30 14.62 -4.58
N ARG I 151 47.03 14.72 -5.67
CA ARG I 151 48.47 14.90 -5.63
C ARG I 151 48.82 16.39 -5.52
N GLY I 152 49.98 16.67 -4.94
CA GLY I 152 50.44 18.04 -4.75
C GLY I 152 51.68 18.37 -5.55
N THR I 187 53.11 17.43 -1.73
CA THR I 187 52.47 16.59 -0.74
C THR I 187 51.02 16.28 -1.11
N ASP I 188 50.62 15.03 -0.94
CA ASP I 188 49.27 14.59 -1.25
C ASP I 188 48.33 14.84 -0.07
N PHE I 189 47.04 14.89 -0.36
CA PHE I 189 46.04 15.20 0.66
C PHE I 189 44.70 14.61 0.25
N VAL I 190 43.92 14.22 1.27
CA VAL I 190 42.58 13.71 1.05
C VAL I 190 41.68 14.90 0.69
N CYS I 191 41.17 14.92 -0.54
CA CYS I 191 40.39 16.06 -1.01
C CYS I 191 38.88 15.85 -0.94
N ALA I 192 38.40 14.61 -0.88
CA ALA I 192 36.96 14.39 -0.79
C ALA I 192 36.67 13.10 -0.04
N ILE I 193 35.43 12.99 0.43
CA ILE I 193 34.96 11.79 1.10
C ILE I 193 33.58 11.41 0.56
N ARG I 194 33.36 10.11 0.38
CA ARG I 194 32.07 9.56 -0.01
C ARG I 194 31.50 8.81 1.18
N LEU I 195 30.32 9.23 1.64
CA LEU I 195 29.75 8.81 2.91
C LEU I 195 28.51 7.96 2.71
N VAL I 196 28.04 7.38 3.82
CA VAL I 196 26.80 6.61 3.87
C VAL I 196 26.12 6.92 5.19
N LYS I 197 24.82 7.21 5.14
CA LYS I 197 24.04 7.56 6.31
C LYS I 197 23.51 6.30 6.97
N ILE I 198 23.92 6.06 8.21
CA ILE I 198 23.45 4.94 9.03
C ILE I 198 22.61 5.53 10.15
N ALA I 199 21.35 5.12 10.23
CA ALA I 199 20.43 5.78 11.16
C ALA I 199 19.41 4.80 11.71
N LYS I 200 19.16 4.91 13.02
CA LYS I 200 18.07 4.18 13.68
C LYS I 200 17.32 5.18 14.55
N SER I 201 16.10 5.52 14.14
CA SER I 201 15.27 6.46 14.89
C SER I 201 13.83 5.95 14.89
N GLY I 202 13.03 6.54 15.77
CA GLY I 202 11.65 6.12 15.90
C GLY I 202 11.47 4.76 16.53
N LEU I 203 12.44 4.31 17.34
CA LEU I 203 12.37 3.03 18.04
C LEU I 203 12.19 1.87 17.05
N ARG I 204 12.98 1.91 15.97
CA ARG I 204 12.82 0.97 14.87
C ARG I 204 13.42 -0.40 15.14
N SER I 205 14.38 -0.49 16.06
CA SER I 205 15.08 -1.71 16.42
C SER I 205 15.89 -2.30 15.27
N SER I 206 16.06 -1.56 14.17
CA SER I 206 16.86 -2.01 13.04
C SER I 206 17.32 -0.78 12.27
N TRP I 207 18.63 -0.56 12.22
CA TRP I 207 19.15 0.63 11.57
C TRP I 207 19.11 0.48 10.06
N THR I 208 19.05 1.62 9.38
CA THR I 208 19.00 1.70 7.93
C THR I 208 20.28 2.34 7.39
N MET I 209 20.65 1.93 6.19
CA MET I 209 21.89 2.37 5.54
C MET I 209 21.54 2.91 4.15
N LYS I 210 21.75 4.21 3.95
CA LYS I 210 21.41 4.86 2.69
C LYS I 210 22.62 5.64 2.19
N LYS I 211 22.57 6.04 0.92
CA LYS I 211 23.62 6.85 0.33
C LYS I 211 23.27 8.32 0.42
N VAL I 212 24.31 9.16 0.42
CA VAL I 212 24.16 10.60 0.62
C VAL I 212 24.60 11.33 -0.65
N THR I 213 23.79 12.28 -1.09
CA THR I 213 24.09 13.14 -2.22
C THR I 213 23.60 14.55 -1.92
N ARG I 214 24.29 15.53 -2.48
CA ARG I 214 23.87 16.92 -2.32
C ARG I 214 23.14 17.42 -3.56
N MET J 5 23.61 11.29 -12.17
CA MET J 5 24.65 11.46 -13.16
C MET J 5 24.06 11.81 -14.52
N ASP J 6 24.37 13.01 -15.02
CA ASP J 6 23.89 13.43 -16.33
C ASP J 6 24.55 12.65 -17.46
N ASN J 7 25.75 12.10 -17.23
CA ASN J 7 26.45 11.37 -18.28
C ASN J 7 25.67 10.14 -18.73
N GLU J 8 24.98 9.48 -17.81
CA GLU J 8 24.21 8.29 -18.17
C GLU J 8 22.98 8.62 -19.00
N GLU J 9 22.50 9.87 -18.95
CA GLU J 9 21.30 10.25 -19.69
C GLU J 9 21.56 10.37 -21.19
N TRP J 10 22.81 10.45 -21.62
CA TRP J 10 23.16 10.65 -23.01
C TRP J 10 23.54 9.33 -23.67
N PHE J 11 23.03 9.11 -24.88
CA PHE J 11 23.20 7.96 -25.74
C PHE J 11 24.03 8.33 -26.96
N PRO J 12 24.89 7.43 -27.43
CA PRO J 12 25.82 7.77 -28.52
C PRO J 12 25.22 7.59 -29.89
N LEU J 13 25.80 8.32 -30.85
CA LEU J 13 25.48 8.17 -32.26
C LEU J 13 26.64 7.46 -32.95
N LYS J 14 26.34 6.35 -33.62
CA LYS J 14 27.36 5.47 -34.17
C LYS J 14 27.63 5.83 -35.63
N GLN J 15 28.76 6.49 -35.87
CA GLN J 15 29.24 6.78 -37.24
C GLN J 15 28.20 7.53 -38.05
N THR J 16 27.38 8.34 -37.38
CA THR J 16 26.35 9.11 -38.08
C THR J 16 26.94 10.38 -38.69
N HIS J 17 27.61 11.19 -37.88
CA HIS J 17 28.18 12.47 -38.31
C HIS J 17 27.10 13.36 -38.94
N TYR J 18 25.94 13.43 -38.29
CA TYR J 18 24.88 14.29 -38.76
C TYR J 18 25.19 15.74 -38.43
N PRO J 19 24.80 16.68 -39.29
CA PRO J 19 25.06 18.10 -39.00
C PRO J 19 24.19 18.60 -37.87
N PRO J 20 24.74 19.40 -36.96
CA PRO J 20 23.93 19.96 -35.87
C PRO J 20 22.97 21.01 -36.39
N PRO J 21 21.73 21.02 -35.87
CA PRO J 21 20.77 22.04 -36.32
C PRO J 21 21.21 23.43 -35.90
N THR J 22 20.87 24.41 -36.73
CA THR J 22 21.14 25.79 -36.37
C THR J 22 20.33 26.17 -35.14
N ILE J 23 20.93 27.02 -34.30
CA ILE J 23 20.35 27.40 -33.01
C ILE J 23 18.93 27.94 -33.19
N PRO J 24 18.65 28.82 -34.16
CA PRO J 24 17.27 29.27 -34.34
C PRO J 24 16.34 28.18 -34.86
N SER J 25 16.84 27.26 -35.68
CA SER J 25 15.98 26.24 -36.26
C SER J 25 15.40 25.29 -35.22
N MET J 26 16.02 25.19 -34.04
CA MET J 26 15.51 24.30 -33.01
C MET J 26 14.17 24.78 -32.48
N LYS J 27 14.02 26.08 -32.27
CA LYS J 27 12.76 26.62 -31.77
C LYS J 27 11.69 26.68 -32.85
N THR J 28 12.07 26.88 -34.11
CA THR J 28 11.11 27.06 -35.18
C THR J 28 10.33 25.80 -35.50
N GLY J 29 10.69 24.65 -34.92
CA GLY J 29 10.04 23.39 -35.21
C GLY J 29 10.45 22.75 -36.52
N HIS J 30 11.28 23.41 -37.31
CA HIS J 30 11.79 22.86 -38.58
C HIS J 30 13.31 22.93 -38.53
N PRO J 31 13.95 22.05 -37.78
CA PRO J 31 15.41 22.11 -37.66
C PRO J 31 16.10 21.72 -38.95
N THR J 32 17.25 22.36 -39.19
CA THR J 32 18.02 22.08 -40.40
C THR J 32 18.77 20.76 -40.34
N GLY J 33 18.98 20.22 -39.14
CA GLY J 33 19.66 18.95 -38.99
C GLY J 33 18.69 17.78 -38.90
N PRO J 34 19.15 16.59 -39.28
CA PRO J 34 18.26 15.43 -39.24
C PRO J 34 17.93 14.96 -37.84
N ILE J 35 18.83 15.11 -36.88
CA ILE J 35 18.58 14.78 -35.48
C ILE J 35 18.59 16.07 -34.68
N SER J 36 17.55 16.28 -33.87
CA SER J 36 17.35 17.56 -33.21
C SER J 36 16.53 17.35 -31.95
N ILE J 37 16.51 18.37 -31.11
CA ILE J 37 15.67 18.37 -29.91
C ILE J 37 14.21 18.50 -30.34
N GLY J 38 13.37 17.60 -29.83
CA GLY J 38 11.97 17.56 -30.21
C GLY J 38 11.62 16.51 -31.24
N HIS J 39 12.58 15.69 -31.66
CA HIS J 39 12.32 14.61 -32.59
C HIS J 39 11.86 13.36 -31.85
N ILE J 40 11.06 12.55 -32.53
CA ILE J 40 10.48 11.34 -31.96
C ILE J 40 11.09 10.14 -32.67
N ILE J 41 11.69 9.24 -31.91
CA ILE J 41 12.27 8.02 -32.45
C ILE J 41 11.51 6.83 -31.89
N PRO J 42 11.45 5.70 -32.62
CA PRO J 42 10.60 4.59 -32.16
C PRO J 42 11.17 3.85 -30.95
N ASP J 43 12.47 3.59 -30.93
CA ASP J 43 13.08 2.87 -29.83
C ASP J 43 14.56 3.21 -29.77
N LEU J 44 15.27 2.61 -28.82
CA LEU J 44 16.70 2.84 -28.67
C LEU J 44 17.52 2.14 -29.75
N ARG J 45 16.93 1.18 -30.48
CA ARG J 45 17.65 0.51 -31.55
C ARG J 45 17.75 1.37 -32.80
N HIS J 46 16.82 2.31 -32.97
CA HIS J 46 16.77 3.17 -34.16
C HIS J 46 16.79 4.62 -33.68
N LEU J 47 17.99 5.11 -33.36
CA LEU J 47 18.14 6.46 -32.83
C LEU J 47 18.08 7.54 -33.90
N ASP J 48 18.10 7.18 -35.19
CA ASP J 48 18.01 8.15 -36.27
C ASP J 48 16.79 7.92 -37.15
N ASN J 49 15.83 7.13 -36.68
CA ASN J 49 14.58 6.91 -37.41
C ASN J 49 13.52 7.87 -36.90
N VAL J 50 13.74 9.16 -37.21
CA VAL J 50 12.85 10.20 -36.75
C VAL J 50 11.48 10.02 -37.38
N ILE J 51 10.45 9.92 -36.53
CA ILE J 51 9.09 9.77 -37.02
C ILE J 51 8.55 11.10 -37.50
N ASN J 52 8.73 12.16 -36.71
CA ASN J 52 8.26 13.49 -37.07
C ASN J 52 9.30 14.22 -37.92
N CYS J 53 9.65 13.59 -39.04
CA CYS J 53 10.64 14.13 -39.96
C CYS J 53 10.10 15.26 -40.82
N LYS J 54 8.78 15.51 -40.78
CA LYS J 54 8.18 16.62 -41.51
C LYS J 54 8.10 17.90 -40.69
N GLY J 55 8.63 17.91 -39.48
CA GLY J 55 8.55 19.04 -38.60
C GLY J 55 7.70 18.75 -37.37
N PHE J 56 7.89 19.59 -36.35
CA PHE J 56 7.14 19.47 -35.10
C PHE J 56 6.73 20.86 -34.63
N GLU J 57 5.95 20.89 -33.55
CA GLU J 57 5.41 22.15 -33.06
C GLU J 57 6.54 23.05 -32.57
N PRO J 58 6.50 24.35 -32.91
CA PRO J 58 7.56 25.25 -32.46
C PRO J 58 7.61 25.34 -30.94
N PHE J 59 8.83 25.45 -30.41
CA PHE J 59 9.04 25.45 -28.97
C PHE J 59 8.26 26.58 -28.31
N PRO J 60 7.36 26.28 -27.38
CA PRO J 60 6.58 27.34 -26.72
C PRO J 60 7.49 28.30 -25.97
N PRO J 61 6.98 29.48 -25.59
CA PRO J 61 7.84 30.46 -24.90
C PRO J 61 8.46 29.95 -23.61
N ASN J 62 7.87 28.95 -22.96
CA ASN J 62 8.46 28.40 -21.75
C ASN J 62 9.55 27.38 -22.03
N MET J 63 9.61 26.83 -23.24
CA MET J 63 10.59 25.80 -23.58
C MET J 63 11.75 26.45 -24.34
N ASP J 64 12.54 27.23 -23.61
CA ASP J 64 13.76 27.78 -24.18
C ASP J 64 14.88 26.77 -24.11
N VAL J 65 15.78 26.83 -25.09
CA VAL J 65 16.93 25.95 -25.15
C VAL J 65 18.05 26.54 -24.32
N PHE J 66 18.76 25.69 -23.59
CA PHE J 66 19.86 26.11 -22.74
C PHE J 66 21.14 25.40 -23.14
N THR J 67 22.24 26.12 -23.10
CA THR J 67 23.53 25.63 -23.58
C THR J 67 24.46 25.31 -22.42
N ALA J 68 25.41 24.41 -22.70
CA ALA J 68 26.42 24.04 -21.72
C ALA J 68 27.70 23.69 -22.47
N HIS J 69 28.71 24.54 -22.35
CA HIS J 69 29.97 24.34 -23.05
C HIS J 69 30.94 23.57 -22.18
N TYR J 70 31.29 22.36 -22.61
CA TYR J 70 32.29 21.53 -21.95
C TYR J 70 33.56 21.50 -22.79
N GLU J 71 34.70 21.48 -22.12
CA GLU J 71 35.96 21.28 -22.84
C GLU J 71 36.04 19.86 -23.39
N GLN J 72 35.89 18.85 -22.52
CA GLN J 72 35.87 17.44 -22.90
C GLN J 72 34.91 16.73 -21.95
N CYS J 73 33.60 16.86 -22.21
CA CYS J 73 32.62 16.17 -21.38
C CYS J 73 32.83 14.66 -21.44
N HIS J 74 32.53 13.99 -20.34
CA HIS J 74 32.81 12.56 -20.23
C HIS J 74 31.60 11.76 -20.71
N PHE J 75 31.84 10.91 -21.71
CA PHE J 75 30.81 10.05 -22.27
C PHE J 75 31.37 8.65 -22.42
N GLY J 76 30.72 7.67 -21.80
CA GLY J 76 31.16 6.30 -21.90
C GLY J 76 30.36 5.40 -20.99
N ASP J 77 30.84 4.16 -20.87
CA ASP J 77 30.23 3.15 -20.02
C ASP J 77 31.10 2.95 -18.78
N HIS J 78 30.68 1.99 -17.94
CA HIS J 78 31.46 1.67 -16.75
C HIS J 78 32.78 0.98 -17.09
N LEU J 79 32.91 0.44 -18.29
CA LEU J 79 34.08 -0.32 -18.68
C LEU J 79 35.21 0.65 -19.04
N ASN J 80 36.12 0.86 -18.09
CA ASN J 80 37.33 1.64 -18.31
C ASN J 80 38.54 0.79 -17.96
N SER J 81 39.66 1.06 -18.62
CA SER J 81 40.87 0.26 -18.41
C SER J 81 41.28 0.25 -16.94
N GLU J 82 40.95 1.30 -16.19
CA GLU J 82 41.17 1.30 -14.75
C GLU J 82 40.26 0.28 -14.07
N PHE J 83 39.00 0.19 -14.51
CA PHE J 83 38.04 -0.73 -13.92
C PHE J 83 38.23 -2.16 -14.39
N VAL J 84 38.81 -2.37 -15.57
CA VAL J 84 38.93 -3.72 -16.13
C VAL J 84 39.89 -4.57 -15.31
N VAL J 85 41.05 -4.01 -14.94
CA VAL J 85 42.07 -4.79 -14.24
C VAL J 85 41.56 -5.23 -12.88
N GLN J 86 40.95 -4.31 -12.14
CA GLN J 86 40.48 -4.63 -10.79
C GLN J 86 39.27 -5.56 -10.78
N ALA J 87 38.66 -5.81 -11.93
CA ALA J 87 37.57 -6.77 -12.05
C ALA J 87 38.00 -8.07 -12.70
N GLY J 88 39.26 -8.19 -13.13
CA GLY J 88 39.78 -9.40 -13.71
C GLY J 88 39.44 -9.62 -15.17
N LEU J 89 38.61 -8.77 -15.77
CA LEU J 89 38.20 -8.96 -17.15
C LEU J 89 39.37 -8.69 -18.11
N HIS J 90 39.18 -9.11 -19.35
CA HIS J 90 40.14 -8.83 -20.41
C HIS J 90 39.73 -7.57 -21.17
N HIS J 91 40.73 -6.83 -21.64
CA HIS J 91 40.47 -5.55 -22.27
C HIS J 91 39.84 -5.74 -23.65
N THR J 92 39.02 -4.76 -24.03
CA THR J 92 38.34 -4.78 -25.33
C THR J 92 37.92 -3.37 -25.74
N SER J 103 36.51 20.08 -27.86
CA SER J 103 35.41 20.94 -27.46
C SER J 103 34.06 20.30 -27.79
N VAL J 104 33.09 20.48 -26.89
CA VAL J 104 31.77 19.90 -27.04
C VAL J 104 30.76 20.80 -26.35
N VAL J 105 29.60 20.96 -26.95
CA VAL J 105 28.54 21.80 -26.40
C VAL J 105 27.23 21.02 -26.38
N GLU J 106 26.50 21.16 -25.28
CA GLU J 106 25.21 20.52 -25.07
C GLU J 106 24.09 21.54 -25.19
N TYR J 107 23.03 21.16 -25.90
CA TYR J 107 21.80 21.93 -25.98
C TYR J 107 20.69 21.11 -25.34
N ALA J 108 19.92 21.73 -24.44
CA ALA J 108 18.95 20.99 -23.66
C ALA J 108 17.65 21.78 -23.55
N VAL J 109 16.56 21.06 -23.27
CA VAL J 109 15.25 21.64 -23.05
C VAL J 109 14.51 20.77 -22.04
N TYR J 110 13.46 21.34 -21.44
CA TYR J 110 12.60 20.60 -20.53
C TYR J 110 11.19 20.54 -21.11
N PRO J 111 10.70 19.38 -21.49
CA PRO J 111 9.37 19.30 -22.12
C PRO J 111 8.24 19.47 -21.11
N THR J 112 7.16 20.06 -21.58
CA THR J 112 5.94 20.20 -20.80
C THR J 112 4.93 19.14 -21.21
N ARG J 113 3.94 18.92 -20.35
CA ARG J 113 2.92 17.92 -20.63
C ARG J 113 2.11 18.30 -21.88
N GLN J 114 1.77 19.59 -22.01
CA GLN J 114 0.96 20.04 -23.13
C GLN J 114 1.73 19.93 -24.45
N TYR J 115 3.03 20.23 -24.44
CA TYR J 115 3.82 20.14 -25.65
C TYR J 115 3.90 18.70 -26.14
N ILE J 116 4.08 17.75 -25.22
CA ILE J 116 4.11 16.34 -25.60
C ILE J 116 2.74 15.89 -26.08
N ASP J 117 1.67 16.34 -25.42
CA ASP J 117 0.33 16.04 -25.90
C ASP J 117 0.13 16.51 -27.33
N ARG J 118 0.67 17.69 -27.66
CA ARG J 118 0.58 18.18 -29.02
C ARG J 118 1.43 17.35 -29.98
N LEU J 119 2.61 16.91 -29.51
CA LEU J 119 3.48 16.10 -30.37
C LEU J 119 2.82 14.77 -30.74
N LEU J 120 2.17 14.12 -29.78
CA LEU J 120 1.51 12.85 -30.02
C LEU J 120 0.33 12.97 -30.99
N GLU J 121 -0.11 14.20 -31.30
CA GLU J 121 -1.18 14.42 -32.25
C GLU J 121 -0.66 14.81 -33.63
N SER J 122 0.65 14.73 -33.86
CA SER J 122 1.20 14.93 -35.19
C SER J 122 0.79 13.80 -36.11
N LYS J 123 0.70 14.10 -37.42
CA LYS J 123 0.28 13.09 -38.38
C LYS J 123 1.18 11.87 -38.35
N GLU J 124 2.50 12.09 -38.37
CA GLU J 124 3.44 10.98 -38.41
C GLU J 124 3.49 10.25 -37.06
N VAL J 125 3.45 11.01 -35.96
CA VAL J 125 3.51 10.39 -34.64
C VAL J 125 2.23 9.61 -34.35
N ARG J 126 1.08 10.23 -34.61
CA ARG J 126 -0.19 9.55 -34.34
C ARG J 126 -0.36 8.31 -35.20
N GLN J 127 0.14 8.34 -36.45
CA GLN J 127 0.07 7.16 -37.29
C GLN J 127 0.93 6.02 -36.75
N TYR J 128 2.11 6.35 -36.23
CA TYR J 128 2.95 5.33 -35.63
C TYR J 128 2.36 4.84 -34.30
N ILE J 129 1.65 5.71 -33.59
CA ILE J 129 1.07 5.32 -32.31
C ILE J 129 -0.11 4.37 -32.52
N GLN J 130 -1.02 4.75 -33.41
CA GLN J 130 -2.21 3.92 -33.64
C GLN J 130 -1.87 2.58 -34.26
N ALA J 131 -0.80 2.52 -35.06
CA ALA J 131 -0.37 1.24 -35.61
C ALA J 131 0.26 0.35 -34.55
N SER J 132 1.07 0.94 -33.67
CA SER J 132 1.71 0.16 -32.61
C SER J 132 0.69 -0.32 -31.59
N ALA J 133 -0.31 0.50 -31.28
CA ALA J 133 -1.31 0.11 -30.30
C ALA J 133 -2.20 -1.02 -30.82
N ALA J 134 -2.45 -1.05 -32.13
CA ALA J 134 -3.33 -2.08 -32.69
C ALA J 134 -2.61 -3.41 -32.84
N LEU J 135 -1.41 -3.40 -33.43
CA LEU J 135 -0.69 -4.65 -33.65
C LEU J 135 -0.07 -5.17 -32.36
N LEU J 136 0.59 -4.30 -31.60
CA LEU J 136 1.22 -4.69 -30.34
C LEU J 136 0.28 -4.34 -29.18
N GLY J 137 0.76 -4.51 -27.97
CA GLY J 137 -0.02 -4.19 -26.79
C GLY J 137 -0.33 -2.72 -26.66
N GLY J 138 0.72 -1.91 -26.50
CA GLY J 138 0.60 -0.47 -26.44
C GLY J 138 1.54 0.19 -27.43
N TRP J 139 1.99 1.38 -27.08
CA TRP J 139 2.93 2.11 -27.92
C TRP J 139 4.02 2.73 -27.05
N CYS J 140 5.20 2.89 -27.64
CA CYS J 140 6.35 3.43 -26.93
C CYS J 140 7.20 4.24 -27.90
N VAL J 141 7.47 5.49 -27.55
CA VAL J 141 8.29 6.39 -28.36
C VAL J 141 9.29 7.09 -27.43
N TYR J 142 10.24 7.79 -28.05
CA TYR J 142 11.28 8.51 -27.34
C TYR J 142 11.44 9.89 -27.95
N MET J 143 11.44 10.92 -27.11
CA MET J 143 11.58 12.31 -27.53
C MET J 143 12.98 12.81 -27.21
N VAL J 144 13.65 13.40 -28.20
CA VAL J 144 14.98 13.94 -27.99
C VAL J 144 14.86 15.23 -27.19
N THR J 145 15.26 15.19 -25.91
CA THR J 145 15.23 16.38 -25.08
C THR J 145 16.53 17.17 -25.13
N GLY J 146 17.63 16.55 -25.52
CA GLY J 146 18.89 17.26 -25.63
C GLY J 146 19.76 16.67 -26.70
N ILE J 147 20.63 17.52 -27.26
CA ILE J 147 21.65 17.07 -28.20
C ILE J 147 23.02 17.52 -27.72
N MET J 148 24.04 16.81 -28.20
CA MET J 148 25.41 17.03 -27.78
C MET J 148 26.28 17.00 -29.03
N VAL J 149 26.90 18.13 -29.36
CA VAL J 149 27.63 18.29 -30.61
C VAL J 149 29.08 18.66 -30.31
N ALA J 150 30.01 18.01 -31.01
CA ALA J 150 31.43 18.25 -30.88
C ALA J 150 31.95 19.01 -32.10
N ARG J 151 33.11 19.65 -31.92
CA ARG J 151 33.70 20.44 -32.99
C ARG J 151 34.30 19.54 -34.05
N GLY J 152 34.42 20.08 -35.26
CA GLY J 152 35.00 19.35 -36.38
C GLY J 152 36.39 19.81 -36.74
N THR J 187 33.94 19.90 -39.95
CA THR J 187 32.56 20.32 -39.67
C THR J 187 32.05 19.67 -38.38
N ASP J 188 31.28 20.44 -37.62
CA ASP J 188 30.71 19.93 -36.38
C ASP J 188 29.66 18.87 -36.66
N PHE J 189 29.34 18.09 -35.63
CA PHE J 189 28.37 17.01 -35.77
C PHE J 189 27.79 16.66 -34.42
N VAL J 190 26.49 16.32 -34.41
CA VAL J 190 25.84 15.86 -33.19
C VAL J 190 26.43 14.52 -32.80
N CYS J 191 26.98 14.45 -31.58
CA CYS J 191 27.64 13.23 -31.13
C CYS J 191 26.82 12.43 -30.12
N ALA J 192 25.87 13.05 -29.43
CA ALA J 192 25.07 12.31 -28.46
C ALA J 192 23.68 12.91 -28.37
N ILE J 193 22.74 12.12 -27.83
CA ILE J 193 21.36 12.56 -27.67
C ILE J 193 20.84 12.14 -26.31
N ARG J 194 20.04 13.00 -25.68
CA ARG J 194 19.37 12.71 -24.42
C ARG J 194 17.88 12.66 -24.67
N LEU J 195 17.26 11.52 -24.32
CA LEU J 195 15.88 11.21 -24.68
C LEU J 195 15.02 11.04 -23.44
N VAL J 196 13.72 10.90 -23.66
CA VAL J 196 12.77 10.53 -22.62
C VAL J 196 11.79 9.52 -23.21
N LYS J 197 11.39 8.54 -22.40
CA LYS J 197 10.49 7.48 -22.83
C LYS J 197 9.05 7.90 -22.56
N ILE J 198 8.24 7.93 -23.61
CA ILE J 198 6.82 8.27 -23.52
C ILE J 198 6.01 7.03 -23.86
N ALA J 199 5.14 6.60 -22.96
CA ALA J 199 4.42 5.36 -23.17
C ALA J 199 3.07 5.36 -22.46
N LYS J 200 2.02 5.02 -23.21
CA LYS J 200 0.69 4.78 -22.65
C LYS J 200 0.30 3.31 -22.72
N SER J 201 1.29 2.42 -22.81
CA SER J 201 1.00 1.00 -22.90
C SER J 201 0.34 0.50 -21.62
N GLY J 202 -0.53 -0.49 -21.78
CA GLY J 202 -1.28 -1.05 -20.66
C GLY J 202 -2.72 -0.62 -20.58
N LEU J 203 -3.28 -0.04 -21.65
CA LEU J 203 -4.68 0.38 -21.71
C LEU J 203 -5.03 1.41 -20.63
N ARG J 204 -4.02 2.13 -20.12
CA ARG J 204 -4.24 3.02 -18.98
C ARG J 204 -5.00 4.27 -19.38
N SER J 205 -4.92 4.66 -20.65
CA SER J 205 -5.45 5.94 -21.13
C SER J 205 -4.74 7.12 -20.47
N SER J 206 -3.47 6.93 -20.10
CA SER J 206 -2.68 7.95 -19.41
C SER J 206 -1.22 7.69 -19.74
N TRP J 207 -0.64 8.53 -20.60
CA TRP J 207 0.74 8.32 -21.00
C TRP J 207 1.70 8.83 -19.93
N THR J 208 2.80 8.10 -19.75
CA THR J 208 3.82 8.44 -18.78
C THR J 208 5.11 8.82 -19.49
N MET J 209 5.88 9.71 -18.85
CA MET J 209 7.15 10.20 -19.36
C MET J 209 8.22 9.90 -18.31
N LYS J 210 9.17 9.04 -18.68
CA LYS J 210 10.27 8.66 -17.80
C LYS J 210 11.59 9.04 -18.47
N LYS J 211 12.65 9.03 -17.68
CA LYS J 211 13.98 9.40 -18.15
C LYS J 211 14.79 8.14 -18.44
N VAL J 212 15.42 8.10 -19.61
CA VAL J 212 16.17 6.94 -20.07
C VAL J 212 17.64 7.15 -19.77
N THR J 213 18.28 6.15 -19.15
CA THR J 213 19.69 6.17 -18.84
C THR J 213 20.30 4.81 -19.17
N ARG J 214 21.43 4.82 -19.85
CA ARG J 214 22.12 3.58 -20.19
C ARG J 214 22.99 3.10 -19.02
#